data_5Q00
#
_entry.id   5Q00
#
_cell.length_a   66.010
_cell.length_b   286.622
_cell.length_c   83.524
_cell.angle_alpha   90.000
_cell.angle_beta   97.390
_cell.angle_gamma   90.000
#
_symmetry.space_group_name_H-M   'P 1 21 1'
#
loop_
_entity.id
_entity.type
_entity.pdbx_description
1 polymer 'Fructose-1,6-bisphosphatase 1'
2 non-polymer 2-[(3-{[(5-bromo-1,3-thiazol-2-yl)carbamoyl]sulfamoyl}-1-methyl-1H-indol-7-yl)oxy]acetamide
3 water water
#
_entity_poly.entity_id   1
_entity_poly.type   'polypeptide(L)'
_entity_poly.pdbx_seq_one_letter_code
;MADQAPFDTDVNTLTRFVMEEGRKARGTGELTQLLNSLCTAVKAISSAVRKAGIAHLYGIAGSTNVTGDQVKKLDVLSND
LVMNMLKSSFATCVLVSEEDKHAIIVEPEKRGKYVVCFDPLDGSSNIDCLVSVGTIFGIYRKKSTDEPSEKDALQPGRNL
VAAGYALYGSATMLVLAMDCGVNCFMLDPAIGEFILVDKDVKIKKKGKIYSLNEGYAKDFDPAVTEYIQRKKFPPDNSAP
YGARYVGSMVADVHRTLVYGGIFLYPANKKSPNGKLRLLYECNPMAYVMEKAGGMATTGKEAVLDVIPTDIHQRAPVILG
SPDDVLEFLKVYEKHSAQ
;
_entity_poly.pdbx_strand_id   A,B,C,D,E,F,G,H
#
# COMPACT_ATOMS: atom_id res chain seq x y z
N ASP A 10 44.69 -9.84 -26.91
CA ASP A 10 44.80 -8.43 -27.31
C ASP A 10 43.60 -7.59 -26.90
N VAL A 11 43.86 -6.38 -26.38
CA VAL A 11 42.77 -5.55 -25.90
C VAL A 11 41.96 -5.06 -27.09
N ASN A 12 40.68 -4.80 -26.85
CA ASN A 12 39.81 -4.23 -27.85
C ASN A 12 38.78 -3.31 -27.21
N THR A 13 38.48 -2.23 -27.91
CA THR A 13 37.48 -1.26 -27.50
C THR A 13 36.27 -1.31 -28.43
N LEU A 14 35.17 -0.73 -27.95
CA LEU A 14 33.97 -0.65 -28.75
C LEU A 14 34.24 0.06 -30.07
N THR A 15 34.90 1.20 -30.00
CA THR A 15 35.13 2.01 -31.19
C THR A 15 36.03 1.28 -32.17
N ARG A 16 37.11 0.70 -31.68
CA ARG A 16 38.02 -0.03 -32.54
C ARG A 16 37.37 -1.29 -33.12
N PHE A 17 36.53 -1.96 -32.32
CA PHE A 17 35.82 -3.16 -32.77
C PHE A 17 34.83 -2.85 -33.89
N VAL A 18 34.06 -1.79 -33.72
CA VAL A 18 33.09 -1.41 -34.72
C VAL A 18 33.81 -1.00 -36.00
N MET A 19 34.91 -0.27 -35.87
CA MET A 19 35.70 0.08 -37.05
C MET A 19 36.19 -1.15 -37.80
N GLU A 20 36.69 -2.16 -37.06
CA GLU A 20 37.21 -3.39 -37.70
C GLU A 20 36.10 -4.11 -38.45
N GLU A 21 34.94 -4.29 -37.82
CA GLU A 21 33.83 -4.99 -38.46
C GLU A 21 33.37 -4.24 -39.69
N GLY A 22 33.31 -2.91 -39.59
CA GLY A 22 32.92 -2.13 -40.74
C GLY A 22 33.95 -2.24 -41.84
N ARG A 23 35.22 -2.36 -41.46
CA ARG A 23 36.26 -2.48 -42.48
C ARG A 23 36.18 -3.82 -43.19
N LYS A 24 35.84 -4.90 -42.46
CA LYS A 24 35.69 -6.19 -43.11
C LYS A 24 34.62 -6.13 -44.19
N ALA A 25 33.44 -5.62 -43.83
CA ALA A 25 32.31 -5.53 -44.75
C ALA A 25 32.47 -4.46 -45.82
N ARG A 26 33.53 -3.67 -45.77
CA ARG A 26 33.76 -2.59 -46.73
C ARG A 26 32.58 -1.61 -46.78
N GLY A 27 32.10 -1.21 -45.61
CA GLY A 27 31.03 -0.23 -45.57
C GLY A 27 31.54 1.19 -45.68
N THR A 28 30.58 2.12 -45.75
CA THR A 28 30.86 3.54 -45.92
C THR A 28 31.29 4.27 -44.65
N GLY A 29 31.07 3.69 -43.49
CA GLY A 29 31.34 4.35 -42.24
C GLY A 29 30.14 5.07 -41.63
N GLU A 30 29.02 5.14 -42.33
CA GLU A 30 27.86 5.86 -41.80
C GLU A 30 27.31 5.14 -40.59
N LEU A 31 27.23 3.81 -40.63
CA LEU A 31 26.76 3.06 -39.47
C LEU A 31 27.74 3.16 -38.31
N THR A 32 29.04 3.05 -38.59
CA THR A 32 30.05 3.20 -37.55
C THR A 32 29.97 4.57 -36.91
N GLN A 33 29.73 5.62 -37.69
CA GLN A 33 29.55 6.93 -37.09
C GLN A 33 28.29 7.00 -36.25
N LEU A 34 27.23 6.29 -36.66
CA LEU A 34 26.07 6.11 -35.81
C LEU A 34 26.43 5.40 -34.51
N LEU A 35 27.12 4.25 -34.60
CA LEU A 35 27.36 3.48 -33.38
C LEU A 35 28.26 4.24 -32.42
N ASN A 36 29.23 4.97 -32.96
CA ASN A 36 30.10 5.75 -32.11
C ASN A 36 29.35 6.92 -31.44
N SER A 37 28.43 7.55 -32.16
CA SER A 37 27.64 8.63 -31.56
C SER A 37 26.78 8.10 -30.42
N LEU A 38 26.22 6.92 -30.61
CA LEU A 38 25.42 6.32 -29.56
C LEU A 38 26.29 6.05 -28.34
N CYS A 39 27.49 5.51 -28.56
CA CYS A 39 28.45 5.25 -27.50
C CYS A 39 28.78 6.53 -26.72
N THR A 40 28.96 7.67 -27.40
CA THR A 40 29.19 8.93 -26.69
C THR A 40 28.00 9.28 -25.82
N ALA A 41 26.79 9.18 -26.38
CA ALA A 41 25.56 9.47 -25.63
C ALA A 41 25.36 8.54 -24.43
N VAL A 42 25.68 7.26 -24.57
CA VAL A 42 25.51 6.33 -23.46
C VAL A 42 26.44 6.70 -22.31
N LYS A 43 27.67 7.17 -22.62
CA LYS A 43 28.58 7.58 -21.57
C LYS A 43 28.11 8.83 -20.82
N ALA A 44 27.45 9.76 -21.51
CA ALA A 44 26.93 10.95 -20.85
C ALA A 44 25.75 10.61 -19.95
N ILE A 45 24.91 9.65 -20.38
CA ILE A 45 23.86 9.14 -19.50
C ILE A 45 24.46 8.47 -18.26
N SER A 46 25.51 7.66 -18.44
CA SER A 46 26.08 7.00 -17.28
C SER A 46 26.55 8.03 -16.26
N SER A 47 27.31 9.01 -16.72
CA SER A 47 27.83 10.06 -15.86
C SER A 47 26.70 10.75 -15.10
N ALA A 48 25.58 11.00 -15.77
CA ALA A 48 24.46 11.68 -15.13
C ALA A 48 23.67 10.74 -14.21
N VAL A 49 23.48 9.47 -14.60
CA VAL A 49 22.74 8.51 -13.79
C VAL A 49 23.48 8.24 -12.49
N ARG A 50 24.81 8.26 -12.53
CA ARG A 50 25.65 8.17 -11.34
C ARG A 50 25.72 9.48 -10.53
N LYS A 51 25.00 10.52 -10.92
CA LYS A 51 24.83 11.77 -10.15
C LYS A 51 26.10 12.60 -10.08
N ALA A 52 26.92 12.60 -11.12
CA ALA A 52 28.06 13.48 -11.16
C ALA A 52 27.62 14.93 -11.15
N GLY A 53 28.23 15.73 -10.28
CA GLY A 53 27.85 17.11 -10.12
C GLY A 53 26.67 17.38 -9.21
N ILE A 54 26.11 16.34 -8.57
CA ILE A 54 24.90 16.54 -7.77
C ILE A 54 25.12 17.53 -6.63
N ALA A 55 26.36 17.64 -6.14
CA ALA A 55 26.68 18.62 -5.11
C ALA A 55 26.36 20.03 -5.56
N HIS A 56 26.47 20.31 -6.86
CA HIS A 56 26.08 21.63 -7.32
C HIS A 56 24.56 21.83 -7.26
N LEU A 57 23.79 20.78 -7.51
CA LEU A 57 22.34 20.90 -7.32
C LEU A 57 21.98 21.19 -5.88
N TYR A 58 22.80 20.77 -4.93
CA TYR A 58 22.53 20.98 -3.51
C TYR A 58 23.34 22.12 -2.92
N GLY A 59 23.92 22.96 -3.77
CA GLY A 59 24.43 24.23 -3.28
C GLY A 59 25.82 24.26 -2.69
N ILE A 60 26.76 23.46 -3.22
CA ILE A 60 28.14 23.57 -2.78
C ILE A 60 28.70 24.94 -3.13
N ALA A 61 28.15 25.58 -4.14
CA ALA A 61 28.43 26.98 -4.44
C ALA A 61 27.18 27.82 -4.39
N GLY A 62 26.05 27.26 -4.86
CA GLY A 62 24.76 27.91 -5.03
C GLY A 62 24.22 28.81 -3.94
N VAL A 71 20.08 20.49 -13.86
CA VAL A 71 18.85 21.28 -13.91
C VAL A 71 17.72 20.49 -14.62
N LYS A 72 17.93 20.04 -15.86
CA LYS A 72 16.95 19.21 -16.53
C LYS A 72 16.81 17.88 -15.81
N LYS A 73 15.65 17.25 -15.95
CA LYS A 73 15.40 15.97 -15.29
C LYS A 73 16.02 14.84 -16.11
N LEU A 74 16.18 13.68 -15.47
CA LEU A 74 17.08 12.66 -15.99
C LEU A 74 16.58 12.05 -17.29
N ASP A 75 15.28 11.82 -17.42
CA ASP A 75 14.78 11.27 -18.69
C ASP A 75 14.73 12.33 -19.79
N VAL A 76 14.56 13.60 -19.42
CA VAL A 76 14.62 14.67 -20.42
C VAL A 76 16.04 14.84 -20.91
N LEU A 77 17.00 14.81 -19.99
CA LEU A 77 18.39 14.94 -20.37
C LEU A 77 18.83 13.75 -21.23
N SER A 78 18.39 12.53 -20.87
CA SER A 78 18.71 11.33 -21.66
C SER A 78 18.22 11.46 -23.09
N ASN A 79 16.98 11.90 -23.24
CA ASN A 79 16.40 12.06 -24.58
C ASN A 79 17.18 13.11 -25.37
N ASP A 80 17.52 14.24 -24.75
CA ASP A 80 18.30 15.28 -25.41
C ASP A 80 19.66 14.76 -25.86
N LEU A 81 20.31 13.95 -25.02
CA LEU A 81 21.63 13.45 -25.38
C LEU A 81 21.56 12.54 -26.60
N VAL A 82 20.66 11.55 -26.57
CA VAL A 82 20.56 10.60 -27.66
C VAL A 82 20.09 11.28 -28.93
N MET A 83 19.06 12.13 -28.83
CA MET A 83 18.56 12.89 -29.98
C MET A 83 19.67 13.74 -30.60
N ASN A 84 20.37 14.54 -29.77
CA ASN A 84 21.35 15.47 -30.32
C ASN A 84 22.57 14.74 -30.86
N MET A 85 23.00 13.66 -30.21
CA MET A 85 24.12 12.91 -30.74
C MET A 85 23.76 12.23 -32.06
N LEU A 86 22.50 11.81 -32.24
CA LEU A 86 22.09 11.14 -33.47
C LEU A 86 21.95 12.12 -34.63
N LYS A 87 21.26 13.25 -34.40
CA LYS A 87 21.19 14.27 -35.44
C LYS A 87 22.58 14.67 -35.92
N SER A 88 23.49 14.95 -34.99
CA SER A 88 24.80 15.49 -35.34
C SER A 88 25.75 14.41 -35.83
N SER A 89 25.30 13.16 -35.91
CA SER A 89 26.10 12.09 -36.49
C SER A 89 26.05 12.11 -38.01
N PHE A 90 25.11 12.85 -38.60
CA PHE A 90 24.88 12.89 -40.04
C PHE A 90 24.58 11.51 -40.62
N ALA A 91 24.15 10.57 -39.78
CA ALA A 91 23.98 9.19 -40.19
C ALA A 91 22.53 8.70 -40.16
N THR A 92 21.58 9.51 -39.68
CA THR A 92 20.20 9.11 -39.45
C THR A 92 19.24 10.02 -40.22
N CYS A 93 17.97 9.56 -40.34
CA CYS A 93 16.93 10.39 -40.93
C CYS A 93 15.59 10.32 -40.20
N VAL A 94 15.27 9.23 -39.50
CA VAL A 94 14.01 9.09 -38.77
C VAL A 94 14.34 8.58 -37.38
N LEU A 95 13.84 9.27 -36.36
CA LEU A 95 14.08 8.90 -34.96
C LEU A 95 12.76 8.71 -34.23
N VAL A 96 12.62 7.56 -33.56
CA VAL A 96 11.46 7.22 -32.76
C VAL A 96 11.92 7.02 -31.32
N SER A 97 11.32 7.76 -30.39
CA SER A 97 11.65 7.66 -28.97
C SER A 97 10.40 7.41 -28.14
N GLU A 98 10.57 6.64 -27.06
CA GLU A 98 9.46 6.43 -26.13
C GLU A 98 8.84 7.75 -25.71
N GLU A 99 9.64 8.82 -25.70
CA GLU A 99 9.29 10.12 -25.13
C GLU A 99 8.65 11.06 -26.13
N ASP A 100 8.58 10.71 -27.41
CA ASP A 100 8.05 11.63 -28.39
C ASP A 100 6.89 10.99 -29.12
N LYS A 101 5.78 11.74 -29.25
CA LYS A 101 4.61 11.17 -29.90
C LYS A 101 4.89 10.88 -31.36
N HIS A 102 5.55 11.81 -32.03
CA HIS A 102 5.77 11.69 -33.46
C HIS A 102 7.25 11.49 -33.71
N ALA A 103 7.54 10.66 -34.71
CA ALA A 103 8.92 10.44 -35.12
C ALA A 103 9.54 11.77 -35.52
N ILE A 104 10.84 11.90 -35.27
CA ILE A 104 11.56 13.10 -35.62
C ILE A 104 12.23 12.83 -36.95
N ILE A 105 12.02 13.71 -37.90
CA ILE A 105 12.64 13.60 -39.20
C ILE A 105 13.84 14.52 -39.19
N VAL A 106 15.02 13.95 -39.33
CA VAL A 106 16.24 14.74 -39.27
C VAL A 106 16.25 15.77 -40.37
N GLU A 107 16.70 16.99 -40.03
CA GLU A 107 16.78 18.06 -41.00
C GLU A 107 17.63 17.61 -42.19
N PRO A 108 17.35 18.14 -43.39
CA PRO A 108 18.01 17.59 -44.59
C PRO A 108 19.51 17.66 -44.51
N GLU A 109 20.04 18.72 -43.89
CA GLU A 109 21.48 18.91 -43.84
C GLU A 109 22.18 17.86 -42.98
N LYS A 110 21.46 17.14 -42.14
CA LYS A 110 22.04 16.13 -41.27
C LYS A 110 21.60 14.72 -41.61
N ARG A 111 20.85 14.54 -42.71
CA ARG A 111 20.23 13.25 -43.01
C ARG A 111 21.20 12.19 -43.50
N GLY A 112 21.08 11.00 -42.92
CA GLY A 112 21.72 9.77 -43.35
C GLY A 112 20.68 8.68 -43.55
N LYS A 113 21.12 7.44 -43.74
CA LYS A 113 20.27 6.39 -44.25
C LYS A 113 19.64 5.48 -43.19
N TYR A 114 19.78 5.78 -41.91
CA TYR A 114 19.38 4.84 -40.87
C TYR A 114 18.23 5.37 -40.02
N VAL A 115 17.38 4.44 -39.59
CA VAL A 115 16.23 4.72 -38.73
C VAL A 115 16.49 4.11 -37.36
N VAL A 116 16.51 4.94 -36.33
CA VAL A 116 16.86 4.51 -34.98
C VAL A 116 15.65 4.75 -34.08
N CYS A 117 15.19 3.67 -33.47
CA CYS A 117 14.14 3.73 -32.46
C CYS A 117 14.80 3.45 -31.12
N PHE A 118 14.48 4.24 -30.10
CA PHE A 118 15.19 4.09 -28.83
C PHE A 118 14.31 4.46 -27.64
N ASP A 119 14.63 3.81 -26.51
CA ASP A 119 14.14 4.21 -25.20
C ASP A 119 15.29 4.89 -24.45
N PRO A 120 15.24 6.20 -24.23
CA PRO A 120 16.43 6.88 -23.69
C PRO A 120 16.74 6.46 -22.27
N LEU A 121 15.73 6.03 -21.50
CA LEU A 121 15.94 5.59 -20.13
C LEU A 121 14.82 4.67 -19.66
N ASP A 122 14.88 3.37 -19.95
CA ASP A 122 13.83 2.48 -19.49
C ASP A 122 14.05 2.10 -18.04
N GLY A 123 12.95 1.94 -17.31
CA GLY A 123 13.05 1.68 -15.88
C GLY A 123 13.04 2.94 -15.05
N SER A 124 12.89 4.10 -15.69
CA SER A 124 13.02 5.38 -15.03
C SER A 124 12.01 5.56 -13.90
N SER A 125 10.93 4.78 -13.92
CA SER A 125 9.95 4.89 -12.85
C SER A 125 10.56 4.54 -11.50
N ASN A 126 11.43 3.54 -11.46
CA ASN A 126 12.09 3.12 -10.23
C ASN A 126 13.56 3.59 -10.13
N ILE A 127 13.90 4.79 -10.59
CA ILE A 127 15.26 5.28 -10.38
C ILE A 127 15.45 6.01 -9.04
N ASP A 128 14.36 6.42 -8.38
CA ASP A 128 14.42 7.08 -7.06
C ASP A 128 14.95 6.14 -5.99
N CYS A 129 14.80 4.84 -6.19
CA CYS A 129 15.31 3.82 -5.30
C CYS A 129 16.67 3.32 -5.78
N LEU A 130 17.21 3.95 -6.81
CA LEU A 130 18.54 3.71 -7.39
C LEU A 130 18.72 2.30 -7.99
N VAL A 131 17.63 1.58 -8.31
CA VAL A 131 17.80 0.31 -8.99
C VAL A 131 18.31 0.54 -10.40
N SER A 132 18.85 -0.52 -11.00
CA SER A 132 19.38 -0.47 -12.36
C SER A 132 18.37 0.06 -13.38
N VAL A 133 18.90 0.88 -14.30
CA VAL A 133 18.17 1.39 -15.45
C VAL A 133 19.05 1.19 -16.68
N GLY A 134 18.49 1.50 -17.85
CA GLY A 134 19.22 1.25 -19.09
C GLY A 134 18.66 1.98 -20.28
N THR A 135 19.44 1.97 -21.36
CA THR A 135 19.09 2.59 -22.63
C THR A 135 18.92 1.46 -23.65
N ILE A 136 17.84 1.50 -24.42
CA ILE A 136 17.55 0.48 -25.43
C ILE A 136 17.49 1.15 -26.79
N PHE A 137 18.04 0.47 -27.80
CA PHE A 137 18.06 1.04 -29.15
C PHE A 137 17.94 -0.05 -30.22
N GLY A 138 17.36 0.33 -31.35
CA GLY A 138 17.31 -0.52 -32.52
C GLY A 138 17.58 0.26 -33.80
N ILE A 139 18.30 -0.32 -34.77
CA ILE A 139 18.74 0.39 -35.96
C ILE A 139 18.23 -0.33 -37.19
N TYR A 140 17.44 0.37 -38.02
CA TYR A 140 16.95 -0.16 -39.28
C TYR A 140 17.50 0.65 -40.43
N ARG A 141 17.96 -0.02 -41.47
CA ARG A 141 18.21 0.69 -42.71
C ARG A 141 16.88 1.12 -43.28
N LYS A 142 16.84 2.31 -43.87
CA LYS A 142 15.62 2.76 -44.53
C LYS A 142 15.48 2.06 -45.86
N LYS A 143 14.25 1.60 -46.16
CA LYS A 143 14.02 0.73 -47.31
C LYS A 143 13.31 1.43 -48.45
N SER A 144 12.47 2.42 -48.17
CA SER A 144 11.71 3.09 -49.21
C SER A 144 12.53 4.21 -49.85
N THR A 145 12.09 4.61 -51.04
CA THR A 145 12.66 5.72 -51.77
C THR A 145 11.87 7.02 -51.59
N ASP A 146 10.85 7.02 -50.73
CA ASP A 146 10.06 8.21 -50.45
C ASP A 146 10.87 9.24 -49.67
N GLU A 147 10.30 10.43 -49.56
CA GLU A 147 10.71 11.33 -48.50
C GLU A 147 10.56 10.62 -47.16
N PRO A 148 11.52 10.76 -46.25
CA PRO A 148 11.43 10.05 -44.97
C PRO A 148 10.21 10.47 -44.16
N SER A 149 9.62 9.51 -43.48
CA SER A 149 8.42 9.81 -42.69
C SER A 149 8.33 8.77 -41.58
N GLU A 150 7.31 8.94 -40.75
CA GLU A 150 7.05 7.98 -39.68
C GLU A 150 6.91 6.56 -40.22
N LYS A 151 6.53 6.42 -41.50
CA LYS A 151 6.29 5.09 -42.07
C LYS A 151 7.54 4.22 -42.12
N ASP A 152 8.72 4.83 -42.25
CA ASP A 152 9.97 4.08 -42.34
C ASP A 152 10.34 3.36 -41.05
N ALA A 153 9.72 3.73 -39.95
CA ALA A 153 9.93 3.11 -38.67
C ALA A 153 9.04 1.89 -38.49
N LEU A 154 8.13 1.68 -39.43
CA LEU A 154 7.17 0.58 -39.42
C LEU A 154 7.73 -0.67 -40.09
N GLN A 155 8.95 -1.11 -39.68
CA GLN A 155 9.56 -2.37 -40.13
C GLN A 155 9.54 -3.42 -39.03
N PRO A 156 9.43 -4.71 -39.38
CA PRO A 156 9.52 -5.77 -38.37
C PRO A 156 10.93 -5.91 -37.82
N GLY A 157 11.02 -6.52 -36.65
CA GLY A 157 12.33 -6.71 -36.02
C GLY A 157 13.31 -7.50 -36.85
N ARG A 158 12.83 -8.40 -37.71
CA ARG A 158 13.74 -9.14 -38.61
C ARG A 158 14.64 -8.20 -39.39
N ASN A 159 14.15 -7.03 -39.75
CA ASN A 159 14.84 -6.06 -40.60
C ASN A 159 15.96 -5.34 -39.88
N LEU A 160 16.14 -5.56 -38.58
CA LEU A 160 17.11 -4.82 -37.80
C LEU A 160 18.53 -5.02 -38.33
N VAL A 161 19.26 -3.92 -38.47
CA VAL A 161 20.66 -3.96 -38.86
C VAL A 161 21.56 -4.09 -37.64
N ALA A 162 21.18 -3.40 -36.56
CA ALA A 162 21.94 -3.48 -35.32
C ALA A 162 20.99 -3.13 -34.20
N ALA A 163 21.20 -3.75 -33.04
CA ALA A 163 20.37 -3.46 -31.88
C ALA A 163 21.17 -3.73 -30.63
N GLY A 164 20.70 -3.17 -29.52
CA GLY A 164 21.35 -3.43 -28.24
C GLY A 164 20.82 -2.52 -27.16
N TYR A 165 21.57 -2.51 -26.06
CA TYR A 165 21.17 -1.80 -24.87
C TYR A 165 22.40 -1.45 -24.03
N ALA A 166 22.27 -0.40 -23.24
CA ALA A 166 23.21 -0.07 -22.18
C ALA A 166 22.53 -0.33 -20.84
N LEU A 167 23.21 -1.03 -19.95
CA LEU A 167 22.70 -1.24 -18.60
C LEU A 167 23.58 -0.46 -17.62
N TYR A 168 22.98 0.48 -16.89
CA TYR A 168 23.68 1.23 -15.83
C TYR A 168 23.38 0.59 -14.49
N GLY A 169 24.10 -0.49 -14.20
CA GLY A 169 23.95 -1.28 -12.98
C GLY A 169 25.08 -1.02 -11.99
N SER A 170 25.53 -2.08 -11.33
CA SER A 170 26.70 -1.94 -10.46
C SER A 170 27.91 -1.44 -11.25
N ALA A 171 28.01 -1.84 -12.52
CA ALA A 171 28.90 -1.21 -13.47
C ALA A 171 28.08 -0.93 -14.74
N THR A 172 28.68 -0.19 -15.69
CA THR A 172 27.99 0.14 -16.94
C THR A 172 28.50 -0.72 -18.10
N MET A 173 27.57 -1.43 -18.74
CA MET A 173 27.89 -2.31 -19.85
C MET A 173 27.05 -1.98 -21.08
N LEU A 174 27.68 -2.07 -22.25
CA LEU A 174 26.99 -1.97 -23.53
C LEU A 174 27.01 -3.34 -24.19
N VAL A 175 25.82 -3.80 -24.55
CA VAL A 175 25.61 -5.09 -25.18
C VAL A 175 25.18 -4.78 -26.58
N LEU A 176 25.95 -5.24 -27.56
CA LEU A 176 25.74 -4.92 -28.95
C LEU A 176 25.42 -6.19 -29.71
N ALA A 177 24.31 -6.20 -30.45
CA ALA A 177 23.94 -7.33 -31.28
C ALA A 177 23.94 -6.90 -32.73
N MET A 178 24.58 -7.74 -33.57
CA MET A 178 24.62 -7.63 -35.03
C MET A 178 24.60 -9.04 -35.60
N ASP A 179 24.77 -9.16 -36.92
CA ASP A 179 24.83 -10.48 -37.56
C ASP A 179 26.01 -11.31 -37.06
N CYS A 180 27.14 -10.67 -36.80
CA CYS A 180 28.29 -11.42 -36.32
C CYS A 180 28.10 -11.93 -34.90
N GLY A 181 27.02 -11.58 -34.21
CA GLY A 181 26.70 -12.09 -32.89
C GLY A 181 26.49 -10.98 -31.87
N VAL A 182 26.45 -11.41 -30.60
CA VAL A 182 26.27 -10.51 -29.46
C VAL A 182 27.62 -10.33 -28.78
N ASN A 183 28.01 -9.09 -28.53
CA ASN A 183 29.23 -8.79 -27.78
C ASN A 183 28.92 -7.80 -26.66
N CYS A 184 29.61 -7.96 -25.54
CA CYS A 184 29.38 -7.18 -24.34
C CYS A 184 30.60 -6.32 -24.05
N PHE A 185 30.38 -5.03 -23.78
CA PHE A 185 31.47 -4.08 -23.53
C PHE A 185 31.30 -3.44 -22.16
N MET A 186 32.35 -3.50 -21.35
CA MET A 186 32.35 -2.90 -20.02
C MET A 186 32.86 -1.46 -20.09
N LEU A 187 32.12 -0.52 -19.49
CA LEU A 187 32.56 0.87 -19.45
C LEU A 187 33.66 1.02 -18.41
N ASP A 188 34.81 1.55 -18.81
CA ASP A 188 35.86 1.90 -17.87
C ASP A 188 35.77 3.36 -17.51
N PRO A 189 35.24 3.72 -16.34
CA PRO A 189 35.09 5.15 -16.02
C PRO A 189 36.42 5.88 -15.83
N ALA A 190 37.52 5.18 -15.51
CA ALA A 190 38.78 5.88 -15.37
C ALA A 190 39.23 6.52 -16.67
N ILE A 191 38.89 5.94 -17.82
CA ILE A 191 39.38 6.46 -19.09
C ILE A 191 38.26 6.75 -20.08
N GLY A 192 37.01 6.48 -19.72
CA GLY A 192 35.88 6.71 -20.61
C GLY A 192 35.91 5.85 -21.86
N GLU A 193 36.12 4.54 -21.67
CA GLU A 193 36.24 3.62 -22.78
C GLU A 193 35.44 2.36 -22.49
N PHE A 194 34.78 1.86 -23.53
CA PHE A 194 34.11 0.57 -23.47
C PHE A 194 35.09 -0.53 -23.88
N ILE A 195 35.30 -1.49 -22.97
CA ILE A 195 36.30 -2.55 -23.12
C ILE A 195 35.56 -3.85 -23.47
N LEU A 196 36.01 -4.54 -24.54
CA LEU A 196 35.39 -5.82 -24.93
C LEU A 196 35.72 -6.93 -23.91
N VAL A 197 34.68 -7.46 -23.28
CA VAL A 197 34.85 -8.42 -22.20
C VAL A 197 34.15 -9.75 -22.45
N ASP A 198 33.19 -9.82 -23.35
CA ASP A 198 32.53 -11.08 -23.72
C ASP A 198 32.30 -11.08 -25.23
N LYS A 199 33.01 -11.97 -25.95
CA LYS A 199 32.86 -12.11 -27.39
C LYS A 199 31.83 -13.17 -27.72
N ASP A 200 30.94 -12.84 -28.66
CA ASP A 200 30.05 -13.81 -29.30
C ASP A 200 29.29 -14.65 -28.28
N VAL A 201 28.53 -13.96 -27.42
CA VAL A 201 27.89 -14.62 -26.29
C VAL A 201 26.73 -15.48 -26.77
N LYS A 202 26.50 -16.58 -26.06
CA LYS A 202 25.42 -17.51 -26.36
C LYS A 202 24.70 -17.89 -25.07
N ILE A 203 23.37 -17.83 -25.12
CA ILE A 203 22.52 -18.10 -23.95
C ILE A 203 22.44 -19.61 -23.70
N LYS A 204 22.31 -19.95 -22.41
CA LYS A 204 22.09 -21.32 -22.00
C LYS A 204 20.86 -21.89 -22.69
N LYS A 205 20.91 -23.20 -22.98
CA LYS A 205 19.76 -23.85 -23.58
C LYS A 205 18.59 -23.90 -22.59
N LYS A 206 18.88 -24.02 -21.30
CA LYS A 206 17.84 -24.01 -20.29
C LYS A 206 18.38 -23.32 -19.04
N GLY A 207 17.51 -22.57 -18.36
CA GLY A 207 17.86 -21.76 -17.20
C GLY A 207 17.19 -22.18 -15.91
N LYS A 208 17.33 -21.39 -14.83
CA LYS A 208 16.79 -21.72 -13.53
C LYS A 208 16.01 -20.57 -12.91
N ILE A 209 15.66 -19.55 -13.71
CA ILE A 209 15.02 -18.35 -13.20
C ILE A 209 13.91 -17.92 -14.16
N TYR A 210 12.77 -17.57 -13.60
CA TYR A 210 11.73 -16.88 -14.33
C TYR A 210 11.50 -15.51 -13.71
N SER A 211 11.11 -14.57 -14.57
CA SER A 211 11.01 -13.16 -14.27
C SER A 211 9.68 -12.65 -14.81
N LEU A 212 8.80 -12.22 -13.91
CA LEU A 212 7.57 -11.54 -14.26
C LEU A 212 6.99 -10.95 -12.99
N ASN A 213 6.13 -9.94 -13.16
CA ASN A 213 5.46 -9.30 -12.05
C ASN A 213 4.36 -10.21 -11.51
N GLU A 214 4.67 -11.05 -10.52
CA GLU A 214 3.67 -11.95 -9.95
C GLU A 214 2.64 -11.24 -9.08
N GLY A 215 2.82 -9.95 -8.80
CA GLY A 215 1.82 -9.24 -8.03
C GLY A 215 0.49 -9.14 -8.73
N TYR A 216 0.48 -9.25 -10.05
CA TYR A 216 -0.72 -9.17 -10.88
C TYR A 216 -1.29 -10.55 -11.26
N ALA A 217 -1.05 -11.57 -10.42
CA ALA A 217 -1.50 -12.93 -10.73
C ALA A 217 -3.00 -12.99 -10.96
N LYS A 218 -3.78 -12.13 -10.28
CA LYS A 218 -5.23 -12.09 -10.46
C LYS A 218 -5.63 -11.92 -11.91
N ASP A 219 -4.81 -11.23 -12.72
CA ASP A 219 -5.09 -11.00 -14.14
C ASP A 219 -4.30 -11.92 -15.08
N PHE A 220 -3.53 -12.87 -14.54
CA PHE A 220 -2.73 -13.74 -15.40
C PHE A 220 -3.64 -14.49 -16.35
N ASP A 221 -3.24 -14.55 -17.61
CA ASP A 221 -3.86 -15.44 -18.59
C ASP A 221 -3.80 -16.88 -18.07
N PRO A 222 -4.78 -17.72 -18.43
CA PRO A 222 -4.77 -19.12 -17.91
C PRO A 222 -3.49 -19.88 -18.19
N ALA A 223 -2.88 -19.66 -19.35
CA ALA A 223 -1.61 -20.30 -19.65
C ALA A 223 -0.49 -19.84 -18.73
N VAL A 224 -0.39 -18.54 -18.48
CA VAL A 224 0.66 -17.99 -17.64
C VAL A 224 0.53 -18.53 -16.22
N THR A 225 -0.71 -18.67 -15.75
CA THR A 225 -0.94 -19.25 -14.43
C THR A 225 -0.39 -20.66 -14.36
N GLU A 226 -0.64 -21.47 -15.40
CA GLU A 226 -0.20 -22.86 -15.36
C GLU A 226 1.30 -22.99 -15.43
N TYR A 227 1.93 -22.26 -16.34
CA TYR A 227 3.39 -22.37 -16.50
C TYR A 227 4.12 -21.93 -15.26
N ILE A 228 3.67 -20.84 -14.62
CA ILE A 228 4.31 -20.40 -13.37
C ILE A 228 4.07 -21.44 -12.30
N GLN A 229 2.89 -22.04 -12.30
CA GLN A 229 2.61 -23.18 -11.42
C GLN A 229 3.58 -24.32 -11.68
N ARG A 230 3.94 -24.53 -12.95
CA ARG A 230 4.91 -25.58 -13.28
C ARG A 230 6.32 -25.29 -12.77
N LYS A 231 6.65 -24.02 -12.58
CA LYS A 231 7.99 -23.67 -12.11
C LYS A 231 8.12 -23.80 -10.59
N LYS A 232 7.07 -23.44 -9.86
CA LYS A 232 7.09 -23.54 -8.40
C LYS A 232 6.79 -24.95 -7.89
N PHE A 233 5.92 -25.66 -8.59
CA PHE A 233 5.46 -26.97 -8.17
C PHE A 233 5.70 -27.89 -9.35
N PRO A 234 6.95 -28.29 -9.57
CA PRO A 234 7.29 -29.17 -10.68
C PRO A 234 6.56 -30.49 -10.58
N PRO A 235 6.03 -31.02 -11.70
CA PRO A 235 5.26 -32.27 -11.63
C PRO A 235 6.05 -33.48 -11.15
N ASP A 236 7.35 -33.52 -11.41
CA ASP A 236 8.18 -34.65 -11.02
C ASP A 236 8.72 -34.48 -9.60
N ASN A 237 8.80 -33.23 -9.15
CA ASN A 237 9.20 -32.77 -7.82
C ASN A 237 10.69 -32.47 -7.85
N SER A 238 11.18 -32.16 -9.05
CA SER A 238 12.52 -31.62 -9.24
C SER A 238 12.58 -30.27 -8.52
N ALA A 239 13.73 -29.62 -8.54
CA ALA A 239 13.86 -28.38 -7.79
C ALA A 239 13.12 -27.24 -8.50
N PRO A 240 12.48 -26.36 -7.75
CA PRO A 240 11.82 -25.20 -8.36
C PRO A 240 12.83 -24.25 -8.99
N TYR A 241 12.34 -23.47 -9.95
CA TYR A 241 13.10 -22.35 -10.51
C TYR A 241 13.19 -21.21 -9.48
N GLY A 242 14.16 -20.32 -9.70
CA GLY A 242 14.20 -19.09 -8.96
C GLY A 242 13.32 -18.02 -9.58
N ALA A 243 12.84 -17.09 -8.75
CA ALA A 243 12.11 -15.92 -9.19
C ALA A 243 12.96 -14.68 -9.01
N ARG A 244 12.97 -13.80 -10.02
CA ARG A 244 13.61 -12.49 -9.93
C ARG A 244 12.77 -11.49 -10.73
N TYR A 245 12.53 -10.31 -10.16
CA TYR A 245 11.89 -9.27 -10.97
C TYR A 245 12.44 -7.92 -10.48
N VAL A 246 13.35 -7.35 -11.26
CA VAL A 246 13.93 -6.04 -10.95
C VAL A 246 12.91 -4.94 -11.19
N GLY A 247 12.07 -5.12 -12.21
CA GLY A 247 11.10 -4.12 -12.61
C GLY A 247 11.62 -3.13 -13.62
N SER A 248 12.87 -3.24 -14.01
CA SER A 248 13.47 -2.42 -15.07
C SER A 248 13.85 -3.36 -16.19
N MET A 249 13.25 -3.16 -17.36
CA MET A 249 13.28 -4.21 -18.38
C MET A 249 14.71 -4.60 -18.75
N VAL A 250 15.60 -3.62 -18.90
CA VAL A 250 16.98 -3.90 -19.30
C VAL A 250 17.67 -4.77 -18.27
N ALA A 251 17.39 -4.57 -16.98
CA ALA A 251 18.03 -5.40 -15.97
C ALA A 251 17.57 -6.85 -16.04
N ASP A 252 16.28 -7.08 -16.25
CA ASP A 252 15.77 -8.45 -16.24
C ASP A 252 16.23 -9.23 -17.46
N VAL A 253 16.22 -8.60 -18.63
CA VAL A 253 16.62 -9.28 -19.86
C VAL A 253 18.11 -9.60 -19.84
N HIS A 254 18.93 -8.71 -19.29
CA HIS A 254 20.36 -9.00 -19.26
C HIS A 254 20.70 -10.15 -18.32
N ARG A 255 20.12 -10.16 -17.12
CA ARG A 255 20.30 -11.30 -16.23
C ARG A 255 19.84 -12.59 -16.92
N THR A 256 18.73 -12.53 -17.68
CA THR A 256 18.28 -13.69 -18.46
C THR A 256 19.34 -14.13 -19.46
N LEU A 257 19.96 -13.19 -20.17
CA LEU A 257 21.04 -13.52 -21.10
C LEU A 257 22.23 -14.14 -20.36
N VAL A 258 22.63 -13.56 -19.23
CA VAL A 258 23.86 -13.96 -18.54
C VAL A 258 23.71 -15.31 -17.87
N TYR A 259 22.58 -15.55 -17.23
CA TYR A 259 22.33 -16.73 -16.41
C TYR A 259 21.37 -17.72 -17.06
N GLY A 260 20.71 -17.35 -18.15
CA GLY A 260 19.69 -18.17 -18.73
C GLY A 260 18.39 -17.99 -17.97
N GLY A 261 17.34 -18.62 -18.49
CA GLY A 261 16.04 -18.52 -17.85
C GLY A 261 15.01 -17.88 -18.75
N ILE A 262 13.92 -17.37 -18.17
CA ILE A 262 12.83 -16.85 -18.98
C ILE A 262 12.31 -15.56 -18.39
N PHE A 263 12.02 -14.61 -19.25
CA PHE A 263 11.46 -13.33 -18.85
C PHE A 263 10.11 -13.21 -19.54
N LEU A 264 9.10 -12.79 -18.77
CA LEU A 264 7.72 -12.74 -19.23
C LEU A 264 7.11 -11.37 -18.94
N TYR A 265 6.58 -10.73 -19.98
CA TYR A 265 5.62 -9.65 -19.86
C TYR A 265 4.45 -10.00 -20.77
N PRO A 266 3.58 -10.91 -20.34
CA PRO A 266 2.59 -11.46 -21.25
C PRO A 266 1.37 -10.56 -21.37
N ALA A 267 0.57 -10.89 -22.37
CA ALA A 267 -0.72 -10.26 -22.58
C ALA A 267 -1.76 -10.92 -21.69
N ASN A 268 -2.74 -10.14 -21.24
CA ASN A 268 -3.88 -10.72 -20.54
C ASN A 268 -5.16 -10.17 -21.15
N LYS A 269 -6.29 -10.35 -20.44
CA LYS A 269 -7.58 -9.93 -20.99
C LYS A 269 -7.73 -8.42 -20.95
N LYS A 270 -7.23 -7.79 -19.88
CA LYS A 270 -7.24 -6.34 -19.75
C LYS A 270 -6.25 -5.66 -20.70
N SER A 271 -5.19 -6.35 -21.14
CA SER A 271 -4.14 -5.80 -21.99
C SER A 271 -3.84 -6.77 -23.14
N PRO A 272 -4.71 -6.82 -24.15
CA PRO A 272 -4.59 -7.89 -25.16
C PRO A 272 -3.30 -7.84 -25.95
N ASN A 273 -2.63 -6.71 -26.02
CA ASN A 273 -1.34 -6.65 -26.71
C ASN A 273 -0.18 -6.34 -25.77
N GLY A 274 -0.31 -6.61 -24.46
CA GLY A 274 0.79 -6.36 -23.56
C GLY A 274 0.95 -4.89 -23.19
N LYS A 275 2.08 -4.61 -22.55
CA LYS A 275 2.42 -3.25 -22.15
C LYS A 275 3.72 -2.75 -22.76
N LEU A 276 4.71 -3.63 -22.96
CA LEU A 276 5.99 -3.22 -23.53
C LEU A 276 5.83 -2.84 -25.00
N ARG A 277 6.66 -1.90 -25.44
CA ARG A 277 6.59 -1.32 -26.78
C ARG A 277 7.40 -2.13 -27.80
N LEU A 278 6.80 -2.37 -28.98
CA LEU A 278 7.40 -3.27 -29.97
C LEU A 278 8.68 -2.69 -30.58
N LEU A 279 8.67 -1.41 -30.94
CA LEU A 279 9.76 -0.83 -31.73
C LEU A 279 11.02 -0.64 -30.91
N TYR A 280 10.91 -0.08 -29.69
CA TYR A 280 12.10 0.31 -28.94
C TYR A 280 12.25 -0.43 -27.61
N GLU A 281 11.45 -1.48 -27.34
CA GLU A 281 11.74 -2.33 -26.19
C GLU A 281 11.81 -3.80 -26.60
N CYS A 282 10.75 -4.32 -27.22
CA CYS A 282 10.67 -5.74 -27.57
C CYS A 282 11.61 -6.10 -28.73
N ASN A 283 11.54 -5.35 -29.83
CA ASN A 283 12.37 -5.70 -30.98
C ASN A 283 13.86 -5.68 -30.63
N PRO A 284 14.42 -4.61 -30.05
CA PRO A 284 15.85 -4.65 -29.74
C PRO A 284 16.19 -5.81 -28.83
N MET A 285 15.35 -6.08 -27.85
CA MET A 285 15.63 -7.18 -26.94
C MET A 285 15.44 -8.52 -27.62
N ALA A 286 14.40 -8.64 -28.45
CA ALA A 286 14.20 -9.87 -29.21
C ALA A 286 15.40 -10.16 -30.11
N TYR A 287 15.94 -9.12 -30.76
CA TYR A 287 17.07 -9.28 -31.68
C TYR A 287 18.31 -9.77 -30.94
N VAL A 288 18.57 -9.23 -29.75
CA VAL A 288 19.71 -9.69 -28.96
C VAL A 288 19.55 -11.17 -28.58
N MET A 289 18.36 -11.54 -28.10
CA MET A 289 18.12 -12.90 -27.63
C MET A 289 18.36 -13.92 -28.74
N GLU A 290 17.78 -13.69 -29.92
CA GLU A 290 17.92 -14.64 -31.02
C GLU A 290 19.36 -14.74 -31.48
N LYS A 291 20.07 -13.60 -31.60
CA LYS A 291 21.48 -13.66 -31.99
C LYS A 291 22.33 -14.38 -30.96
N ALA A 292 21.87 -14.45 -29.72
CA ALA A 292 22.59 -15.20 -28.70
C ALA A 292 22.04 -16.61 -28.57
N GLY A 293 21.12 -17.01 -29.44
CA GLY A 293 20.56 -18.35 -29.45
C GLY A 293 19.31 -18.61 -28.64
N GLY A 294 18.61 -17.56 -28.19
CA GLY A 294 17.38 -17.72 -27.44
C GLY A 294 16.14 -17.51 -28.31
N MET A 295 15.00 -17.44 -27.64
CA MET A 295 13.75 -17.19 -28.36
C MET A 295 13.03 -15.97 -27.80
N ALA A 296 12.13 -15.44 -28.61
CA ALA A 296 11.31 -14.31 -28.19
C ALA A 296 10.00 -14.36 -28.96
N THR A 297 8.90 -14.49 -28.23
CA THR A 297 7.60 -14.74 -28.81
C THR A 297 6.55 -13.88 -28.13
N THR A 298 5.48 -13.60 -28.86
CA THR A 298 4.28 -13.00 -28.31
C THR A 298 3.31 -14.06 -27.79
N GLY A 299 3.63 -15.35 -27.97
CA GLY A 299 2.69 -16.42 -27.73
C GLY A 299 2.11 -16.98 -29.00
N LYS A 300 1.69 -16.10 -29.90
CA LYS A 300 1.21 -16.48 -31.22
C LYS A 300 2.30 -16.46 -32.30
N GLU A 301 3.31 -15.61 -32.16
CA GLU A 301 4.32 -15.44 -33.20
C GLU A 301 5.59 -14.85 -32.61
N ALA A 302 6.63 -14.80 -33.45
CA ALA A 302 7.88 -14.13 -33.11
C ALA A 302 7.70 -12.62 -33.01
N VAL A 303 8.39 -12.00 -32.05
CA VAL A 303 8.36 -10.54 -31.97
C VAL A 303 8.93 -9.95 -33.24
N LEU A 304 10.02 -10.53 -33.74
CA LEU A 304 10.69 -10.03 -34.94
C LEU A 304 9.83 -10.17 -36.19
N ASP A 305 8.74 -10.94 -36.11
CA ASP A 305 7.81 -11.09 -37.20
C ASP A 305 6.57 -10.22 -37.08
N VAL A 306 6.26 -9.66 -35.89
CA VAL A 306 5.15 -8.72 -35.80
C VAL A 306 5.43 -7.51 -36.69
N ILE A 307 4.46 -7.15 -37.51
CA ILE A 307 4.55 -5.95 -38.34
C ILE A 307 3.73 -4.86 -37.66
N PRO A 308 4.37 -3.81 -37.17
CA PRO A 308 3.64 -2.76 -36.46
C PRO A 308 2.90 -1.82 -37.40
N THR A 309 1.84 -1.23 -36.86
CA THR A 309 1.12 -0.18 -37.57
C THR A 309 1.19 1.17 -36.88
N ASP A 310 1.78 1.24 -35.69
CA ASP A 310 1.94 2.48 -34.94
C ASP A 310 3.28 2.39 -34.25
N ILE A 311 4.04 3.49 -34.25
CA ILE A 311 5.40 3.43 -33.74
C ILE A 311 5.45 3.22 -32.24
N HIS A 312 4.34 3.48 -31.51
CA HIS A 312 4.22 3.22 -30.08
C HIS A 312 3.27 2.06 -29.77
N GLN A 313 3.01 1.18 -30.73
CA GLN A 313 2.14 0.06 -30.40
C GLN A 313 2.88 -0.92 -29.48
N ARG A 314 2.10 -1.69 -28.74
CA ARG A 314 2.62 -2.63 -27.76
C ARG A 314 2.60 -4.06 -28.28
N ALA A 315 3.34 -4.92 -27.58
CA ALA A 315 3.42 -6.33 -27.88
C ALA A 315 3.65 -7.06 -26.57
N PRO A 316 3.06 -8.23 -26.38
CA PRO A 316 3.49 -9.10 -25.28
C PRO A 316 4.80 -9.77 -25.67
N VAL A 317 5.58 -10.16 -24.65
CA VAL A 317 6.91 -10.71 -24.92
C VAL A 317 7.27 -11.76 -23.86
N ILE A 318 7.70 -12.94 -24.34
CA ILE A 318 8.30 -14.01 -23.54
C ILE A 318 9.63 -14.36 -24.21
N LEU A 319 10.72 -14.27 -23.47
CA LEU A 319 12.05 -14.48 -24.04
C LEU A 319 12.96 -15.18 -23.04
N GLY A 320 14.03 -15.76 -23.58
CA GLY A 320 15.03 -16.44 -22.79
C GLY A 320 15.61 -17.68 -23.42
N SER A 321 15.98 -18.65 -22.57
CA SER A 321 16.52 -19.91 -23.03
C SER A 321 15.50 -20.64 -23.92
N PRO A 322 15.93 -21.26 -25.02
CA PRO A 322 14.94 -21.90 -25.91
C PRO A 322 14.12 -22.98 -25.21
N ASP A 323 14.75 -23.81 -24.34
CA ASP A 323 13.98 -24.85 -23.67
C ASP A 323 12.92 -24.29 -22.74
N ASP A 324 13.16 -23.12 -22.13
CA ASP A 324 12.14 -22.57 -21.25
C ASP A 324 11.00 -21.94 -22.04
N VAL A 325 11.32 -21.21 -23.10
CA VAL A 325 10.26 -20.56 -23.87
C VAL A 325 9.40 -21.61 -24.59
N LEU A 326 9.98 -22.74 -25.01
CA LEU A 326 9.20 -23.79 -25.64
C LEU A 326 8.26 -24.48 -24.65
N GLU A 327 8.72 -24.73 -23.41
CA GLU A 327 7.82 -25.28 -22.41
C GLU A 327 6.67 -24.34 -22.15
N PHE A 328 6.93 -23.04 -22.13
CA PHE A 328 5.82 -22.09 -22.02
C PHE A 328 4.88 -22.24 -23.21
N LEU A 329 5.44 -22.37 -24.41
CA LEU A 329 4.58 -22.52 -25.59
C LEU A 329 3.77 -23.81 -25.53
N LYS A 330 4.36 -24.89 -25.00
CA LYS A 330 3.63 -26.14 -24.80
C LYS A 330 2.43 -25.91 -23.86
N VAL A 331 2.64 -25.25 -22.73
CA VAL A 331 1.55 -24.95 -21.82
C VAL A 331 0.57 -23.98 -22.48
N TYR A 332 1.09 -22.94 -23.13
CA TYR A 332 0.24 -21.94 -23.77
C TYR A 332 -0.65 -22.59 -24.80
N GLU A 333 -0.07 -23.43 -25.65
CA GLU A 333 -0.85 -24.18 -26.62
C GLU A 333 -1.91 -25.01 -25.94
N LYS A 334 -1.57 -25.63 -24.80
CA LYS A 334 -2.47 -26.55 -24.12
C LYS A 334 -3.75 -25.84 -23.70
N HIS A 335 -3.70 -24.54 -23.41
CA HIS A 335 -4.88 -23.74 -23.12
C HIS A 335 -5.46 -23.07 -24.38
N SER A 336 -5.21 -23.63 -25.57
CA SER A 336 -5.66 -23.08 -26.88
C SER A 336 -4.98 -21.78 -27.28
N ASP B 10 21.38 25.17 3.27
CA ASP B 10 22.84 25.11 3.29
C ASP B 10 23.37 23.68 2.97
N VAL B 11 24.44 23.61 2.15
CA VAL B 11 24.98 22.33 1.72
C VAL B 11 25.65 21.62 2.90
N ASN B 12 25.59 20.30 2.91
CA ASN B 12 26.19 19.48 3.95
C ASN B 12 26.72 18.16 3.38
N THR B 13 27.85 17.71 3.93
CA THR B 13 28.47 16.45 3.56
C THR B 13 28.40 15.45 4.69
N LEU B 14 28.68 14.19 4.35
CA LEU B 14 28.76 13.14 5.36
C LEU B 14 29.82 13.47 6.40
N THR B 15 31.00 13.89 5.96
CA THR B 15 32.09 14.14 6.90
C THR B 15 31.75 15.26 7.87
N ARG B 16 31.34 16.42 7.35
CA ARG B 16 30.97 17.55 8.19
C ARG B 16 29.76 17.22 9.06
N PHE B 17 28.81 16.45 8.52
CA PHE B 17 27.65 16.09 9.29
C PHE B 17 28.03 15.30 10.53
N VAL B 18 28.95 14.35 10.39
CA VAL B 18 29.34 13.54 11.53
C VAL B 18 30.10 14.38 12.57
N MET B 19 31.01 15.24 12.12
CA MET B 19 31.72 16.12 13.04
C MET B 19 30.75 16.98 13.85
N GLU B 20 29.74 17.55 13.19
CA GLU B 20 28.78 18.40 13.86
C GLU B 20 28.05 17.63 14.94
N GLU B 21 27.63 16.39 14.63
CA GLU B 21 26.96 15.57 15.63
C GLU B 21 27.88 15.22 16.78
N GLY B 22 29.12 14.81 16.45
CA GLY B 22 30.04 14.44 17.50
C GLY B 22 30.37 15.61 18.40
N ARG B 23 30.47 16.80 17.81
CA ARG B 23 30.73 17.97 18.61
C ARG B 23 29.54 18.30 19.49
N LYS B 24 28.32 18.07 18.97
CA LYS B 24 27.11 18.29 19.74
C LYS B 24 27.14 17.45 21.01
N ALA B 25 27.38 16.15 20.85
CA ALA B 25 27.41 15.20 21.95
C ALA B 25 28.68 15.28 22.78
N ARG B 26 29.66 16.09 22.38
CA ARG B 26 30.92 16.20 23.12
C ARG B 26 31.57 14.82 23.29
N GLY B 27 31.63 14.07 22.19
CA GLY B 27 32.32 12.79 22.19
C GLY B 27 33.81 12.94 21.96
N THR B 28 34.53 11.81 22.06
CA THR B 28 35.98 11.84 21.99
C THR B 28 36.52 12.03 20.57
N GLY B 29 35.70 11.81 19.54
CA GLY B 29 36.18 11.79 18.17
C GLY B 29 36.49 10.40 17.63
N GLU B 30 36.38 9.37 18.47
CA GLU B 30 36.70 8.01 18.04
C GLU B 30 35.68 7.46 17.04
N LEU B 31 34.39 7.67 17.27
CA LEU B 31 33.40 7.20 16.32
C LEU B 31 33.44 8.01 15.03
N THR B 32 33.63 9.33 15.13
CA THR B 32 33.77 10.17 13.93
C THR B 32 34.89 9.67 13.04
N GLN B 33 36.01 9.21 13.64
CA GLN B 33 37.08 8.63 12.83
C GLN B 33 36.67 7.30 12.24
N LEU B 34 35.97 6.48 13.03
CA LEU B 34 35.48 5.20 12.53
C LEU B 34 34.63 5.42 11.29
N LEU B 35 33.67 6.34 11.39
CA LEU B 35 32.77 6.58 10.29
C LEU B 35 33.52 7.17 9.11
N ASN B 36 34.50 8.02 9.40
CA ASN B 36 35.30 8.62 8.34
C ASN B 36 36.07 7.56 7.56
N SER B 37 36.61 6.57 8.28
CA SER B 37 37.29 5.45 7.64
C SER B 37 36.33 4.59 6.84
N LEU B 38 35.14 4.38 7.36
CA LEU B 38 34.18 3.56 6.63
C LEU B 38 33.84 4.23 5.31
N CYS B 39 33.51 5.51 5.39
CA CYS B 39 33.19 6.30 4.20
C CYS B 39 34.32 6.25 3.18
N THR B 40 35.57 6.39 3.62
CA THR B 40 36.69 6.28 2.71
C THR B 40 36.73 4.90 2.06
N ALA B 41 36.55 3.85 2.85
CA ALA B 41 36.51 2.51 2.30
C ALA B 41 35.35 2.35 1.31
N VAL B 42 34.21 3.00 1.59
CA VAL B 42 33.03 2.87 0.72
C VAL B 42 33.28 3.48 -0.66
N LYS B 43 33.98 4.63 -0.72
CA LYS B 43 34.30 5.25 -2.01
C LYS B 43 35.26 4.40 -2.85
N ALA B 44 36.17 3.67 -2.21
CA ALA B 44 37.07 2.77 -2.93
C ALA B 44 36.35 1.52 -3.45
N ILE B 45 35.44 0.96 -2.65
CA ILE B 45 34.65 -0.17 -3.13
C ILE B 45 33.81 0.26 -4.32
N SER B 46 33.19 1.43 -4.22
CA SER B 46 32.37 1.93 -5.33
C SER B 46 33.19 2.05 -6.59
N SER B 47 34.42 2.58 -6.45
CA SER B 47 35.30 2.77 -7.59
C SER B 47 35.60 1.44 -8.28
N ALA B 48 35.87 0.41 -7.49
CA ALA B 48 36.22 -0.89 -8.06
C ALA B 48 35.00 -1.60 -8.63
N VAL B 49 33.84 -1.45 -7.99
CA VAL B 49 32.63 -2.10 -8.46
C VAL B 49 32.20 -1.55 -9.81
N ARG B 50 32.36 -0.23 -10.01
CA ARG B 50 32.10 0.37 -11.32
C ARG B 50 33.21 0.10 -12.32
N LYS B 51 34.18 -0.73 -11.92
CA LYS B 51 35.16 -1.30 -12.84
C LYS B 51 36.11 -0.25 -13.41
N ALA B 52 36.44 0.76 -12.63
CA ALA B 52 37.46 1.70 -13.06
C ALA B 52 38.79 0.98 -13.22
N GLY B 53 39.48 1.24 -14.32
CA GLY B 53 40.73 0.55 -14.54
C GLY B 53 40.59 -0.84 -15.11
N ILE B 54 39.38 -1.30 -15.43
CA ILE B 54 39.19 -2.66 -15.92
C ILE B 54 39.98 -2.84 -17.22
N ALA B 55 40.27 -1.72 -17.92
CA ALA B 55 41.05 -1.73 -19.15
C ALA B 55 42.45 -2.28 -18.94
N HIS B 56 43.03 -2.11 -17.75
CA HIS B 56 44.32 -2.73 -17.43
C HIS B 56 44.18 -4.24 -17.21
N LEU B 57 43.06 -4.70 -16.65
CA LEU B 57 42.85 -6.13 -16.48
C LEU B 57 42.85 -6.85 -17.83
N TYR B 58 42.46 -6.16 -18.90
CA TYR B 58 42.34 -6.74 -20.23
C TYR B 58 43.48 -6.35 -21.15
N GLY B 59 44.57 -5.85 -20.59
CA GLY B 59 45.82 -5.67 -21.32
C GLY B 59 45.97 -4.39 -22.11
N ILE B 60 45.39 -3.28 -21.63
CA ILE B 60 45.58 -2.00 -22.33
C ILE B 60 47.05 -1.57 -22.32
N ALA B 61 47.83 -2.04 -21.36
CA ALA B 61 49.26 -1.76 -21.29
C ALA B 61 50.11 -3.03 -21.42
N GLY B 62 49.51 -4.15 -21.85
CA GLY B 62 50.20 -5.43 -21.96
C GLY B 62 49.58 -6.54 -21.16
N LYS B 73 37.21 -11.98 -7.31
CA LYS B 73 38.18 -11.16 -6.57
C LYS B 73 37.58 -9.92 -5.85
N LEU B 74 36.42 -9.46 -6.33
CA LEU B 74 35.89 -8.16 -5.91
C LEU B 74 35.41 -8.21 -4.46
N ASP B 75 34.85 -9.34 -4.00
CA ASP B 75 34.51 -9.42 -2.59
C ASP B 75 35.74 -9.64 -1.73
N VAL B 76 36.83 -10.15 -2.29
CA VAL B 76 38.09 -10.21 -1.56
C VAL B 76 38.66 -8.80 -1.38
N LEU B 77 38.66 -8.01 -2.45
CA LEU B 77 39.15 -6.63 -2.39
C LEU B 77 38.31 -5.78 -1.44
N SER B 78 36.98 -5.87 -1.55
CA SER B 78 36.11 -5.07 -0.67
C SER B 78 36.43 -5.34 0.79
N ASN B 79 36.60 -6.62 1.12
CA ASN B 79 36.97 -7.01 2.48
C ASN B 79 38.30 -6.40 2.88
N ASP B 80 39.30 -6.44 1.98
CA ASP B 80 40.62 -5.89 2.31
C ASP B 80 40.51 -4.40 2.58
N LEU B 81 39.68 -3.71 1.79
CA LEU B 81 39.51 -2.27 1.95
C LEU B 81 38.89 -1.95 3.30
N VAL B 82 37.82 -2.66 3.66
CA VAL B 82 37.13 -2.35 4.91
C VAL B 82 37.98 -2.75 6.11
N MET B 83 38.58 -3.94 6.06
CA MET B 83 39.45 -4.40 7.15
C MET B 83 40.56 -3.39 7.40
N ASN B 84 41.23 -2.95 6.33
CA ASN B 84 42.41 -2.11 6.48
C ASN B 84 42.07 -0.68 6.90
N MET B 85 40.99 -0.10 6.36
CA MET B 85 40.56 1.24 6.77
C MET B 85 40.04 1.26 8.20
N LEU B 86 39.42 0.18 8.66
CA LEU B 86 38.97 0.14 10.04
C LEU B 86 40.15 -0.10 10.99
N LYS B 87 41.03 -1.07 10.67
CA LYS B 87 42.21 -1.34 11.51
C LYS B 87 43.01 -0.08 11.77
N SER B 88 43.28 0.68 10.73
CA SER B 88 44.09 1.88 10.81
C SER B 88 43.30 3.10 11.27
N SER B 89 42.02 2.93 11.63
CA SER B 89 41.24 4.02 12.20
C SER B 89 41.52 4.23 13.67
N PHE B 90 42.13 3.23 14.33
CA PHE B 90 42.41 3.21 15.77
C PHE B 90 41.16 3.34 16.64
N ALA B 91 39.98 2.99 16.09
CA ALA B 91 38.70 3.11 16.79
C ALA B 91 38.04 1.74 17.03
N THR B 92 38.63 0.68 16.54
CA THR B 92 38.00 -0.63 16.59
C THR B 92 38.90 -1.60 17.32
N CYS B 93 38.32 -2.70 17.72
CA CYS B 93 39.04 -3.80 18.35
C CYS B 93 38.57 -5.16 17.88
N VAL B 94 37.32 -5.29 17.41
CA VAL B 94 36.80 -6.54 16.90
C VAL B 94 36.10 -6.27 15.59
N LEU B 95 36.46 -7.03 14.57
CA LEU B 95 35.86 -6.92 13.25
C LEU B 95 35.28 -8.29 12.89
N VAL B 96 34.01 -8.31 12.50
CA VAL B 96 33.35 -9.53 12.00
C VAL B 96 32.90 -9.26 10.57
N SER B 97 33.25 -10.15 9.66
CA SER B 97 32.92 -10.00 8.26
C SER B 97 32.25 -11.26 7.73
N GLU B 98 31.32 -11.08 6.76
CA GLU B 98 30.76 -12.23 6.05
C GLU B 98 31.88 -13.08 5.46
N GLU B 99 33.00 -12.46 5.11
CA GLU B 99 34.05 -13.11 4.34
C GLU B 99 35.09 -13.81 5.21
N ASP B 100 35.00 -13.68 6.53
CA ASP B 100 35.97 -14.28 7.43
C ASP B 100 35.26 -15.25 8.38
N LYS B 101 35.78 -16.46 8.48
CA LYS B 101 35.11 -17.43 9.35
C LYS B 101 35.17 -16.97 10.79
N HIS B 102 36.30 -16.41 11.21
CA HIS B 102 36.52 -15.95 12.57
C HIS B 102 36.68 -14.45 12.59
N ALA B 103 36.28 -13.86 13.72
CA ALA B 103 36.48 -12.44 13.94
C ALA B 103 37.96 -12.08 13.92
N ILE B 104 38.25 -10.86 13.48
CA ILE B 104 39.59 -10.35 13.42
C ILE B 104 39.78 -9.43 14.62
N ILE B 105 40.88 -9.61 15.35
CA ILE B 105 41.17 -8.78 16.51
C ILE B 105 42.24 -7.75 16.12
N VAL B 106 41.91 -6.46 16.24
CA VAL B 106 42.83 -5.41 15.86
C VAL B 106 44.10 -5.47 16.70
N GLU B 107 45.23 -5.14 16.08
CA GLU B 107 46.51 -5.10 16.79
C GLU B 107 46.46 -4.16 18.00
N PRO B 108 47.19 -4.50 19.07
CA PRO B 108 47.00 -3.75 20.32
C PRO B 108 47.27 -2.28 20.20
N GLU B 109 48.30 -1.91 19.44
CA GLU B 109 48.68 -0.52 19.30
C GLU B 109 47.66 0.27 18.50
N LYS B 110 46.76 -0.42 17.80
CA LYS B 110 45.74 0.18 16.98
C LYS B 110 44.35 0.01 17.56
N ARG B 111 44.21 -0.54 18.76
CA ARG B 111 42.90 -0.85 19.30
C ARG B 111 42.15 0.42 19.69
N GLY B 112 40.86 0.42 19.35
CA GLY B 112 39.93 1.41 19.83
C GLY B 112 38.78 0.69 20.51
N LYS B 113 37.70 1.41 20.81
CA LYS B 113 36.68 0.88 21.69
C LYS B 113 35.47 0.30 20.97
N TYR B 114 35.49 0.15 19.65
CA TYR B 114 34.27 -0.16 18.92
C TYR B 114 34.37 -1.52 18.21
N VAL B 115 33.22 -2.18 18.06
CA VAL B 115 33.11 -3.44 17.32
C VAL B 115 32.33 -3.19 16.04
N VAL B 116 32.88 -3.63 14.91
CA VAL B 116 32.25 -3.40 13.61
C VAL B 116 31.97 -4.75 12.94
N CYS B 117 30.71 -4.98 12.59
CA CYS B 117 30.30 -6.15 11.84
C CYS B 117 29.92 -5.68 10.44
N PHE B 118 30.39 -6.40 9.42
CA PHE B 118 30.07 -5.94 8.06
C PHE B 118 30.06 -7.08 7.05
N ASP B 119 29.23 -6.88 6.03
CA ASP B 119 29.26 -7.63 4.79
C ASP B 119 29.92 -6.70 3.77
N PRO B 120 31.15 -6.95 3.35
CA PRO B 120 31.84 -5.94 2.53
C PRO B 120 31.22 -5.73 1.15
N LEU B 121 30.60 -6.76 0.55
CA LEU B 121 29.96 -6.56 -0.75
C LEU B 121 28.86 -7.58 -1.00
N ASP B 122 27.65 -7.32 -0.49
CA ASP B 122 26.55 -8.26 -0.61
C ASP B 122 25.92 -8.22 -2.01
N GLY B 123 25.56 -9.41 -2.50
CA GLY B 123 25.09 -9.62 -3.85
C GLY B 123 26.18 -9.98 -4.85
N SER B 124 27.45 -10.02 -4.43
CA SER B 124 28.54 -10.21 -5.38
C SER B 124 28.50 -11.57 -6.07
N SER B 125 27.84 -12.57 -5.45
CA SER B 125 27.72 -13.88 -6.08
C SER B 125 27.01 -13.78 -7.43
N ASN B 126 26.07 -12.85 -7.55
CA ASN B 126 25.41 -12.48 -8.81
C ASN B 126 25.91 -11.16 -9.37
N ILE B 127 27.20 -10.80 -9.22
CA ILE B 127 27.71 -9.59 -9.86
C ILE B 127 28.04 -9.85 -11.33
N ASP B 128 27.96 -11.12 -11.73
CA ASP B 128 28.19 -11.50 -13.12
C ASP B 128 27.15 -10.84 -14.04
N CYS B 129 25.97 -10.54 -13.52
CA CYS B 129 24.96 -9.83 -14.29
C CYS B 129 24.93 -8.33 -13.99
N LEU B 130 25.90 -7.81 -13.24
CA LEU B 130 25.96 -6.39 -12.88
C LEU B 130 24.79 -5.98 -11.99
N VAL B 131 24.27 -6.91 -11.19
CA VAL B 131 23.22 -6.58 -10.24
C VAL B 131 23.75 -5.58 -9.22
N SER B 132 22.84 -4.76 -8.69
CA SER B 132 23.20 -3.84 -7.63
C SER B 132 23.74 -4.63 -6.46
N VAL B 133 24.85 -4.16 -5.89
CA VAL B 133 25.46 -4.77 -4.72
C VAL B 133 25.66 -3.68 -3.69
N GLY B 134 26.10 -4.08 -2.50
CA GLY B 134 26.21 -3.10 -1.44
C GLY B 134 27.02 -3.60 -0.28
N THR B 135 27.41 -2.66 0.57
CA THR B 135 28.16 -2.92 1.79
C THR B 135 27.25 -2.61 2.97
N ILE B 136 27.20 -3.51 3.94
CA ILE B 136 26.34 -3.35 5.11
C ILE B 136 27.21 -3.34 6.37
N PHE B 137 26.88 -2.47 7.33
CA PHE B 137 27.70 -2.35 8.54
C PHE B 137 26.87 -2.00 9.76
N GLY B 138 27.31 -2.52 10.91
CA GLY B 138 26.76 -2.18 12.20
C GLY B 138 27.89 -2.02 13.20
N ILE B 139 27.75 -1.08 14.12
CA ILE B 139 28.83 -0.72 15.03
C ILE B 139 28.35 -0.84 16.49
N TYR B 140 29.07 -1.61 17.29
CA TYR B 140 28.78 -1.69 18.72
C TYR B 140 29.92 -1.08 19.52
N ARG B 141 29.59 -0.64 20.73
CA ARG B 141 30.64 -0.48 21.72
C ARG B 141 30.96 -1.87 22.27
N LYS B 142 32.25 -2.13 22.48
CA LYS B 142 32.67 -3.44 22.95
C LYS B 142 32.13 -3.66 24.36
N LYS B 143 32.52 -4.74 25.01
CA LYS B 143 31.78 -5.09 26.21
C LYS B 143 32.49 -4.73 27.51
N SER B 144 33.81 -4.82 27.60
CA SER B 144 34.45 -4.47 28.86
C SER B 144 35.96 -4.38 28.65
N THR B 145 36.61 -3.68 29.58
CA THR B 145 38.03 -3.37 29.51
C THR B 145 38.97 -4.56 29.43
N ASP B 146 38.44 -5.78 29.43
CA ASP B 146 39.30 -6.93 29.25
C ASP B 146 39.87 -6.95 27.84
N GLU B 147 40.65 -7.98 27.57
CA GLU B 147 41.06 -8.29 26.22
C GLU B 147 39.84 -8.33 25.31
N PRO B 148 39.87 -7.67 24.16
CA PRO B 148 38.76 -7.75 23.22
C PRO B 148 38.67 -9.15 22.62
N SER B 149 37.46 -9.58 22.33
CA SER B 149 37.28 -10.92 21.78
C SER B 149 36.01 -10.96 20.91
N GLU B 150 35.80 -12.12 20.27
CA GLU B 150 34.63 -12.34 19.44
C GLU B 150 33.34 -12.12 20.22
N LYS B 151 33.36 -12.36 21.53
CA LYS B 151 32.17 -12.20 22.35
C LYS B 151 31.69 -10.76 22.33
N ASP B 152 32.61 -9.81 22.06
CA ASP B 152 32.22 -8.42 21.96
C ASP B 152 31.27 -8.20 20.79
N ALA B 153 31.26 -9.09 19.81
CA ALA B 153 30.35 -8.96 18.70
C ALA B 153 29.03 -9.68 18.95
N LEU B 154 28.93 -10.45 20.02
CA LEU B 154 27.69 -11.18 20.31
C LEU B 154 26.73 -10.33 21.12
N GLN B 155 26.43 -9.14 20.61
CA GLN B 155 25.45 -8.25 21.20
C GLN B 155 24.18 -8.20 20.36
N PRO B 156 23.03 -7.96 20.97
CA PRO B 156 21.80 -7.80 20.19
C PRO B 156 21.79 -6.45 19.48
N GLY B 157 21.02 -6.40 18.38
CA GLY B 157 20.94 -5.19 17.58
C GLY B 157 20.50 -3.96 18.35
N ARG B 158 19.74 -4.16 19.44
CA ARG B 158 19.39 -3.04 20.32
C ARG B 158 20.63 -2.26 20.75
N ASN B 159 21.77 -2.93 20.90
CA ASN B 159 22.96 -2.26 21.39
C ASN B 159 23.59 -1.35 20.36
N LEU B 160 23.10 -1.33 19.12
CA LEU B 160 23.78 -0.63 18.05
C LEU B 160 23.97 0.84 18.34
N VAL B 161 25.19 1.32 18.09
CA VAL B 161 25.51 2.74 18.13
C VAL B 161 25.24 3.39 16.76
N ALA B 162 25.59 2.69 15.69
CA ALA B 162 25.31 3.18 14.35
C ALA B 162 25.29 1.99 13.41
N ALA B 163 24.48 2.11 12.36
CA ALA B 163 24.39 1.08 11.33
C ALA B 163 23.97 1.75 10.06
N GLY B 164 24.14 1.03 8.95
CA GLY B 164 23.69 1.49 7.66
C GLY B 164 24.25 0.67 6.51
N TYR B 165 24.14 1.22 5.32
CA TYR B 165 24.55 0.51 4.14
C TYR B 165 24.99 1.50 3.08
N ALA B 166 25.85 1.00 2.20
CA ALA B 166 26.20 1.63 0.95
C ALA B 166 25.56 0.80 -0.15
N LEU B 167 24.85 1.45 -1.05
CA LEU B 167 24.28 0.79 -2.20
C LEU B 167 25.01 1.24 -3.44
N TYR B 168 25.64 0.30 -4.16
CA TYR B 168 26.26 0.56 -5.46
C TYR B 168 25.24 0.21 -6.54
N GLY B 169 24.28 1.11 -6.71
CA GLY B 169 23.26 0.90 -7.71
C GLY B 169 23.49 1.76 -8.93
N SER B 170 22.40 2.23 -9.52
CA SER B 170 22.53 3.17 -10.63
C SER B 170 23.33 4.39 -10.23
N ALA B 171 23.24 4.79 -8.95
CA ALA B 171 24.15 5.72 -8.30
C ALA B 171 24.56 5.09 -6.98
N THR B 172 25.55 5.71 -6.32
CA THR B 172 26.07 5.23 -5.03
C THR B 172 25.46 6.05 -3.90
N MET B 173 24.81 5.37 -2.96
CA MET B 173 24.20 6.06 -1.83
C MET B 173 24.65 5.41 -0.54
N LEU B 174 24.90 6.22 0.47
CA LEU B 174 25.20 5.73 1.80
C LEU B 174 24.05 6.13 2.74
N VAL B 175 23.51 5.15 3.44
CA VAL B 175 22.43 5.36 4.39
C VAL B 175 22.99 5.11 5.76
N LEU B 176 22.94 6.13 6.61
CA LEU B 176 23.48 6.10 7.97
C LEU B 176 22.35 6.30 8.96
N ALA B 177 22.22 5.35 9.89
CA ALA B 177 21.25 5.40 10.97
C ALA B 177 22.00 5.54 12.29
N MET B 178 21.54 6.47 13.12
CA MET B 178 22.03 6.67 14.48
C MET B 178 20.84 7.08 15.34
N ASP B 179 21.14 7.42 16.59
CA ASP B 179 20.08 7.84 17.51
C ASP B 179 19.34 9.05 16.97
N CYS B 180 20.04 9.95 16.27
CA CYS B 180 19.43 11.14 15.68
C CYS B 180 18.56 10.84 14.46
N GLY B 181 18.55 9.63 13.96
CA GLY B 181 17.67 9.28 12.87
C GLY B 181 18.44 8.77 11.68
N VAL B 182 17.72 8.64 10.56
CA VAL B 182 18.26 8.08 9.33
C VAL B 182 18.54 9.23 8.38
N ASN B 183 19.74 9.26 7.81
CA ASN B 183 20.08 10.25 6.79
C ASN B 183 20.70 9.56 5.58
N CYS B 184 20.44 10.13 4.40
CA CYS B 184 20.83 9.53 3.13
C CYS B 184 21.82 10.44 2.43
N PHE B 185 22.97 9.87 2.04
CA PHE B 185 24.05 10.63 1.42
C PHE B 185 24.38 10.07 0.05
N MET B 186 24.33 10.94 -0.96
CA MET B 186 24.64 10.58 -2.33
C MET B 186 26.11 10.86 -2.62
N LEU B 187 26.80 9.87 -3.17
CA LEU B 187 28.18 10.07 -3.56
C LEU B 187 28.22 10.90 -4.83
N ASP B 188 28.96 12.00 -4.80
CA ASP B 188 29.17 12.73 -6.05
C ASP B 188 30.50 12.27 -6.64
N PRO B 189 30.48 11.40 -7.66
CA PRO B 189 31.74 10.88 -8.21
C PRO B 189 32.63 11.94 -8.83
N ALA B 190 32.07 13.09 -9.21
CA ALA B 190 32.91 14.15 -9.74
C ALA B 190 33.89 14.68 -8.69
N ILE B 191 33.53 14.62 -7.41
CA ILE B 191 34.36 15.15 -6.34
C ILE B 191 34.63 14.16 -5.22
N GLY B 192 34.08 12.96 -5.29
CA GLY B 192 34.35 11.97 -4.27
C GLY B 192 33.90 12.45 -2.91
N GLU B 193 32.67 12.95 -2.84
CA GLU B 193 32.10 13.47 -1.60
C GLU B 193 30.67 12.98 -1.45
N PHE B 194 30.29 12.61 -0.23
CA PHE B 194 28.91 12.23 0.07
C PHE B 194 28.07 13.44 0.47
N ILE B 195 27.03 13.70 -0.32
CA ILE B 195 26.19 14.89 -0.16
C ILE B 195 24.88 14.49 0.49
N LEU B 196 24.54 15.19 1.57
CA LEU B 196 23.29 14.96 2.29
C LEU B 196 22.12 15.39 1.42
N VAL B 197 21.29 14.43 1.05
CA VAL B 197 20.16 14.72 0.17
C VAL B 197 18.83 14.34 0.78
N ASP B 198 18.78 13.51 1.81
CA ASP B 198 17.53 13.17 2.47
C ASP B 198 17.75 13.27 3.98
N LYS B 199 17.15 14.28 4.58
CA LYS B 199 17.30 14.57 6.01
C LYS B 199 16.22 13.85 6.80
N ASP B 200 16.62 13.16 7.87
CA ASP B 200 15.70 12.58 8.86
C ASP B 200 14.58 11.76 8.22
N VAL B 201 14.99 10.72 7.50
CA VAL B 201 14.07 9.96 6.66
C VAL B 201 13.11 9.16 7.52
N LYS B 202 11.87 9.04 7.05
CA LYS B 202 10.85 8.22 7.70
C LYS B 202 10.12 7.42 6.62
N ILE B 203 9.93 6.12 6.88
CA ILE B 203 9.29 5.25 5.90
C ILE B 203 7.79 5.49 5.88
N LYS B 204 7.20 5.32 4.69
CA LYS B 204 5.75 5.35 4.56
C LYS B 204 5.11 4.39 5.54
N LYS B 205 3.96 4.80 6.08
CA LYS B 205 3.21 3.96 7.00
C LYS B 205 2.75 2.67 6.34
N LYS B 206 2.41 2.73 5.05
CA LYS B 206 2.03 1.53 4.32
C LYS B 206 2.49 1.71 2.88
N GLY B 207 2.93 0.61 2.28
CA GLY B 207 3.41 0.64 0.92
C GLY B 207 2.51 -0.20 0.03
N LYS B 208 2.92 -0.40 -1.21
CA LYS B 208 2.12 -1.15 -2.18
C LYS B 208 2.96 -2.19 -2.93
N ILE B 209 4.11 -2.56 -2.38
CA ILE B 209 5.04 -3.49 -3.01
C ILE B 209 5.49 -4.47 -1.94
N TYR B 210 5.53 -5.75 -2.30
CA TYR B 210 6.13 -6.79 -1.49
C TYR B 210 7.26 -7.47 -2.24
N SER B 211 8.27 -7.91 -1.50
CA SER B 211 9.52 -8.37 -2.08
C SER B 211 9.96 -9.67 -1.42
N LEU B 212 9.93 -10.77 -2.18
CA LEU B 212 10.49 -12.04 -1.77
C LEU B 212 10.57 -12.99 -2.95
N ASN B 213 11.51 -13.92 -2.88
CA ASN B 213 11.71 -14.97 -3.90
C ASN B 213 10.56 -15.97 -3.82
N GLU B 214 9.56 -15.78 -4.68
CA GLU B 214 8.38 -16.65 -4.73
C GLU B 214 8.69 -18.04 -5.28
N GLY B 215 9.91 -18.27 -5.77
CA GLY B 215 10.32 -19.59 -6.23
C GLY B 215 10.36 -20.63 -5.13
N TYR B 216 10.50 -20.20 -3.88
CA TYR B 216 10.50 -21.10 -2.74
C TYR B 216 9.10 -21.28 -2.15
N ALA B 217 8.05 -21.03 -2.95
CA ALA B 217 6.68 -21.16 -2.47
C ALA B 217 6.38 -22.57 -2.00
N LYS B 218 7.00 -23.57 -2.64
CA LYS B 218 6.83 -24.96 -2.25
C LYS B 218 7.21 -25.17 -0.79
N ASP B 219 8.10 -24.34 -0.26
CA ASP B 219 8.56 -24.46 1.11
C ASP B 219 7.92 -23.44 2.04
N PHE B 220 7.01 -22.60 1.55
CA PHE B 220 6.49 -21.52 2.37
C PHE B 220 5.73 -22.03 3.58
N ASP B 221 5.96 -21.35 4.69
CA ASP B 221 5.11 -21.40 5.85
C ASP B 221 3.67 -21.02 5.47
N PRO B 222 2.67 -21.56 6.18
CA PRO B 222 1.29 -21.14 5.90
C PRO B 222 1.08 -19.64 6.06
N ALA B 223 1.73 -19.03 7.05
CA ALA B 223 1.57 -17.60 7.25
C ALA B 223 2.09 -16.82 6.05
N VAL B 224 3.25 -17.22 5.53
CA VAL B 224 3.80 -16.53 4.36
C VAL B 224 2.90 -16.76 3.14
N THR B 225 2.41 -18.00 2.94
CA THR B 225 1.51 -18.26 1.82
C THR B 225 0.25 -17.42 1.91
N GLU B 226 -0.35 -17.37 3.09
CA GLU B 226 -1.59 -16.64 3.25
C GLU B 226 -1.35 -15.14 3.07
N TYR B 227 -0.27 -14.62 3.67
CA TYR B 227 0.00 -13.19 3.54
C TYR B 227 0.23 -12.80 2.09
N ILE B 228 0.94 -13.63 1.33
CA ILE B 228 1.17 -13.30 -0.07
C ILE B 228 -0.13 -13.42 -0.87
N GLN B 229 -0.97 -14.40 -0.53
CA GLN B 229 -2.27 -14.50 -1.20
C GLN B 229 -3.05 -13.21 -1.05
N ARG B 230 -2.97 -12.59 0.12
CA ARG B 230 -3.61 -11.32 0.40
C ARG B 230 -3.04 -10.17 -0.43
N LYS B 231 -1.79 -10.28 -0.90
CA LYS B 231 -1.21 -9.17 -1.66
C LYS B 231 -1.67 -9.20 -3.11
N LYS B 232 -1.78 -10.39 -3.70
CA LYS B 232 -2.28 -10.53 -5.07
C LYS B 232 -3.80 -10.50 -5.14
N PHE B 233 -4.51 -11.03 -4.13
CA PHE B 233 -5.95 -11.17 -4.17
C PHE B 233 -6.55 -10.48 -2.95
N PRO B 234 -6.63 -9.14 -2.99
CA PRO B 234 -7.05 -8.37 -1.81
C PRO B 234 -8.45 -8.70 -1.36
N PRO B 235 -8.64 -8.99 -0.06
CA PRO B 235 -10.00 -9.26 0.43
C PRO B 235 -10.92 -8.05 0.37
N ASP B 236 -10.38 -6.84 0.53
CA ASP B 236 -11.22 -5.65 0.57
C ASP B 236 -11.47 -5.06 -0.80
N ASN B 237 -11.02 -5.74 -1.86
CA ASN B 237 -11.26 -5.43 -3.27
C ASN B 237 -10.26 -4.41 -3.80
N SER B 238 -9.48 -3.77 -2.93
CA SER B 238 -8.44 -2.83 -3.32
C SER B 238 -7.44 -3.47 -4.28
N ALA B 239 -6.53 -2.66 -4.76
CA ALA B 239 -5.59 -3.05 -5.81
C ALA B 239 -4.50 -3.96 -5.26
N PRO B 240 -4.08 -4.96 -6.03
CA PRO B 240 -2.98 -5.82 -5.61
C PRO B 240 -1.67 -5.07 -5.51
N TYR B 241 -0.79 -5.56 -4.64
CA TYR B 241 0.57 -5.04 -4.57
C TYR B 241 1.36 -5.47 -5.80
N GLY B 242 2.32 -4.66 -6.15
CA GLY B 242 3.27 -5.08 -7.16
C GLY B 242 4.36 -5.92 -6.57
N ALA B 243 4.98 -6.74 -7.40
CA ALA B 243 6.09 -7.56 -6.97
C ALA B 243 7.38 -7.00 -7.52
N ARG B 244 8.40 -6.96 -6.66
CA ARG B 244 9.77 -6.61 -7.02
C ARG B 244 10.66 -7.47 -6.15
N TYR B 245 11.65 -8.11 -6.76
CA TYR B 245 12.64 -8.86 -5.99
C TYR B 245 13.92 -8.85 -6.81
N VAL B 246 14.86 -7.98 -6.44
CA VAL B 246 16.14 -7.88 -7.14
C VAL B 246 17.03 -9.08 -6.83
N GLY B 247 16.97 -9.63 -5.62
CA GLY B 247 17.87 -10.69 -5.22
C GLY B 247 19.14 -10.21 -4.55
N SER B 248 19.28 -8.91 -4.37
CA SER B 248 20.35 -8.32 -3.58
C SER B 248 19.75 -7.55 -2.41
N MET B 249 20.02 -8.00 -1.18
CA MET B 249 19.25 -7.52 -0.02
C MET B 249 19.36 -6.01 0.16
N VAL B 250 20.54 -5.43 -0.08
CA VAL B 250 20.65 -3.99 0.05
C VAL B 250 19.74 -3.29 -0.95
N ALA B 251 19.65 -3.81 -2.17
CA ALA B 251 18.82 -3.15 -3.18
C ALA B 251 17.34 -3.24 -2.85
N ASP B 252 16.89 -4.41 -2.39
CA ASP B 252 15.48 -4.58 -2.07
C ASP B 252 15.11 -3.79 -0.82
N VAL B 253 15.98 -3.81 0.19
CA VAL B 253 15.66 -3.12 1.45
C VAL B 253 15.62 -1.61 1.25
N HIS B 254 16.55 -1.08 0.44
CA HIS B 254 16.56 0.35 0.19
C HIS B 254 15.31 0.81 -0.55
N ARG B 255 14.87 0.03 -1.55
CA ARG B 255 13.61 0.32 -2.22
C ARG B 255 12.44 0.34 -1.22
N THR B 256 12.42 -0.61 -0.26
CA THR B 256 11.39 -0.59 0.77
C THR B 256 11.43 0.71 1.58
N LEU B 257 12.63 1.16 1.95
CA LEU B 257 12.75 2.41 2.69
C LEU B 257 12.18 3.58 1.90
N VAL B 258 12.57 3.70 0.64
CA VAL B 258 12.24 4.89 -0.15
C VAL B 258 10.79 4.85 -0.62
N TYR B 259 10.29 3.69 -1.03
CA TYR B 259 8.98 3.60 -1.66
C TYR B 259 7.90 3.05 -0.72
N GLY B 260 8.28 2.44 0.39
CA GLY B 260 7.35 1.75 1.25
C GLY B 260 7.06 0.32 0.81
N GLY B 261 6.37 -0.40 1.68
CA GLY B 261 6.09 -1.80 1.40
C GLY B 261 6.75 -2.76 2.36
N ILE B 262 6.91 -4.01 1.95
CA ILE B 262 7.38 -5.09 2.81
C ILE B 262 8.41 -5.92 2.05
N PHE B 263 9.40 -6.41 2.80
CA PHE B 263 10.45 -7.29 2.29
C PHE B 263 10.51 -8.56 3.16
N LEU B 264 10.56 -9.74 2.52
CA LEU B 264 10.48 -11.03 3.22
C LEU B 264 11.58 -11.99 2.78
N TYR B 265 12.32 -12.52 3.76
CA TYR B 265 13.13 -13.73 3.60
C TYR B 265 12.85 -14.61 4.82
N PRO B 266 11.71 -15.27 4.83
CA PRO B 266 11.24 -15.89 6.07
C PRO B 266 11.84 -17.25 6.33
N ALA B 267 11.54 -17.75 7.54
CA ALA B 267 11.90 -19.09 7.93
C ALA B 267 10.90 -20.09 7.35
N ASN B 268 11.40 -21.27 6.97
CA ASN B 268 10.54 -22.36 6.55
C ASN B 268 10.97 -23.60 7.32
N LYS B 269 10.53 -24.78 6.88
CA LYS B 269 10.86 -26.00 7.59
C LYS B 269 12.28 -26.47 7.29
N LYS B 270 12.73 -26.30 6.04
CA LYS B 270 14.09 -26.68 5.66
C LYS B 270 15.17 -25.74 6.21
N SER B 271 14.82 -24.48 6.51
CA SER B 271 15.75 -23.50 7.07
C SER B 271 15.02 -22.85 8.22
N PRO B 272 14.92 -23.53 9.36
CA PRO B 272 14.06 -23.03 10.45
C PRO B 272 14.48 -21.68 11.01
N ASN B 273 15.74 -21.28 10.81
CA ASN B 273 16.20 -19.96 11.22
C ASN B 273 16.57 -19.05 10.05
N GLY B 274 16.06 -19.33 8.85
CA GLY B 274 16.32 -18.45 7.72
C GLY B 274 17.68 -18.60 7.07
N LYS B 275 17.97 -17.65 6.17
CA LYS B 275 19.20 -17.61 5.40
C LYS B 275 20.03 -16.34 5.62
N LEU B 276 19.39 -15.19 5.85
CA LEU B 276 20.16 -13.97 6.06
C LEU B 276 20.88 -14.01 7.39
N ARG B 277 22.04 -13.34 7.44
CA ARG B 277 22.93 -13.38 8.59
C ARG B 277 22.52 -12.34 9.63
N LEU B 278 22.53 -12.76 10.89
CA LEU B 278 21.96 -11.90 11.93
C LEU B 278 22.83 -10.65 12.16
N LEU B 279 24.15 -10.81 12.29
CA LEU B 279 24.99 -9.73 12.78
C LEU B 279 25.16 -8.61 11.74
N TYR B 280 25.52 -8.98 10.51
CA TYR B 280 25.95 -8.01 9.50
C TYR B 280 25.04 -7.95 8.28
N GLU B 281 23.85 -8.56 8.33
CA GLU B 281 22.84 -8.32 7.31
C GLU B 281 21.54 -7.88 7.98
N CYS B 282 21.01 -8.71 8.89
CA CYS B 282 19.71 -8.44 9.49
C CYS B 282 19.74 -7.27 10.46
N ASN B 283 20.66 -7.30 11.45
CA ASN B 283 20.64 -6.27 12.49
C ASN B 283 20.80 -4.85 11.95
N PRO B 284 21.81 -4.54 11.12
CA PRO B 284 21.87 -3.16 10.60
C PRO B 284 20.59 -2.74 9.89
N MET B 285 19.95 -3.63 9.11
CA MET B 285 18.76 -3.24 8.36
C MET B 285 17.53 -3.07 9.26
N ALA B 286 17.34 -3.93 10.26
CA ALA B 286 16.30 -3.67 11.25
C ALA B 286 16.55 -2.34 11.98
N TYR B 287 17.80 -2.07 12.32
CA TYR B 287 18.11 -0.85 13.04
C TYR B 287 17.76 0.36 12.20
N VAL B 288 18.15 0.35 10.93
CA VAL B 288 17.80 1.43 10.02
C VAL B 288 16.28 1.56 9.91
N MET B 289 15.59 0.43 9.75
CA MET B 289 14.14 0.44 9.61
C MET B 289 13.46 1.04 10.82
N GLU B 290 13.81 0.56 12.01
CA GLU B 290 13.14 1.08 13.20
C GLU B 290 13.38 2.57 13.33
N LYS B 291 14.63 3.00 13.09
CA LYS B 291 14.96 4.40 13.16
C LYS B 291 14.20 5.24 12.13
N ALA B 292 13.73 4.62 11.07
CA ALA B 292 12.94 5.30 10.04
C ALA B 292 11.44 5.15 10.22
N GLY B 293 10.98 4.55 11.31
CA GLY B 293 9.56 4.37 11.56
C GLY B 293 8.97 3.07 11.06
N GLY B 294 9.79 2.12 10.63
CA GLY B 294 9.34 0.83 10.19
C GLY B 294 9.52 -0.21 11.27
N MET B 295 9.27 -1.47 10.90
CA MET B 295 9.35 -2.59 11.81
C MET B 295 10.20 -3.69 11.19
N ALA B 296 10.74 -4.56 12.02
CA ALA B 296 11.54 -5.65 11.49
C ALA B 296 11.46 -6.80 12.48
N THR B 297 10.95 -7.93 12.01
CA THR B 297 10.54 -9.03 12.85
C THR B 297 11.10 -10.34 12.31
N THR B 298 11.28 -11.30 13.22
CA THR B 298 11.58 -12.68 12.86
C THR B 298 10.32 -13.48 12.66
N GLY B 299 9.16 -12.88 12.91
CA GLY B 299 7.92 -13.61 12.94
C GLY B 299 7.58 -13.90 14.38
N LYS B 300 8.57 -14.39 15.14
CA LYS B 300 8.42 -14.64 16.55
C LYS B 300 8.84 -13.45 17.41
N GLU B 301 9.79 -12.64 16.95
CA GLU B 301 10.25 -11.54 17.78
C GLU B 301 10.92 -10.47 16.91
N ALA B 302 11.18 -9.32 17.52
CA ALA B 302 11.91 -8.25 16.85
C ALA B 302 13.34 -8.67 16.54
N VAL B 303 13.83 -8.25 15.37
CA VAL B 303 15.18 -8.60 14.97
C VAL B 303 16.19 -8.09 15.97
N LEU B 304 16.01 -6.84 16.43
CA LEU B 304 16.96 -6.19 17.33
C LEU B 304 16.99 -6.81 18.71
N ASP B 305 16.06 -7.73 19.01
CA ASP B 305 16.01 -8.39 20.31
C ASP B 305 16.66 -9.76 20.32
N VAL B 306 16.91 -10.36 19.16
CA VAL B 306 17.62 -11.62 19.14
C VAL B 306 18.99 -11.42 19.76
N ILE B 307 19.35 -12.30 20.69
CA ILE B 307 20.69 -12.32 21.26
C ILE B 307 21.45 -13.43 20.55
N PRO B 308 22.45 -13.12 19.73
CA PRO B 308 23.14 -14.15 18.97
C PRO B 308 24.08 -14.93 19.85
N THR B 309 24.32 -16.18 19.44
CA THR B 309 25.33 -17.03 20.05
C THR B 309 26.45 -17.40 19.08
N ASP B 310 26.35 -16.99 17.82
CA ASP B 310 27.34 -17.27 16.79
C ASP B 310 27.41 -16.07 15.86
N ILE B 311 28.61 -15.69 15.45
CA ILE B 311 28.73 -14.49 14.63
C ILE B 311 28.17 -14.73 13.22
N HIS B 312 28.04 -15.98 12.78
CA HIS B 312 27.49 -16.27 11.47
C HIS B 312 26.10 -16.90 11.53
N GLN B 313 25.42 -16.79 12.66
CA GLN B 313 24.09 -17.36 12.75
C GLN B 313 23.12 -16.57 11.87
N ARG B 314 22.07 -17.24 11.43
CA ARG B 314 21.08 -16.68 10.53
C ARG B 314 19.82 -16.30 11.29
N ALA B 315 18.97 -15.49 10.65
CA ALA B 315 17.71 -15.09 11.24
C ALA B 315 16.72 -14.91 10.10
N PRO B 316 15.46 -15.26 10.29
CA PRO B 316 14.43 -14.81 9.34
C PRO B 316 14.10 -13.35 9.58
N VAL B 317 13.64 -12.68 8.52
CA VAL B 317 13.43 -11.24 8.63
C VAL B 317 12.29 -10.81 7.73
N ILE B 318 11.35 -10.08 8.33
CA ILE B 318 10.31 -9.36 7.62
C ILE B 318 10.41 -7.92 8.11
N LEU B 319 10.62 -6.99 7.19
CA LEU B 319 10.83 -5.59 7.56
C LEU B 319 10.17 -4.67 6.54
N GLY B 320 9.91 -3.44 6.96
CA GLY B 320 9.29 -2.46 6.08
C GLY B 320 8.29 -1.53 6.75
N SER B 321 7.31 -1.08 5.96
CA SER B 321 6.28 -0.17 6.46
C SER B 321 5.53 -0.79 7.64
N PRO B 322 5.23 -0.03 8.68
CA PRO B 322 4.62 -0.63 9.89
C PRO B 322 3.31 -1.35 9.63
N ASP B 323 2.40 -0.78 8.83
CA ASP B 323 1.12 -1.43 8.59
C ASP B 323 1.28 -2.73 7.82
N ASP B 324 2.26 -2.80 6.92
CA ASP B 324 2.47 -4.04 6.19
C ASP B 324 3.08 -5.10 7.10
N VAL B 325 4.05 -4.71 7.92
CA VAL B 325 4.62 -5.66 8.88
C VAL B 325 3.57 -6.04 9.93
N LEU B 326 2.72 -5.09 10.31
CA LEU B 326 1.65 -5.44 11.25
C LEU B 326 0.62 -6.34 10.58
N GLU B 327 0.27 -6.05 9.34
CA GLU B 327 -0.65 -6.92 8.61
C GLU B 327 -0.08 -8.33 8.48
N PHE B 328 1.22 -8.45 8.21
CA PHE B 328 1.85 -9.77 8.20
C PHE B 328 1.79 -10.43 9.57
N LEU B 329 2.00 -9.66 10.64
CA LEU B 329 2.01 -10.24 11.98
C LEU B 329 0.64 -10.79 12.38
N LYS B 330 -0.43 -10.12 11.97
CA LYS B 330 -1.78 -10.63 12.25
C LYS B 330 -1.97 -12.02 11.62
N VAL B 331 -1.55 -12.18 10.36
CA VAL B 331 -1.65 -13.48 9.73
C VAL B 331 -0.77 -14.49 10.45
N TYR B 332 0.43 -14.07 10.81
CA TYR B 332 1.33 -14.97 11.52
C TYR B 332 0.74 -15.38 12.86
N GLU B 333 0.23 -14.40 13.62
CA GLU B 333 -0.44 -14.74 14.88
C GLU B 333 -1.61 -15.67 14.62
N LYS B 334 -2.36 -15.43 13.54
CA LYS B 334 -3.55 -16.23 13.25
C LYS B 334 -3.20 -17.69 13.01
N HIS B 335 -2.00 -18.00 12.55
CA HIS B 335 -1.62 -19.39 12.41
C HIS B 335 -1.05 -19.98 13.70
N SER B 336 -1.42 -19.38 14.84
CA SER B 336 -1.04 -19.81 16.18
C SER B 336 0.45 -19.63 16.38
N ASP C 10 27.50 23.20 -33.29
CA ASP C 10 27.18 21.80 -33.03
C ASP C 10 28.34 21.00 -32.46
N VAL C 11 28.03 20.10 -31.52
CA VAL C 11 29.08 19.39 -30.81
C VAL C 11 29.88 18.48 -31.76
N ASN C 12 31.15 18.26 -31.41
CA ASN C 12 32.04 17.39 -32.17
C ASN C 12 33.03 16.72 -31.21
N THR C 13 33.33 15.46 -31.45
CA THR C 13 34.35 14.76 -30.67
C THR C 13 35.54 14.45 -31.56
N LEU C 14 36.65 14.09 -30.91
CA LEU C 14 37.85 13.70 -31.65
C LEU C 14 37.54 12.56 -32.61
N THR C 15 36.82 11.55 -32.13
CA THR C 15 36.53 10.38 -32.94
C THR C 15 35.69 10.73 -34.16
N ARG C 16 34.61 11.49 -33.95
CA ARG C 16 33.76 11.89 -35.06
C ARG C 16 34.50 12.83 -36.02
N PHE C 17 35.34 13.72 -35.50
CA PHE C 17 36.09 14.60 -36.37
C PHE C 17 37.05 13.81 -37.24
N VAL C 18 37.74 12.83 -36.65
CA VAL C 18 38.71 12.05 -37.40
C VAL C 18 38.01 11.22 -38.47
N MET C 19 36.90 10.56 -38.10
CA MET C 19 36.12 9.79 -39.06
C MET C 19 35.59 10.66 -40.20
N GLU C 20 35.03 11.84 -39.89
CA GLU C 20 34.48 12.66 -40.96
C GLU C 20 35.57 13.07 -41.93
N GLU C 21 36.74 13.48 -41.40
CA GLU C 21 37.85 13.84 -42.27
C GLU C 21 38.32 12.64 -43.09
N GLY C 22 38.38 11.46 -42.46
CA GLY C 22 38.78 10.27 -43.19
C GLY C 22 37.78 9.87 -44.27
N ARG C 23 36.50 10.06 -43.99
CA ARG C 23 35.46 9.77 -44.99
C ARG C 23 35.47 10.80 -46.11
N LYS C 24 35.77 12.07 -45.80
CA LYS C 24 35.89 13.08 -46.85
C LYS C 24 36.99 12.70 -47.85
N ALA C 25 38.17 12.35 -47.34
CA ALA C 25 39.31 11.97 -48.20
C ALA C 25 39.15 10.58 -48.82
N ARG C 26 38.10 9.82 -48.45
CA ARG C 26 37.82 8.47 -48.93
C ARG C 26 38.97 7.47 -48.70
N GLY C 27 39.59 7.52 -47.51
CA GLY C 27 40.65 6.60 -47.15
C GLY C 27 40.13 5.27 -46.59
N THR C 28 41.07 4.38 -46.28
CA THR C 28 40.81 3.00 -45.87
C THR C 28 40.38 2.83 -44.42
N GLY C 29 40.61 3.80 -43.55
CA GLY C 29 40.38 3.63 -42.13
C GLY C 29 41.60 3.23 -41.31
N GLU C 30 42.76 3.02 -41.94
CA GLU C 30 43.94 2.62 -41.18
C GLU C 30 44.44 3.77 -40.29
N LEU C 31 44.51 4.99 -40.82
CA LEU C 31 44.97 6.14 -40.05
C LEU C 31 43.97 6.49 -38.96
N THR C 32 42.68 6.43 -39.29
CA THR C 32 41.65 6.67 -38.30
C THR C 32 41.79 5.69 -37.14
N GLN C 33 42.07 4.43 -37.46
CA GLN C 33 42.28 3.43 -36.43
C GLN C 33 43.55 3.68 -35.64
N LEU C 34 44.60 4.20 -36.29
CA LEU C 34 45.77 4.67 -35.56
C LEU C 34 45.36 5.77 -34.56
N LEU C 35 44.61 6.76 -35.05
CA LEU C 35 44.27 7.90 -34.22
C LEU C 35 43.39 7.48 -33.05
N ASN C 36 42.44 6.58 -33.27
CA ASN C 36 41.58 6.14 -32.18
C ASN C 36 42.36 5.39 -31.12
N SER C 37 43.30 4.55 -31.54
CA SER C 37 44.13 3.83 -30.58
C SER C 37 44.99 4.79 -29.78
N LEU C 38 45.56 5.79 -30.44
CA LEU C 38 46.39 6.76 -29.74
C LEU C 38 45.57 7.51 -28.70
N CYS C 39 44.41 8.01 -29.13
CA CYS C 39 43.52 8.75 -28.22
C CYS C 39 43.21 7.92 -26.99
N THR C 40 42.96 6.63 -27.17
CA THR C 40 42.69 5.78 -26.03
C THR C 40 43.88 5.74 -25.09
N ALA C 41 45.10 5.60 -25.63
CA ALA C 41 46.29 5.59 -24.78
C ALA C 41 46.46 6.93 -24.06
N VAL C 42 46.11 8.04 -24.71
CA VAL C 42 46.27 9.35 -24.10
C VAL C 42 45.37 9.49 -22.88
N LYS C 43 44.15 8.99 -22.96
CA LYS C 43 43.25 9.06 -21.82
C LYS C 43 43.74 8.17 -20.68
N ALA C 44 44.35 7.02 -21.00
CA ALA C 44 44.89 6.21 -19.92
C ALA C 44 46.11 6.88 -19.29
N ILE C 45 46.93 7.54 -20.11
CA ILE C 45 48.07 8.29 -19.60
C ILE C 45 47.62 9.45 -18.71
N SER C 46 46.61 10.19 -19.16
CA SER C 46 46.06 11.27 -18.35
C SER C 46 45.55 10.76 -17.01
N SER C 47 44.82 9.64 -17.03
CA SER C 47 44.32 9.07 -15.80
C SER C 47 45.46 8.76 -14.84
N ALA C 48 46.57 8.23 -15.35
CA ALA C 48 47.69 7.90 -14.49
C ALA C 48 48.44 9.14 -14.02
N VAL C 49 48.53 10.19 -14.86
CA VAL C 49 49.26 11.41 -14.48
C VAL C 49 48.52 12.17 -13.35
N ARG C 50 47.19 12.20 -13.39
CA ARG C 50 46.38 12.77 -12.33
C ARG C 50 46.27 11.84 -11.13
N LYS C 51 46.98 10.70 -11.15
CA LYS C 51 47.17 9.81 -10.00
C LYS C 51 45.89 9.05 -9.58
N ALA C 52 45.06 8.66 -10.54
CA ALA C 52 43.94 7.78 -10.22
C ALA C 52 44.45 6.45 -9.68
N GLY C 53 43.89 5.99 -8.58
CA GLY C 53 44.39 4.77 -8.00
C GLY C 53 45.62 4.91 -7.13
N ILE C 54 46.12 6.12 -6.88
CA ILE C 54 47.34 6.28 -6.09
C ILE C 54 47.15 5.76 -4.67
N ALA C 55 45.92 5.76 -4.16
CA ALA C 55 45.68 5.23 -2.82
C ALA C 55 46.09 3.78 -2.70
N HIS C 56 45.91 2.99 -3.75
CA HIS C 56 46.30 1.60 -3.67
C HIS C 56 47.81 1.47 -3.64
N LEU C 57 48.52 2.40 -4.27
CA LEU C 57 49.97 2.42 -4.12
C LEU C 57 50.38 2.66 -2.69
N TYR C 58 49.55 3.35 -1.92
CA TYR C 58 49.92 3.74 -0.57
C TYR C 58 49.23 2.87 0.49
N GLY C 59 48.70 1.72 0.08
CA GLY C 59 48.26 0.73 1.03
C GLY C 59 46.88 0.91 1.60
N ILE C 60 45.96 1.51 0.83
CA ILE C 60 44.56 1.66 1.24
C ILE C 60 43.88 0.31 1.44
N ALA C 61 44.44 -0.74 0.84
CA ALA C 61 43.99 -2.12 1.04
C ALA C 61 45.10 -3.00 1.61
N GLY C 62 46.17 -2.40 2.15
CA GLY C 62 47.32 -3.12 2.65
C GLY C 62 47.98 -4.14 1.71
N LYS C 73 56.72 2.75 -12.74
CA LYS C 73 57.13 4.13 -13.00
C LYS C 73 56.29 4.73 -14.10
N LEU C 74 56.06 6.03 -14.04
CA LEU C 74 55.00 6.65 -14.83
C LEU C 74 55.35 6.70 -16.31
N ASP C 75 56.59 7.06 -16.64
CA ASP C 75 56.92 7.16 -18.07
C ASP C 75 57.06 5.80 -18.72
N VAL C 76 57.38 4.77 -17.93
CA VAL C 76 57.39 3.41 -18.46
C VAL C 76 55.98 2.96 -18.80
N LEU C 77 55.03 3.27 -17.92
CA LEU C 77 53.65 2.91 -18.23
C LEU C 77 53.17 3.67 -19.46
N SER C 78 53.49 4.96 -19.55
CA SER C 78 53.08 5.76 -20.70
C SER C 78 53.55 5.12 -22.00
N ASN C 79 54.82 4.68 -22.04
CA ASN C 79 55.35 3.99 -23.20
C ASN C 79 54.64 2.66 -23.45
N ASP C 80 54.43 1.87 -22.40
CA ASP C 80 53.75 0.58 -22.58
C ASP C 80 52.31 0.77 -23.07
N LEU C 81 51.62 1.79 -22.59
CA LEU C 81 50.26 2.02 -23.06
C LEU C 81 50.25 2.32 -24.56
N VAL C 82 51.13 3.24 -25.00
CA VAL C 82 51.17 3.67 -26.41
C VAL C 82 51.66 2.54 -27.32
N MET C 83 52.76 1.89 -26.93
CA MET C 83 53.29 0.77 -27.72
C MET C 83 52.21 -0.25 -27.94
N ASN C 84 51.50 -0.60 -26.88
CA ASN C 84 50.53 -1.68 -26.98
C ASN C 84 49.30 -1.23 -27.75
N MET C 85 48.82 0.00 -27.52
CA MET C 85 47.66 0.47 -28.27
C MET C 85 47.96 0.65 -29.75
N LEU C 86 49.19 1.01 -30.11
CA LEU C 86 49.59 1.14 -31.51
C LEU C 86 49.84 -0.21 -32.17
N LYS C 87 50.56 -1.10 -31.50
CA LYS C 87 50.73 -2.45 -32.04
C LYS C 87 49.40 -3.05 -32.45
N SER C 88 48.41 -2.95 -31.56
CA SER C 88 47.13 -3.61 -31.70
C SER C 88 46.16 -2.88 -32.61
N SER C 89 46.55 -1.73 -33.15
CA SER C 89 45.71 -1.04 -34.13
C SER C 89 45.81 -1.65 -35.52
N PHE C 90 46.79 -2.54 -35.75
CA PHE C 90 47.08 -3.10 -37.06
C PHE C 90 47.40 -2.01 -38.09
N ALA C 91 47.81 -0.83 -37.63
CA ALA C 91 48.04 0.29 -38.53
C ALA C 91 49.51 0.70 -38.58
N THR C 92 50.38 0.07 -37.81
CA THR C 92 51.75 0.54 -37.71
C THR C 92 52.71 -0.59 -38.05
N CYS C 93 53.95 -0.24 -38.35
CA CYS C 93 54.99 -1.24 -38.59
C CYS C 93 56.33 -0.89 -37.98
N VAL C 94 56.64 0.39 -37.76
CA VAL C 94 57.85 0.84 -37.07
C VAL C 94 57.44 1.87 -36.02
N LEU C 95 57.90 1.66 -34.79
CA LEU C 95 57.61 2.54 -33.65
C LEU C 95 58.89 3.09 -33.07
N VAL C 96 58.97 4.40 -32.91
CA VAL C 96 60.11 5.08 -32.31
C VAL C 96 59.62 5.75 -31.05
N SER C 97 60.27 5.45 -29.92
CA SER C 97 59.94 6.00 -28.61
C SER C 97 61.19 6.62 -27.99
N GLU C 98 61.02 7.76 -27.31
CA GLU C 98 62.12 8.33 -26.54
C GLU C 98 62.65 7.34 -25.52
N GLU C 99 61.82 6.37 -25.12
CA GLU C 99 62.15 5.46 -24.05
C GLU C 99 62.87 4.21 -24.51
N ASP C 100 63.03 4.00 -25.83
CA ASP C 100 63.67 2.81 -26.39
C ASP C 100 64.90 3.18 -27.21
N LYS C 101 66.01 2.46 -26.95
CA LYS C 101 67.25 2.74 -27.66
C LYS C 101 67.10 2.49 -29.15
N HIS C 102 66.39 1.42 -29.51
CA HIS C 102 66.23 0.96 -30.88
C HIS C 102 64.77 1.08 -31.32
N ALA C 103 64.60 1.30 -32.62
CA ALA C 103 63.27 1.27 -33.19
C ALA C 103 62.62 -0.07 -32.93
N ILE C 104 61.31 -0.06 -32.79
CA ILE C 104 60.54 -1.26 -32.55
C ILE C 104 59.86 -1.66 -33.85
N ILE C 105 60.03 -2.91 -34.27
CA ILE C 105 59.44 -3.38 -35.51
C ILE C 105 58.20 -4.17 -35.15
N VAL C 106 57.04 -3.74 -35.63
CA VAL C 106 55.83 -4.48 -35.34
C VAL C 106 55.88 -5.86 -36.01
N GLU C 107 55.39 -6.86 -35.26
CA GLU C 107 55.31 -8.25 -35.72
C GLU C 107 54.47 -8.35 -36.99
N PRO C 108 54.73 -9.36 -37.82
CA PRO C 108 54.11 -9.39 -39.17
C PRO C 108 52.60 -9.41 -39.20
N GLU C 109 51.93 -10.14 -38.31
CA GLU C 109 50.48 -10.19 -38.39
C GLU C 109 49.80 -8.87 -38.05
N LYS C 110 50.53 -7.92 -37.45
CA LYS C 110 49.93 -6.67 -37.01
C LYS C 110 50.40 -5.48 -37.85
N ARG C 111 51.13 -5.71 -38.93
CA ARG C 111 51.73 -4.61 -39.67
C ARG C 111 50.70 -3.82 -40.47
N GLY C 112 50.81 -2.48 -40.38
CA GLY C 112 50.15 -1.52 -41.22
C GLY C 112 51.20 -0.60 -41.82
N LYS C 113 50.81 0.51 -42.47
CA LYS C 113 51.70 1.31 -43.31
C LYS C 113 52.29 2.55 -42.64
N TYR C 114 52.12 2.73 -41.34
CA TYR C 114 52.46 3.99 -40.69
C TYR C 114 53.61 3.84 -39.70
N VAL C 115 54.45 4.86 -39.63
CA VAL C 115 55.57 4.94 -38.70
C VAL C 115 55.23 5.97 -37.64
N VAL C 116 55.37 5.61 -36.36
CA VAL C 116 55.00 6.53 -35.28
C VAL C 116 56.24 6.79 -34.42
N CYS C 117 56.62 8.07 -34.32
CA CYS C 117 57.68 8.53 -33.43
C CYS C 117 57.01 9.30 -32.32
N PHE C 118 57.41 9.05 -31.07
CA PHE C 118 56.68 9.68 -29.99
C PHE C 118 57.52 9.79 -28.72
N ASP C 119 57.19 10.79 -27.91
CA ASP C 119 57.64 10.87 -26.52
C ASP C 119 56.44 10.57 -25.63
N PRO C 120 56.39 9.40 -24.98
CA PRO C 120 55.17 9.00 -24.29
C PRO C 120 54.83 9.87 -23.07
N LEU C 121 55.83 10.48 -22.43
CA LEU C 121 55.59 11.39 -21.32
C LEU C 121 56.75 12.37 -21.18
N ASP C 122 56.75 13.39 -22.03
CA ASP C 122 57.81 14.38 -22.01
C ASP C 122 57.60 15.33 -20.84
N GLY C 123 58.70 15.69 -20.18
CA GLY C 123 58.69 16.44 -18.94
C GLY C 123 58.67 15.59 -17.69
N SER C 124 58.64 14.25 -17.83
CA SER C 124 58.50 13.36 -16.69
C SER C 124 59.67 13.46 -15.72
N SER C 125 60.80 14.01 -16.17
CA SER C 125 61.94 14.22 -15.28
C SER C 125 61.59 15.15 -14.12
N ASN C 126 60.83 16.23 -14.39
CA ASN C 126 60.38 17.14 -13.35
C ASN C 126 58.93 16.91 -12.94
N ILE C 127 58.46 15.66 -12.95
CA ILE C 127 57.09 15.40 -12.55
C ILE C 127 56.94 15.36 -11.04
N ASP C 128 58.05 15.41 -10.30
CA ASP C 128 58.02 15.45 -8.84
C ASP C 128 57.38 16.72 -8.30
N CYS C 129 57.44 17.82 -9.05
CA CYS C 129 56.87 19.10 -8.64
C CYS C 129 55.49 19.38 -9.26
N LEU C 130 54.88 18.39 -9.91
CA LEU C 130 53.56 18.52 -10.53
C LEU C 130 53.58 19.53 -11.67
N VAL C 131 54.77 19.66 -12.28
CA VAL C 131 54.88 20.42 -13.51
C VAL C 131 54.04 19.73 -14.59
N SER C 132 53.61 20.53 -15.56
CA SER C 132 52.91 20.00 -16.71
C SER C 132 53.80 18.97 -17.41
N VAL C 133 53.17 17.90 -17.88
CA VAL C 133 53.82 16.90 -18.71
C VAL C 133 52.97 16.72 -19.96
N GLY C 134 53.47 15.91 -20.88
CA GLY C 134 52.74 15.75 -22.12
C GLY C 134 53.23 14.58 -22.95
N THR C 135 52.43 14.26 -23.95
CA THR C 135 52.73 13.20 -24.89
C THR C 135 52.90 13.82 -26.28
N ILE C 136 53.98 13.49 -26.96
CA ILE C 136 54.25 14.04 -28.29
C ILE C 136 54.32 12.92 -29.31
N PHE C 137 53.74 13.16 -30.49
CA PHE C 137 53.74 12.13 -31.53
C PHE C 137 53.80 12.75 -32.93
N GLY C 138 54.39 11.99 -33.83
CA GLY C 138 54.35 12.29 -35.25
C GLY C 138 54.09 11.01 -36.01
N ILE C 139 53.31 11.12 -37.10
CA ILE C 139 52.87 9.98 -37.88
C ILE C 139 53.35 10.14 -39.32
N TYR C 140 54.14 9.17 -39.78
CA TYR C 140 54.62 9.08 -41.17
C TYR C 140 54.00 7.88 -41.87
N ARG C 141 53.61 8.09 -43.12
CA ARG C 141 53.40 6.94 -44.01
C ARG C 141 54.77 6.36 -44.33
N LYS C 142 54.90 5.03 -44.24
CA LYS C 142 56.18 4.43 -44.59
C LYS C 142 56.45 4.67 -46.07
N LYS C 143 57.70 5.02 -46.37
CA LYS C 143 58.03 5.55 -47.69
C LYS C 143 58.74 4.55 -48.60
N SER C 144 59.45 3.57 -48.05
CA SER C 144 60.18 2.62 -48.86
C SER C 144 59.47 1.29 -48.86
N THR C 145 59.78 0.48 -49.88
CA THR C 145 59.19 -0.83 -50.02
C THR C 145 60.02 -1.93 -49.40
N ASP C 146 61.11 -1.57 -48.71
CA ASP C 146 61.96 -2.57 -48.07
C ASP C 146 61.24 -3.24 -46.90
N GLU C 147 61.84 -4.29 -46.37
CA GLU C 147 61.44 -4.81 -45.08
C GLU C 147 61.50 -3.68 -44.05
N PRO C 148 60.47 -3.52 -43.21
CA PRO C 148 60.46 -2.38 -42.27
C PRO C 148 61.60 -2.47 -41.28
N SER C 149 62.24 -1.32 -41.04
CA SER C 149 63.40 -1.25 -40.18
C SER C 149 63.49 0.14 -39.57
N GLU C 150 64.50 0.34 -38.72
CA GLU C 150 64.76 1.63 -38.09
C GLU C 150 64.85 2.74 -39.13
N LYS C 151 65.28 2.39 -40.35
CA LYS C 151 65.51 3.33 -41.44
C LYS C 151 64.25 4.06 -41.88
N ASP C 152 63.08 3.45 -41.67
CA ASP C 152 61.82 4.05 -42.11
C ASP C 152 61.44 5.30 -41.32
N ALA C 153 62.02 5.50 -40.14
CA ALA C 153 61.74 6.66 -39.30
C ALA C 153 62.63 7.85 -39.61
N LEU C 154 63.62 7.70 -40.47
CA LEU C 154 64.52 8.81 -40.79
C LEU C 154 63.97 9.65 -41.95
N GLN C 155 62.74 10.12 -41.83
CA GLN C 155 62.18 11.03 -42.81
C GLN C 155 62.19 12.45 -42.24
N PRO C 156 62.31 13.47 -43.10
CA PRO C 156 62.17 14.84 -42.63
C PRO C 156 60.74 15.15 -42.23
N GLY C 157 60.62 16.15 -41.35
CA GLY C 157 59.31 16.55 -40.84
C GLY C 157 58.33 16.98 -41.92
N ARG C 158 58.84 17.47 -43.06
CA ARG C 158 57.95 17.77 -44.16
C ARG C 158 57.00 16.62 -44.47
N ASN C 159 57.44 15.37 -44.26
CA ASN C 159 56.66 14.19 -44.64
C ASN C 159 55.51 13.87 -43.68
N LEU C 160 55.39 14.56 -42.56
CA LEU C 160 54.41 14.18 -41.55
C LEU C 160 52.99 14.17 -42.13
N VAL C 161 52.24 13.10 -41.80
CA VAL C 161 50.83 12.96 -42.15
C VAL C 161 49.93 13.54 -41.06
N ALA C 162 50.35 13.36 -39.81
CA ALA C 162 49.65 13.91 -38.66
C ALA C 162 50.67 14.06 -37.54
N ALA C 163 50.47 15.08 -36.73
CA ALA C 163 51.33 15.31 -35.60
C ALA C 163 50.51 16.06 -34.57
N GLY C 164 50.99 16.04 -33.33
CA GLY C 164 50.34 16.79 -32.29
C GLY C 164 50.87 16.39 -30.93
N TYR C 165 50.12 16.79 -29.91
CA TYR C 165 50.52 16.54 -28.53
C TYR C 165 49.29 16.48 -27.62
N ALA C 166 49.49 15.80 -26.48
CA ALA C 166 48.57 15.85 -25.36
C ALA C 166 49.25 16.63 -24.24
N LEU C 167 48.57 17.66 -23.74
CA LEU C 167 49.07 18.45 -22.61
C LEU C 167 48.27 18.03 -21.38
N TYR C 168 48.97 17.50 -20.38
CA TYR C 168 48.38 17.20 -19.09
C TYR C 168 48.74 18.38 -18.18
N GLY C 169 48.00 19.47 -18.37
CA GLY C 169 48.15 20.71 -17.58
C GLY C 169 47.05 20.85 -16.55
N SER C 170 46.57 22.08 -16.37
CA SER C 170 45.43 22.27 -15.48
C SER C 170 44.21 21.48 -15.95
N ALA C 171 44.04 21.33 -17.25
CA ALA C 171 43.13 20.37 -17.85
C ALA C 171 43.91 19.61 -18.93
N THR C 172 43.32 18.53 -19.44
CA THR C 172 44.02 17.70 -20.44
C THR C 172 43.47 18.04 -21.82
N MET C 173 44.35 18.50 -22.70
CA MET C 173 43.97 18.92 -24.05
C MET C 173 44.80 18.18 -25.10
N LEU C 174 44.15 17.77 -26.18
CA LEU C 174 44.83 17.17 -27.32
C LEU C 174 44.82 18.16 -28.46
N VAL C 175 46.00 18.42 -29.01
CA VAL C 175 46.15 19.29 -30.17
C VAL C 175 46.60 18.43 -31.35
N LEU C 176 45.78 18.39 -32.40
CA LEU C 176 46.02 17.58 -33.57
C LEU C 176 46.19 18.48 -34.78
N ALA C 177 47.31 18.33 -35.51
CA ALA C 177 47.56 19.06 -36.76
C ALA C 177 47.60 18.07 -37.94
N MET C 178 46.92 18.44 -39.01
CA MET C 178 46.89 17.66 -40.24
C MET C 178 46.90 18.65 -41.40
N ASP C 179 46.69 18.16 -42.62
CA ASP C 179 46.59 19.05 -43.77
C ASP C 179 45.48 20.06 -43.58
N CYS C 180 44.37 19.65 -42.96
CA CYS C 180 43.23 20.53 -42.76
C CYS C 180 43.47 21.60 -41.68
N GLY C 181 44.59 21.59 -40.97
CA GLY C 181 44.91 22.62 -40.01
C GLY C 181 45.09 22.06 -38.61
N VAL C 182 45.09 22.96 -37.64
CA VAL C 182 45.27 22.61 -36.24
C VAL C 182 43.93 22.70 -35.52
N ASN C 183 43.60 21.66 -34.76
CA ASN C 183 42.42 21.60 -33.93
C ASN C 183 42.77 21.15 -32.53
N CYS C 184 42.04 21.69 -31.54
CA CYS C 184 42.27 21.47 -30.13
C CYS C 184 41.07 20.76 -29.53
N PHE C 185 41.30 19.69 -28.79
CA PHE C 185 40.24 18.91 -28.18
C PHE C 185 40.49 18.84 -26.69
N MET C 186 39.50 19.28 -25.91
CA MET C 186 39.57 19.25 -24.46
C MET C 186 38.97 17.95 -23.94
N LEU C 187 39.72 17.24 -23.10
CA LEU C 187 39.23 16.00 -22.53
C LEU C 187 38.19 16.30 -21.44
N ASP C 188 36.96 15.76 -21.63
CA ASP C 188 35.95 15.89 -20.58
C ASP C 188 36.08 14.68 -19.70
N PRO C 189 36.72 14.83 -18.54
CA PRO C 189 36.96 13.67 -17.68
C PRO C 189 35.68 13.08 -17.11
N ALA C 190 34.59 13.84 -17.06
CA ALA C 190 33.33 13.30 -16.56
C ALA C 190 32.79 12.17 -17.42
N ILE C 191 33.05 12.20 -18.72
CA ILE C 191 32.55 11.18 -19.64
C ILE C 191 33.66 10.54 -20.47
N GLY C 192 34.90 10.97 -20.30
CA GLY C 192 36.01 10.42 -21.06
C GLY C 192 35.94 10.59 -22.56
N GLU C 193 35.65 11.80 -23.03
CA GLU C 193 35.54 12.08 -24.45
C GLU C 193 36.26 13.39 -24.75
N PHE C 194 36.98 13.41 -25.87
CA PHE C 194 37.64 14.63 -26.32
C PHE C 194 36.65 15.50 -27.07
N ILE C 195 36.49 16.73 -26.61
CA ILE C 195 35.54 17.69 -27.15
C ILE C 195 36.28 18.73 -27.98
N LEU C 196 35.86 18.93 -29.21
CA LEU C 196 36.42 19.96 -30.05
C LEU C 196 36.08 21.36 -29.52
N VAL C 197 37.08 22.14 -29.14
CA VAL C 197 36.85 23.48 -28.61
C VAL C 197 37.52 24.57 -29.43
N ASP C 198 38.47 24.27 -30.32
CA ASP C 198 39.09 25.31 -31.16
C ASP C 198 39.30 24.80 -32.58
N LYS C 199 38.56 25.35 -33.52
CA LYS C 199 38.68 24.95 -34.92
C LYS C 199 39.71 25.81 -35.64
N ASP C 200 40.56 25.14 -36.42
CA ASP C 200 41.46 25.78 -37.39
C ASP C 200 42.25 26.91 -36.74
N VAL C 201 43.03 26.52 -35.73
CA VAL C 201 43.72 27.48 -34.88
C VAL C 201 44.87 28.12 -35.64
N LYS C 202 45.10 29.41 -35.38
CA LYS C 202 46.17 30.17 -36.02
C LYS C 202 46.83 31.09 -35.01
N ILE C 203 48.18 31.10 -34.98
CA ILE C 203 48.94 31.87 -33.99
C ILE C 203 48.96 33.35 -34.34
N LYS C 204 49.05 34.19 -33.31
CA LYS C 204 49.27 35.63 -33.50
C LYS C 204 50.49 35.87 -34.36
N LYS C 205 50.43 36.93 -35.17
CA LYS C 205 51.55 37.29 -36.03
C LYS C 205 52.78 37.66 -35.24
N LYS C 206 52.59 38.28 -34.09
CA LYS C 206 53.67 38.70 -33.20
C LYS C 206 53.14 38.62 -31.79
N GLY C 207 54.00 38.24 -30.85
CA GLY C 207 53.60 38.05 -29.47
C GLY C 207 54.28 38.95 -28.47
N LYS C 208 54.10 38.67 -27.18
CA LYS C 208 54.64 39.50 -26.10
C LYS C 208 55.41 38.70 -25.06
N ILE C 209 55.82 37.47 -25.37
CA ILE C 209 56.48 36.59 -24.40
C ILE C 209 57.63 35.85 -25.07
N TYR C 210 58.76 35.74 -24.38
CA TYR C 210 59.84 34.88 -24.82
C TYR C 210 60.10 33.78 -23.79
N SER C 211 60.55 32.64 -24.29
CA SER C 211 60.67 31.44 -23.48
C SER C 211 62.00 30.76 -23.75
N LEU C 212 62.89 30.76 -22.76
CA LEU C 212 64.09 29.95 -22.88
C LEU C 212 64.74 29.86 -21.51
N ASN C 213 65.51 28.79 -21.32
CA ASN C 213 66.27 28.64 -20.08
C ASN C 213 67.46 29.61 -20.07
N GLU C 214 67.28 30.78 -19.47
CA GLU C 214 68.33 31.78 -19.39
C GLU C 214 69.50 31.36 -18.48
N GLY C 215 69.42 30.22 -17.80
CA GLY C 215 70.55 29.75 -17.02
C GLY C 215 71.79 29.40 -17.83
N TYR C 216 71.62 29.10 -19.13
CA TYR C 216 72.73 28.81 -20.01
C TYR C 216 73.30 30.05 -20.67
N ALA C 217 73.05 31.24 -20.10
CA ALA C 217 73.44 32.49 -20.76
C ALA C 217 74.94 32.57 -21.01
N LYS C 218 75.74 32.03 -20.09
CA LYS C 218 77.20 32.01 -20.25
C LYS C 218 77.63 31.27 -21.51
N ASP C 219 76.83 30.32 -21.98
CA ASP C 219 77.17 29.55 -23.16
C ASP C 219 76.41 30.01 -24.40
N PHE C 220 75.58 31.04 -24.30
CA PHE C 220 74.78 31.45 -25.44
C PHE C 220 75.66 31.93 -26.58
N ASP C 221 75.32 31.49 -27.78
CA ASP C 221 75.82 32.09 -29.01
C ASP C 221 75.47 33.58 -29.05
N PRO C 222 76.30 34.39 -29.71
CA PRO C 222 76.05 35.84 -29.79
C PRO C 222 74.69 36.24 -30.36
N ALA C 223 74.16 35.52 -31.35
CA ALA C 223 72.85 35.89 -31.88
C ALA C 223 71.75 35.76 -30.82
N VAL C 224 71.81 34.68 -30.03
CA VAL C 224 70.82 34.45 -28.98
C VAL C 224 70.91 35.51 -27.89
N THR C 225 72.13 35.83 -27.45
CA THR C 225 72.30 36.84 -26.41
C THR C 225 71.78 38.20 -26.86
N GLU C 226 72.05 38.58 -28.10
CA GLU C 226 71.58 39.87 -28.59
C GLU C 226 70.07 39.92 -28.70
N TYR C 227 69.46 38.87 -29.29
CA TYR C 227 68.02 38.90 -29.49
C TYR C 227 67.31 39.03 -28.15
N ILE C 228 67.81 38.35 -27.12
CA ILE C 228 67.18 38.48 -25.82
C ILE C 228 67.37 39.89 -25.27
N GLN C 229 68.56 40.46 -25.51
CA GLN C 229 68.79 41.81 -25.05
C GLN C 229 67.74 42.75 -25.65
N ARG C 230 67.35 42.52 -26.92
CA ARG C 230 66.28 43.30 -27.54
C ARG C 230 64.92 43.05 -26.89
N LYS C 231 64.73 41.93 -26.21
CA LYS C 231 63.45 41.69 -25.57
C LYS C 231 63.37 42.41 -24.24
N LYS C 232 64.47 42.45 -23.49
CA LYS C 232 64.49 43.14 -22.20
C LYS C 232 64.60 44.65 -22.36
N PHE C 233 65.27 45.11 -23.40
CA PHE C 233 65.56 46.52 -23.62
C PHE C 233 65.19 46.90 -25.05
N PRO C 234 63.91 47.05 -25.35
CA PRO C 234 63.50 47.29 -26.73
C PRO C 234 64.11 48.57 -27.28
N PRO C 235 64.68 48.51 -28.49
CA PRO C 235 65.30 49.71 -29.07
C PRO C 235 64.29 50.80 -29.36
N ASP C 236 63.03 50.43 -29.62
CA ASP C 236 61.98 51.39 -29.96
C ASP C 236 61.19 51.90 -28.76
N ASN C 237 61.57 51.53 -27.53
CA ASN C 237 61.02 52.01 -26.26
C ASN C 237 59.71 51.30 -25.90
N SER C 238 59.15 50.47 -26.78
CA SER C 238 57.96 49.67 -26.52
C SER C 238 58.10 48.85 -25.24
N ALA C 239 57.06 48.17 -24.82
CA ALA C 239 57.16 47.46 -23.54
C ALA C 239 58.03 46.21 -23.70
N PRO C 240 58.83 45.88 -22.68
CA PRO C 240 59.66 44.67 -22.77
C PRO C 240 58.78 43.45 -22.89
N TYR C 241 59.31 42.40 -23.51
CA TYR C 241 58.55 41.15 -23.53
C TYR C 241 58.57 40.55 -22.14
N GLY C 242 57.52 39.80 -21.81
CA GLY C 242 57.54 39.00 -20.61
C GLY C 242 58.27 37.70 -20.83
N ALA C 243 58.82 37.17 -19.75
CA ALA C 243 59.56 35.92 -19.79
C ALA C 243 58.73 34.82 -19.16
N ARG C 244 58.70 33.66 -19.80
CA ARG C 244 58.11 32.46 -19.20
C ARG C 244 58.95 31.28 -19.62
N TYR C 245 59.33 30.43 -18.67
CA TYR C 245 60.00 29.17 -19.00
C TYR C 245 59.60 28.16 -17.94
N VAL C 246 58.69 27.26 -18.31
CA VAL C 246 58.26 26.20 -17.42
C VAL C 246 59.28 25.06 -17.32
N GLY C 247 60.02 24.75 -18.40
CA GLY C 247 60.92 23.62 -18.40
C GLY C 247 60.33 22.31 -18.86
N SER C 248 59.07 22.31 -19.29
CA SER C 248 58.42 21.17 -19.90
C SER C 248 57.98 21.59 -21.30
N MET C 249 58.55 20.97 -22.34
CA MET C 249 58.42 21.56 -23.68
C MET C 249 56.96 21.66 -24.14
N VAL C 250 56.14 20.66 -23.85
CA VAL C 250 54.73 20.74 -24.26
C VAL C 250 54.04 21.95 -23.66
N ALA C 251 54.31 22.24 -22.39
CA ALA C 251 53.65 23.37 -21.74
C ALA C 251 54.08 24.68 -22.38
N ASP C 252 55.38 24.85 -22.62
CA ASP C 252 55.88 26.10 -23.19
C ASP C 252 55.41 26.31 -24.63
N VAL C 253 55.44 25.27 -25.45
CA VAL C 253 55.02 25.46 -26.84
C VAL C 253 53.51 25.76 -26.90
N HIS C 254 52.71 25.09 -26.06
CA HIS C 254 51.27 25.34 -26.11
C HIS C 254 50.95 26.77 -25.68
N ARG C 255 51.61 27.27 -24.63
CA ARG C 255 51.47 28.69 -24.30
C ARG C 255 51.86 29.56 -25.49
N THR C 256 52.96 29.20 -26.16
CA THR C 256 53.36 29.92 -27.36
C THR C 256 52.25 29.88 -28.39
N LEU C 257 51.69 28.68 -28.61
CA LEU C 257 50.61 28.52 -29.58
C LEU C 257 49.40 29.35 -29.20
N VAL C 258 49.01 29.31 -27.94
CA VAL C 258 47.78 29.98 -27.51
C VAL C 258 47.96 31.49 -27.39
N TYR C 259 49.12 31.96 -26.89
CA TYR C 259 49.29 33.38 -26.57
C TYR C 259 50.16 34.15 -27.55
N GLY C 260 50.85 33.47 -28.44
CA GLY C 260 51.83 34.12 -29.27
C GLY C 260 53.15 34.25 -28.53
N GLY C 261 54.15 34.69 -29.26
CA GLY C 261 55.48 34.83 -28.69
C GLY C 261 56.49 33.90 -29.32
N ILE C 262 57.56 33.65 -28.60
CA ILE C 262 58.67 32.87 -29.12
C ILE C 262 59.16 31.92 -28.03
N PHE C 263 59.57 30.71 -28.45
CA PHE C 263 60.19 29.71 -27.61
C PHE C 263 61.55 29.34 -28.21
N LEU C 264 62.57 29.22 -27.37
CA LEU C 264 63.92 28.93 -27.80
C LEU C 264 64.54 27.82 -26.93
N TYR C 265 65.10 26.79 -27.57
CA TYR C 265 66.08 25.88 -26.93
C TYR C 265 67.30 25.78 -27.84
N PRO C 266 68.22 26.73 -27.74
CA PRO C 266 69.35 26.82 -28.67
C PRO C 266 70.43 25.83 -28.27
N ALA C 267 71.50 25.80 -29.06
CA ALA C 267 72.64 24.98 -28.71
C ALA C 267 73.46 25.65 -27.63
N ASN C 268 74.01 24.84 -26.70
CA ASN C 268 74.97 25.31 -25.72
C ASN C 268 76.19 24.38 -25.66
N LYS C 269 77.01 24.49 -24.61
CA LYS C 269 78.26 23.75 -24.56
C LYS C 269 78.03 22.28 -24.21
N LYS C 270 77.12 21.99 -23.28
CA LYS C 270 76.81 20.59 -23.03
C LYS C 270 75.99 19.99 -24.16
N SER C 271 75.32 20.81 -24.96
CA SER C 271 74.46 20.32 -26.04
C SER C 271 74.81 21.05 -27.34
N PRO C 272 75.95 20.70 -27.94
CA PRO C 272 76.39 21.42 -29.16
C PRO C 272 75.48 21.23 -30.37
N ASN C 273 74.69 20.17 -30.43
CA ASN C 273 73.70 19.99 -31.50
C ASN C 273 72.29 20.21 -31.00
N GLY C 274 72.16 20.96 -29.91
CA GLY C 274 70.89 21.19 -29.26
C GLY C 274 70.59 20.07 -28.30
N LYS C 275 69.42 20.18 -27.69
CA LYS C 275 68.99 19.25 -26.64
C LYS C 275 67.70 18.53 -26.97
N LEU C 276 66.74 19.21 -27.59
CA LEU C 276 65.48 18.57 -27.94
C LEU C 276 65.68 17.60 -29.10
N ARG C 277 64.90 16.52 -29.11
CA ARG C 277 65.06 15.48 -30.10
C ARG C 277 64.27 15.82 -31.36
N LEU C 278 64.90 15.63 -32.52
CA LEU C 278 64.29 16.05 -33.76
C LEU C 278 63.05 15.22 -34.08
N LEU C 279 63.12 13.90 -33.90
CA LEU C 279 62.09 13.04 -34.44
C LEU C 279 60.78 13.18 -33.67
N TYR C 280 60.82 13.08 -32.35
CA TYR C 280 59.59 12.98 -31.59
C TYR C 280 59.36 14.17 -30.65
N GLU C 281 60.12 15.25 -30.81
CA GLU C 281 59.83 16.50 -30.11
C GLU C 281 59.79 17.66 -31.10
N CYS C 282 60.88 17.91 -31.82
CA CYS C 282 60.94 19.09 -32.68
C CYS C 282 60.02 18.96 -33.91
N ASN C 283 60.08 17.84 -34.63
CA ASN C 283 59.25 17.70 -35.82
C ASN C 283 57.77 17.86 -35.49
N PRO C 284 57.19 17.15 -34.52
CA PRO C 284 55.75 17.39 -34.25
C PRO C 284 55.44 18.84 -33.90
N MET C 285 56.28 19.49 -33.10
CA MET C 285 55.99 20.86 -32.71
C MET C 285 56.15 21.82 -33.88
N ALA C 286 57.18 21.59 -34.70
CA ALA C 286 57.33 22.39 -35.92
C ALA C 286 56.11 22.24 -36.81
N TYR C 287 55.61 21.01 -36.95
CA TYR C 287 54.47 20.76 -37.82
C TYR C 287 53.22 21.47 -37.30
N VAL C 288 52.97 21.40 -35.98
CA VAL C 288 51.85 22.14 -35.42
C VAL C 288 52.01 23.63 -35.70
N MET C 289 53.23 24.14 -35.49
CA MET C 289 53.45 25.57 -35.67
C MET C 289 53.18 26.00 -37.11
N GLU C 290 53.78 25.31 -38.08
CA GLU C 290 53.57 25.72 -39.47
C GLU C 290 52.12 25.56 -39.88
N LYS C 291 51.50 24.42 -39.56
CA LYS C 291 50.10 24.26 -39.94
C LYS C 291 49.21 25.30 -39.27
N ALA C 292 49.64 25.86 -38.13
CA ALA C 292 48.93 26.93 -37.46
C ALA C 292 49.44 28.32 -37.85
N GLY C 293 50.37 28.42 -38.80
CA GLY C 293 50.84 29.70 -39.28
C GLY C 293 52.05 30.28 -38.60
N GLY C 294 52.77 29.49 -37.82
CA GLY C 294 53.99 29.94 -37.17
C GLY C 294 55.22 29.47 -37.92
N MET C 295 56.38 29.65 -37.28
CA MET C 295 57.64 29.22 -37.85
C MET C 295 58.39 28.36 -36.84
N ALA C 296 59.34 27.55 -37.33
CA ALA C 296 60.15 26.69 -36.49
C ALA C 296 61.48 26.42 -37.18
N THR C 297 62.58 26.85 -36.56
CA THR C 297 63.89 26.86 -37.22
C THR C 297 64.98 26.36 -36.27
N THR C 298 66.04 25.83 -36.85
CA THR C 298 67.27 25.50 -36.14
C THR C 298 68.26 26.66 -36.10
N GLY C 299 67.94 27.76 -36.75
CA GLY C 299 68.90 28.83 -36.98
C GLY C 299 69.43 28.81 -38.41
N LYS C 300 69.82 27.63 -38.88
CA LYS C 300 70.29 27.52 -40.24
C LYS C 300 69.16 27.19 -41.21
N GLU C 301 68.16 26.43 -40.77
CA GLU C 301 67.12 25.98 -41.67
C GLU C 301 65.86 25.62 -40.88
N ALA C 302 64.79 25.41 -41.62
CA ALA C 302 63.55 24.95 -41.01
C ALA C 302 63.75 23.59 -40.37
N VAL C 303 63.11 23.39 -39.23
CA VAL C 303 63.20 22.10 -38.55
C VAL C 303 62.65 20.99 -39.43
N LEU C 304 61.54 21.26 -40.12
CA LEU C 304 60.87 20.27 -40.94
C LEU C 304 61.68 19.85 -42.17
N ASP C 305 62.74 20.57 -42.52
CA ASP C 305 63.62 20.22 -43.63
C ASP C 305 64.84 19.44 -43.21
N VAL C 306 65.15 19.36 -41.92
CA VAL C 306 66.28 18.55 -41.49
C VAL C 306 66.04 17.12 -41.90
N ILE C 307 67.06 16.49 -42.49
CA ILE C 307 67.01 15.06 -42.82
C ILE C 307 67.75 14.29 -41.72
N PRO C 308 67.04 13.53 -40.89
CA PRO C 308 67.73 12.82 -39.80
C PRO C 308 68.55 11.65 -40.29
N THR C 309 69.61 11.36 -39.52
CA THR C 309 70.43 10.18 -39.71
C THR C 309 70.39 9.22 -38.53
N ASP C 310 69.79 9.61 -37.39
CA ASP C 310 69.70 8.82 -36.17
C ASP C 310 68.39 9.13 -35.47
N ILE C 311 67.73 8.08 -34.95
CA ILE C 311 66.40 8.26 -34.41
C ILE C 311 66.35 9.06 -33.10
N HIS C 312 67.44 9.15 -32.35
CA HIS C 312 67.42 9.93 -31.12
C HIS C 312 68.26 11.21 -31.24
N GLN C 313 68.59 11.63 -32.46
CA GLN C 313 69.44 12.79 -32.64
C GLN C 313 68.73 14.08 -32.21
N ARG C 314 69.54 15.05 -31.79
CA ARG C 314 69.08 16.32 -31.25
C ARG C 314 69.16 17.43 -32.30
N ALA C 315 68.46 18.53 -32.02
CA ALA C 315 68.48 19.70 -32.89
C ALA C 315 68.17 20.94 -32.07
N PRO C 316 68.76 22.08 -32.43
CA PRO C 316 68.30 23.36 -31.86
C PRO C 316 66.98 23.77 -32.46
N VAL C 317 66.22 24.60 -31.73
CA VAL C 317 64.88 24.96 -32.21
C VAL C 317 64.50 26.33 -31.67
N ILE C 318 64.05 27.20 -32.58
CA ILE C 318 63.43 28.48 -32.23
C ILE C 318 62.08 28.49 -32.93
N LEU C 319 61.00 28.65 -32.17
CA LEU C 319 59.69 28.55 -32.79
C LEU C 319 58.72 29.50 -32.10
N GLY C 320 57.62 29.82 -32.79
CA GLY C 320 56.63 30.71 -32.25
C GLY C 320 56.00 31.61 -33.30
N SER C 321 55.55 32.80 -32.90
CA SER C 321 54.91 33.72 -33.83
C SER C 321 55.83 34.05 -35.00
N PRO C 322 55.28 34.21 -36.21
CA PRO C 322 56.12 34.47 -37.38
C PRO C 322 56.98 35.74 -37.29
N ASP C 323 56.45 36.87 -36.80
CA ASP C 323 57.29 38.06 -36.68
C ASP C 323 58.42 37.92 -35.67
N ASP C 324 58.22 37.15 -34.61
CA ASP C 324 59.29 37.01 -33.62
C ASP C 324 60.39 36.10 -34.14
N VAL C 325 60.02 35.00 -34.80
CA VAL C 325 61.04 34.09 -35.34
C VAL C 325 61.82 34.80 -36.45
N LEU C 326 61.13 35.59 -37.25
CA LEU C 326 61.82 36.36 -38.29
C LEU C 326 62.71 37.42 -37.66
N GLU C 327 62.26 38.06 -36.57
CA GLU C 327 63.13 38.99 -35.88
C GLU C 327 64.38 38.28 -35.33
N PHE C 328 64.22 37.07 -34.76
CA PHE C 328 65.42 36.31 -34.36
C PHE C 328 66.30 35.99 -35.56
N LEU C 329 65.70 35.61 -36.70
CA LEU C 329 66.51 35.21 -37.85
C LEU C 329 67.32 36.36 -38.42
N LYS C 330 66.77 37.58 -38.45
CA LYS C 330 67.56 38.72 -38.88
C LYS C 330 68.76 38.92 -37.95
N VAL C 331 68.54 38.79 -36.65
CA VAL C 331 69.65 38.92 -35.70
C VAL C 331 70.66 37.81 -35.92
N TYR C 332 70.19 36.58 -36.16
CA TYR C 332 71.10 35.46 -36.44
C TYR C 332 71.89 35.70 -37.71
N GLU C 333 71.23 36.18 -38.76
CA GLU C 333 71.92 36.47 -40.01
C GLU C 333 73.01 37.52 -39.80
N LYS C 334 72.74 38.55 -38.99
CA LYS C 334 73.68 39.65 -38.78
C LYS C 334 75.02 39.14 -38.25
N HIS C 335 74.99 38.04 -37.50
CA HIS C 335 76.19 37.46 -36.94
C HIS C 335 76.84 36.46 -37.90
N SER C 336 76.70 36.69 -39.20
CA SER C 336 77.33 35.95 -40.29
C SER C 336 76.82 34.53 -40.45
N ASP D 10 51.43 2.59 7.14
CA ASP D 10 49.99 2.70 7.30
C ASP D 10 49.48 3.89 6.49
N VAL D 11 48.39 3.68 5.74
CA VAL D 11 47.88 4.73 4.85
C VAL D 11 47.25 5.84 5.69
N ASN D 12 47.27 7.05 5.15
CA ASN D 12 46.71 8.19 5.86
C ASN D 12 46.09 9.19 4.89
N THR D 13 44.95 9.74 5.30
CA THR D 13 44.26 10.77 4.52
C THR D 13 44.31 12.11 5.24
N LEU D 14 44.05 13.17 4.46
CA LEU D 14 44.01 14.53 5.01
C LEU D 14 42.98 14.64 6.12
N THR D 15 41.80 14.06 5.91
CA THR D 15 40.77 14.15 6.93
C THR D 15 41.19 13.43 8.21
N ARG D 16 41.68 12.20 8.08
CA ARG D 16 42.09 11.44 9.26
C ARG D 16 43.31 12.05 9.95
N PHE D 17 44.24 12.60 9.17
CA PHE D 17 45.42 13.25 9.75
C PHE D 17 45.04 14.47 10.58
N VAL D 18 44.15 15.29 10.06
CA VAL D 18 43.74 16.51 10.76
C VAL D 18 43.02 16.16 12.04
N MET D 19 42.09 15.19 11.98
CA MET D 19 41.43 14.74 13.19
C MET D 19 42.44 14.28 14.23
N GLU D 20 43.45 13.52 13.78
CA GLU D 20 44.46 13.03 14.71
C GLU D 20 45.21 14.19 15.34
N GLU D 21 45.61 15.18 14.53
CA GLU D 21 46.29 16.33 15.12
C GLU D 21 45.38 17.09 16.06
N GLY D 22 44.10 17.24 15.70
CA GLY D 22 43.16 17.95 16.55
C GLY D 22 42.86 17.22 17.84
N ARG D 23 42.80 15.90 17.79
CA ARG D 23 42.55 15.14 19.01
C ARG D 23 43.76 15.18 19.92
N LYS D 24 44.96 15.18 19.34
CA LYS D 24 46.19 15.28 20.12
C LYS D 24 46.22 16.59 20.91
N ALA D 25 45.97 17.71 20.23
CA ALA D 25 45.99 19.02 20.87
C ALA D 25 44.77 19.28 21.75
N ARG D 26 43.77 18.39 21.73
CA ARG D 26 42.53 18.55 22.50
C ARG D 26 41.86 19.88 22.19
N GLY D 27 41.72 20.17 20.90
CA GLY D 27 40.98 21.33 20.46
C GLY D 27 39.49 21.07 20.29
N THR D 28 38.75 22.14 19.99
CA THR D 28 37.29 22.06 19.97
C THR D 28 36.73 21.38 18.73
N GLY D 29 37.52 21.24 17.66
CA GLY D 29 36.98 20.72 16.42
C GLY D 29 36.55 21.78 15.44
N GLU D 30 36.61 23.05 15.82
CA GLU D 30 36.24 24.12 14.92
C GLU D 30 37.23 24.24 13.76
N LEU D 31 38.53 24.17 14.06
CA LEU D 31 39.51 24.26 12.98
C LEU D 31 39.43 23.03 12.08
N THR D 32 39.27 21.84 12.67
CA THR D 32 39.09 20.64 11.86
C THR D 32 37.91 20.79 10.89
N GLN D 33 36.81 21.37 11.35
CA GLN D 33 35.70 21.58 10.43
C GLN D 33 36.06 22.59 9.35
N LEU D 34 36.76 23.66 9.72
CA LEU D 34 37.23 24.63 8.71
C LEU D 34 38.15 23.94 7.71
N LEU D 35 39.14 23.20 8.18
CA LEU D 35 40.07 22.54 7.27
C LEU D 35 39.36 21.50 6.42
N ASN D 36 38.41 20.78 7.01
CA ASN D 36 37.69 19.78 6.22
C ASN D 36 36.82 20.47 5.17
N SER D 37 36.26 21.63 5.47
CA SER D 37 35.48 22.37 4.47
C SER D 37 36.36 22.86 3.32
N LEU D 38 37.58 23.28 3.61
CA LEU D 38 38.47 23.71 2.54
C LEU D 38 38.76 22.56 1.59
N CYS D 39 39.04 21.37 2.14
CA CYS D 39 39.32 20.17 1.35
C CYS D 39 38.20 19.85 0.34
N THR D 40 36.95 19.91 0.80
CA THR D 40 35.82 19.70 -0.11
C THR D 40 35.78 20.81 -1.17
N ALA D 41 36.03 22.05 -0.76
CA ALA D 41 36.08 23.16 -1.72
C ALA D 41 37.18 22.96 -2.75
N VAL D 42 38.35 22.45 -2.32
CA VAL D 42 39.49 22.27 -3.21
C VAL D 42 39.22 21.19 -4.25
N LYS D 43 38.56 20.09 -3.83
CA LYS D 43 38.21 19.04 -4.77
C LYS D 43 37.18 19.51 -5.79
N ALA D 44 36.25 20.37 -5.37
CA ALA D 44 35.30 20.87 -6.36
C ALA D 44 35.98 21.81 -7.34
N ILE D 45 36.94 22.60 -6.85
CA ILE D 45 37.73 23.42 -7.74
C ILE D 45 38.53 22.52 -8.68
N SER D 46 39.11 21.45 -8.14
CA SER D 46 39.88 20.53 -8.98
C SER D 46 39.03 19.96 -10.11
N SER D 47 37.79 19.57 -9.80
CA SER D 47 36.89 19.06 -10.81
C SER D 47 36.61 20.06 -11.93
N ALA D 48 36.45 21.34 -11.59
CA ALA D 48 36.11 22.35 -12.61
C ALA D 48 37.33 22.73 -13.46
N VAL D 49 38.51 22.82 -12.82
CA VAL D 49 39.72 23.20 -13.53
C VAL D 49 40.10 22.13 -14.54
N ARG D 50 39.88 20.86 -14.19
CA ARG D 50 40.07 19.76 -15.10
C ARG D 50 38.94 19.63 -16.12
N LYS D 51 38.00 20.60 -16.11
CA LYS D 51 36.97 20.76 -17.15
C LYS D 51 35.95 19.63 -17.18
N ALA D 52 35.63 19.04 -16.04
CA ALA D 52 34.55 18.07 -15.99
C ALA D 52 33.24 18.77 -16.35
N GLY D 53 32.45 18.13 -17.22
CA GLY D 53 31.20 18.69 -17.68
C GLY D 53 31.29 19.68 -18.82
N ILE D 54 32.49 19.92 -19.36
CA ILE D 54 32.65 20.91 -20.40
C ILE D 54 31.87 20.50 -21.64
N ALA D 55 31.63 19.20 -21.84
CA ALA D 55 30.86 18.74 -22.99
C ALA D 55 29.43 19.28 -22.95
N HIS D 56 28.87 19.48 -21.75
CA HIS D 56 27.54 20.07 -21.67
C HIS D 56 27.58 21.54 -22.07
N LEU D 57 28.66 22.23 -21.73
CA LEU D 57 28.87 23.61 -22.18
C LEU D 57 28.99 23.72 -23.71
N TYR D 58 29.40 22.66 -24.39
CA TYR D 58 29.56 22.73 -25.83
C TYR D 58 28.41 22.09 -26.59
N GLY D 59 27.30 21.84 -25.91
CA GLY D 59 26.07 21.48 -26.58
C GLY D 59 25.88 20.01 -26.89
N ILE D 60 26.42 19.10 -26.07
CA ILE D 60 26.23 17.67 -26.29
C ILE D 60 24.77 17.30 -26.18
N ALA D 61 23.99 18.11 -25.50
CA ALA D 61 22.56 17.92 -25.36
C ALA D 61 21.80 19.00 -26.13
N GLY D 62 22.46 19.60 -27.11
CA GLY D 62 21.90 20.69 -27.90
C GLY D 62 21.42 21.86 -27.07
N LYS D 73 33.89 32.51 -15.50
CA LYS D 73 33.25 31.84 -14.38
C LYS D 73 34.25 31.15 -13.45
N LEU D 74 35.43 30.78 -13.96
CA LEU D 74 36.25 29.85 -13.19
C LEU D 74 36.78 30.48 -11.91
N ASP D 75 37.28 31.72 -11.93
CA ASP D 75 37.68 32.26 -10.64
C ASP D 75 36.47 32.72 -9.82
N VAL D 76 35.35 33.05 -10.48
CA VAL D 76 34.12 33.35 -9.76
C VAL D 76 33.56 32.10 -9.09
N LEU D 77 33.54 30.97 -9.80
CA LEU D 77 33.11 29.71 -9.18
C LEU D 77 34.06 29.32 -8.05
N SER D 78 35.37 29.46 -8.27
CA SER D 78 36.37 29.17 -7.24
C SER D 78 36.10 29.98 -5.97
N ASN D 79 35.86 31.29 -6.12
CA ASN D 79 35.58 32.12 -4.95
C ASN D 79 34.29 31.69 -4.27
N ASP D 80 33.25 31.38 -5.04
CA ASP D 80 31.96 30.99 -4.49
C ASP D 80 32.03 29.68 -3.71
N LEU D 81 32.81 28.70 -4.21
CA LEU D 81 32.93 27.43 -3.50
C LEU D 81 33.58 27.61 -2.14
N VAL D 82 34.68 28.39 -2.08
CA VAL D 82 35.39 28.56 -0.81
C VAL D 82 34.57 29.41 0.14
N MET D 83 34.01 30.52 -0.34
CA MET D 83 33.13 31.36 0.48
C MET D 83 32.00 30.56 1.09
N ASN D 84 31.29 29.77 0.27
CA ASN D 84 30.13 29.07 0.78
C ASN D 84 30.53 27.92 1.70
N MET D 85 31.59 27.19 1.37
CA MET D 85 32.00 26.11 2.24
C MET D 85 32.54 26.60 3.58
N LEU D 86 33.16 27.79 3.62
CA LEU D 86 33.67 28.33 4.86
C LEU D 86 32.55 28.94 5.71
N LYS D 87 31.70 29.78 5.10
CA LYS D 87 30.53 30.31 5.79
C LYS D 87 29.74 29.18 6.45
N SER D 88 29.48 28.11 5.70
CA SER D 88 28.69 27.02 6.22
C SER D 88 29.52 26.10 7.12
N SER D 89 30.79 26.41 7.36
CA SER D 89 31.55 25.60 8.30
C SER D 89 31.27 25.98 9.75
N PHE D 90 30.67 27.14 10.00
CA PHE D 90 30.47 27.63 11.36
C PHE D 90 31.79 27.81 12.10
N ALA D 91 32.90 28.03 11.37
CA ALA D 91 34.22 28.17 11.97
C ALA D 91 34.87 29.55 11.71
N THR D 92 34.21 30.40 10.95
CA THR D 92 34.82 31.66 10.53
C THR D 92 33.96 32.85 10.94
N CYS D 93 34.56 34.02 10.85
CA CYS D 93 33.84 35.26 11.10
C CYS D 93 34.21 36.37 10.14
N VAL D 94 35.41 36.36 9.56
CA VAL D 94 35.86 37.33 8.57
C VAL D 94 36.54 36.60 7.42
N LEU D 95 36.13 36.90 6.20
CA LEU D 95 36.69 36.27 5.01
C LEU D 95 37.27 37.35 4.10
N VAL D 96 38.54 37.21 3.77
CA VAL D 96 39.24 38.14 2.90
C VAL D 96 39.64 37.37 1.66
N SER D 97 39.23 37.87 0.50
CA SER D 97 39.47 37.21 -0.77
C SER D 97 40.09 38.20 -1.73
N GLU D 98 41.02 37.72 -2.57
CA GLU D 98 41.57 38.54 -3.66
C GLU D 98 40.46 39.09 -4.55
N GLU D 99 39.34 38.39 -4.61
CA GLU D 99 38.23 38.68 -5.51
C GLU D 99 37.17 39.63 -4.95
N ASP D 100 37.28 40.03 -3.68
CA ASP D 100 36.29 40.92 -3.07
C ASP D 100 36.94 42.18 -2.53
N LYS D 101 36.38 43.34 -2.88
CA LYS D 101 36.99 44.59 -2.43
C LYS D 101 37.01 44.68 -0.91
N HIS D 102 35.94 44.25 -0.26
CA HIS D 102 35.85 44.37 1.19
C HIS D 102 35.80 43.00 1.83
N ALA D 103 36.29 42.94 3.06
CA ALA D 103 36.19 41.71 3.84
C ALA D 103 34.74 41.31 3.97
N ILE D 104 34.51 40.03 4.06
CA ILE D 104 33.17 39.50 4.16
C ILE D 104 32.96 39.17 5.63
N ILE D 105 31.89 39.70 6.21
CA ILE D 105 31.57 39.43 7.60
C ILE D 105 30.48 38.38 7.62
N VAL D 106 30.79 37.23 8.22
CA VAL D 106 29.82 36.15 8.33
C VAL D 106 28.69 36.55 9.26
N GLU D 107 27.46 36.16 8.89
CA GLU D 107 26.30 36.43 9.73
C GLU D 107 26.50 35.78 11.09
N PRO D 108 25.90 36.35 12.15
CA PRO D 108 26.24 35.88 13.51
C PRO D 108 25.95 34.41 13.77
N GLU D 109 24.86 33.87 13.23
CA GLU D 109 24.51 32.48 13.48
C GLU D 109 25.46 31.49 12.79
N LYS D 110 26.32 31.96 11.90
CA LYS D 110 27.32 31.10 11.26
C LYS D 110 28.74 31.49 11.68
N ARG D 111 28.88 32.34 12.70
CA ARG D 111 30.19 32.82 13.13
C ARG D 111 30.98 31.78 13.92
N GLY D 112 32.26 31.62 13.57
CA GLY D 112 33.21 30.88 14.36
C GLY D 112 34.45 31.73 14.65
N LYS D 113 35.53 31.14 15.15
CA LYS D 113 36.62 31.94 15.70
C LYS D 113 37.75 32.26 14.72
N TYR D 114 37.61 31.95 13.44
CA TYR D 114 38.75 32.07 12.54
C TYR D 114 38.56 33.11 11.45
N VAL D 115 39.66 33.75 11.07
CA VAL D 115 39.73 34.67 9.94
C VAL D 115 40.53 33.97 8.85
N VAL D 116 39.97 33.90 7.64
CA VAL D 116 40.58 33.17 6.54
C VAL D 116 40.87 34.15 5.43
N CYS D 117 42.11 34.16 4.96
CA CYS D 117 42.51 34.94 3.79
C CYS D 117 42.86 34.04 2.63
N PHE D 118 42.38 34.39 1.43
CA PHE D 118 42.63 33.47 0.34
C PHE D 118 42.60 34.12 -1.03
N ASP D 119 43.37 33.49 -1.93
CA ASP D 119 43.25 33.66 -3.36
C ASP D 119 42.54 32.40 -3.86
N PRO D 120 41.28 32.47 -4.27
CA PRO D 120 40.56 31.24 -4.64
C PRO D 120 41.10 30.56 -5.88
N LEU D 121 41.76 31.27 -6.79
CA LEU D 121 42.34 30.62 -7.94
C LEU D 121 43.49 31.46 -8.47
N ASP D 122 44.67 31.32 -7.87
CA ASP D 122 45.84 32.11 -8.28
C ASP D 122 46.42 31.58 -9.58
N GLY D 123 46.82 32.51 -10.44
CA GLY D 123 47.31 32.19 -11.76
C GLY D 123 46.23 32.11 -12.82
N SER D 124 44.96 32.26 -12.42
CA SER D 124 43.85 32.03 -13.34
C SER D 124 43.85 33.01 -14.50
N SER D 125 44.60 34.12 -14.39
CA SER D 125 44.68 35.06 -15.50
C SER D 125 45.24 34.40 -16.76
N ASN D 126 46.24 33.53 -16.60
CA ASN D 126 46.81 32.74 -17.69
C ASN D 126 46.31 31.29 -17.71
N ILE D 127 45.05 31.04 -17.38
CA ILE D 127 44.55 29.66 -17.43
C ILE D 127 44.11 29.23 -18.82
N ASP D 128 44.03 30.16 -19.77
CA ASP D 128 43.68 29.79 -21.14
C ASP D 128 44.71 28.87 -21.74
N CYS D 129 45.95 28.93 -21.27
CA CYS D 129 47.04 28.10 -21.76
C CYS D 129 47.22 26.80 -20.98
N LEU D 130 46.28 26.47 -20.08
CA LEU D 130 46.31 25.23 -19.28
C LEU D 130 47.53 25.19 -18.38
N VAL D 131 48.03 26.37 -18.02
CA VAL D 131 49.09 26.44 -17.02
C VAL D 131 48.56 25.98 -15.68
N SER D 132 49.46 25.53 -14.81
CA SER D 132 49.09 25.21 -13.44
C SER D 132 48.47 26.43 -12.78
N VAL D 133 47.45 26.19 -11.99
CA VAL D 133 46.82 27.22 -11.19
C VAL D 133 46.74 26.67 -9.77
N GLY D 134 46.30 27.51 -8.83
CA GLY D 134 46.28 27.04 -7.46
C GLY D 134 45.45 27.91 -6.55
N THR D 135 45.17 27.34 -5.38
CA THR D 135 44.41 28.00 -4.32
C THR D 135 45.34 28.17 -3.13
N ILE D 136 45.42 29.39 -2.61
CA ILE D 136 46.31 29.74 -1.50
C ILE D 136 45.44 30.22 -0.36
N PHE D 137 45.78 29.82 0.87
CA PHE D 137 44.98 30.18 2.02
C PHE D 137 45.86 30.37 3.25
N GLY D 138 45.42 31.27 4.15
CA GLY D 138 46.01 31.45 5.47
C GLY D 138 44.93 31.56 6.55
N ILE D 139 45.17 30.95 7.71
CA ILE D 139 44.16 30.85 8.77
C ILE D 139 44.68 31.45 10.08
N TYR D 140 43.99 32.47 10.58
CA TYR D 140 44.29 33.15 11.83
C TYR D 140 43.19 32.91 12.85
N ARG D 141 43.57 32.73 14.11
CA ARG D 141 42.59 32.91 15.18
C ARG D 141 42.29 34.39 15.29
N LYS D 142 41.00 34.74 15.32
CA LYS D 142 40.64 36.13 15.64
C LYS D 142 41.11 36.47 17.06
N LYS D 143 41.57 37.70 17.24
CA LYS D 143 42.33 38.04 18.44
C LYS D 143 41.52 38.82 19.47
N SER D 144 40.55 39.63 19.07
CA SER D 144 39.77 40.43 20.00
C SER D 144 38.31 39.97 20.01
N THR D 145 37.58 40.38 21.04
CA THR D 145 36.17 40.03 21.18
C THR D 145 35.23 41.06 20.55
N ASP D 146 35.74 42.07 19.87
CA ASP D 146 34.88 43.09 19.30
C ASP D 146 34.01 42.50 18.18
N GLU D 147 33.02 43.26 17.76
CA GLU D 147 32.27 42.91 16.57
C GLU D 147 33.23 42.74 15.40
N PRO D 148 33.06 41.70 14.58
CA PRO D 148 34.02 41.45 13.49
C PRO D 148 34.01 42.52 12.42
N SER D 149 35.22 42.88 11.96
CA SER D 149 35.41 43.87 10.92
C SER D 149 36.73 43.57 10.21
N GLU D 150 37.02 44.36 9.18
CA GLU D 150 38.25 44.18 8.43
C GLU D 150 39.49 44.16 9.30
N LYS D 151 39.46 44.88 10.43
CA LYS D 151 40.66 44.96 11.26
C LYS D 151 41.06 43.59 11.79
N ASP D 152 40.15 42.62 11.87
CA ASP D 152 40.56 41.31 12.34
C ASP D 152 41.48 40.60 11.36
N ALA D 153 41.53 41.06 10.11
CA ALA D 153 42.42 40.44 9.13
C ALA D 153 43.80 41.09 9.06
N LEU D 154 44.02 42.21 9.73
CA LEU D 154 45.29 42.93 9.61
C LEU D 154 46.32 42.44 10.62
N GLN D 155 46.54 41.17 10.66
CA GLN D 155 47.56 40.63 11.54
C GLN D 155 48.79 40.24 10.74
N PRO D 156 49.99 40.29 11.33
CA PRO D 156 51.17 39.82 10.61
C PRO D 156 51.13 38.30 10.48
N GLY D 157 51.82 37.82 9.45
CA GLY D 157 51.88 36.40 9.16
C GLY D 157 52.41 35.55 10.28
N ARG D 158 53.20 36.12 11.20
CA ARG D 158 53.62 35.34 12.36
C ARG D 158 52.44 34.71 13.07
N ASN D 159 51.28 35.37 13.03
CA ASN D 159 50.10 34.94 13.78
C ASN D 159 49.38 33.75 13.16
N LEU D 160 49.80 33.30 11.97
CA LEU D 160 49.10 32.27 11.21
C LEU D 160 48.98 30.99 12.03
N VAL D 161 47.78 30.41 12.05
CA VAL D 161 47.59 29.13 12.73
C VAL D 161 47.74 27.95 11.75
N ALA D 162 47.33 28.11 10.51
CA ALA D 162 47.51 27.12 9.48
C ALA D 162 47.53 27.88 8.16
N ALA D 163 48.31 27.36 7.21
CA ALA D 163 48.41 27.97 5.89
C ALA D 163 48.76 26.87 4.90
N GLY D 164 48.56 27.18 3.62
CA GLY D 164 48.93 26.22 2.60
C GLY D 164 48.36 26.58 1.24
N TYR D 165 48.41 25.59 0.35
CA TYR D 165 47.95 25.79 -1.01
C TYR D 165 47.56 24.45 -1.61
N ALA D 166 46.66 24.52 -2.57
CA ALA D 166 46.35 23.41 -3.46
C ALA D 166 46.95 23.74 -4.83
N LEU D 167 47.68 22.79 -5.39
CA LEU D 167 48.26 22.94 -6.73
C LEU D 167 47.51 22.05 -7.70
N TYR D 168 46.88 22.68 -8.70
CA TYR D 168 46.21 21.95 -9.79
C TYR D 168 47.22 21.81 -10.92
N GLY D 169 48.14 20.87 -10.74
CA GLY D 169 49.16 20.65 -11.74
C GLY D 169 48.93 19.40 -12.55
N SER D 170 50.01 18.72 -12.92
CA SER D 170 49.85 17.46 -13.62
C SER D 170 48.97 16.52 -12.81
N ALA D 171 49.03 16.66 -11.49
CA ALA D 171 48.10 16.10 -10.54
C ALA D 171 47.69 17.20 -9.57
N THR D 172 46.73 16.92 -8.70
CA THR D 172 46.28 17.88 -7.69
C THR D 172 46.85 17.53 -6.31
N MET D 173 47.60 18.48 -5.74
CA MET D 173 48.20 18.28 -4.42
C MET D 173 47.82 19.40 -3.48
N LEU D 174 47.61 19.02 -2.22
CA LEU D 174 47.37 19.94 -1.12
C LEU D 174 48.59 19.94 -0.21
N VAL D 175 49.11 21.13 0.04
CA VAL D 175 50.26 21.32 0.91
C VAL D 175 49.76 22.02 2.14
N LEU D 176 49.86 21.38 3.29
CA LEU D 176 49.30 21.94 4.52
C LEU D 176 50.44 22.23 5.47
N ALA D 177 50.54 23.48 5.92
CA ALA D 177 51.56 23.89 6.89
C ALA D 177 50.90 24.29 8.21
N MET D 178 51.44 23.77 9.31
CA MET D 178 51.01 24.15 10.66
C MET D 178 52.24 24.15 11.54
N ASP D 179 52.05 24.34 12.84
CA ASP D 179 53.17 24.27 13.76
C ASP D 179 53.86 22.91 13.73
N CYS D 180 53.09 21.83 13.51
CA CYS D 180 53.72 20.51 13.47
C CYS D 180 54.55 20.32 12.20
N GLY D 181 54.51 21.27 11.27
CA GLY D 181 55.32 21.19 10.07
C GLY D 181 54.46 21.23 8.82
N VAL D 182 55.11 20.91 7.70
CA VAL D 182 54.50 20.93 6.38
C VAL D 182 54.24 19.48 5.98
N ASN D 183 53.04 19.20 5.49
CA ASN D 183 52.70 17.88 4.92
C ASN D 183 52.01 18.04 3.58
N CYS D 184 52.27 17.09 2.68
CA CYS D 184 51.79 17.13 1.30
C CYS D 184 50.84 15.98 1.04
N PHE D 185 49.67 16.28 0.52
CA PHE D 185 48.64 15.29 0.29
C PHE D 185 48.25 15.24 -1.18
N MET D 186 48.31 14.04 -1.76
CA MET D 186 47.93 13.80 -3.16
C MET D 186 46.47 13.38 -3.26
N LEU D 187 45.72 14.07 -4.10
CA LEU D 187 44.33 13.74 -4.37
C LEU D 187 44.27 12.52 -5.30
N ASP D 188 43.64 11.44 -4.83
CA ASP D 188 43.36 10.28 -5.66
C ASP D 188 41.99 10.51 -6.27
N PRO D 189 41.91 10.94 -7.54
CA PRO D 189 40.62 11.29 -8.12
C PRO D 189 39.70 10.10 -8.26
N ALA D 190 40.23 8.88 -8.24
CA ALA D 190 39.39 7.69 -8.32
C ALA D 190 38.46 7.58 -7.14
N ILE D 191 38.86 8.11 -5.98
CA ILE D 191 38.04 7.98 -4.78
C ILE D 191 37.76 9.32 -4.12
N GLY D 192 38.28 10.41 -4.67
CA GLY D 192 38.07 11.71 -4.08
C GLY D 192 38.64 11.79 -2.68
N GLU D 193 39.90 11.38 -2.52
CA GLU D 193 40.59 11.35 -1.23
C GLU D 193 41.99 11.94 -1.37
N PHE D 194 42.43 12.69 -0.34
CA PHE D 194 43.79 13.19 -0.25
C PHE D 194 44.69 12.18 0.50
N ILE D 195 45.72 11.70 -0.16
CA ILE D 195 46.58 10.67 0.41
C ILE D 195 47.88 11.36 0.86
N LEU D 196 48.25 11.15 2.11
CA LEU D 196 49.50 11.71 2.62
C LEU D 196 50.67 11.03 1.94
N VAL D 197 51.52 11.79 1.27
CA VAL D 197 52.64 11.19 0.56
C VAL D 197 54.00 11.70 1.02
N ASP D 198 54.09 12.88 1.64
CA ASP D 198 55.38 13.40 2.15
C ASP D 198 55.14 14.00 3.54
N LYS D 199 55.67 13.36 4.57
CA LYS D 199 55.52 13.81 5.94
C LYS D 199 56.67 14.74 6.30
N ASP D 200 56.34 15.87 6.93
CA ASP D 200 57.33 16.73 7.55
C ASP D 200 58.46 17.11 6.58
N VAL D 201 58.10 17.74 5.47
CA VAL D 201 59.07 18.05 4.41
C VAL D 201 59.92 19.24 4.83
N LYS D 202 61.18 19.21 4.39
CA LYS D 202 62.15 20.28 4.66
C LYS D 202 62.89 20.62 3.38
N ILE D 203 63.03 21.93 3.11
CA ILE D 203 63.62 22.40 1.88
C ILE D 203 65.13 22.19 1.90
N LYS D 204 65.72 21.99 0.71
CA LYS D 204 67.16 21.90 0.56
C LYS D 204 67.87 23.10 1.18
N LYS D 205 69.03 22.86 1.76
CA LYS D 205 69.80 23.95 2.33
C LYS D 205 70.20 24.93 1.25
N LYS D 206 70.45 24.44 0.04
CA LYS D 206 70.77 25.29 -1.10
C LYS D 206 70.25 24.61 -2.36
N GLY D 207 69.77 25.40 -3.31
CA GLY D 207 69.24 24.84 -4.55
C GLY D 207 70.01 25.27 -5.80
N LYS D 208 69.51 24.93 -6.99
CA LYS D 208 70.19 25.25 -8.24
C LYS D 208 69.26 25.92 -9.25
N ILE D 209 68.17 26.53 -8.80
CA ILE D 209 67.16 27.13 -9.66
C ILE D 209 66.80 28.50 -9.11
N TYR D 210 66.67 29.49 -10.00
CA TYR D 210 66.12 30.79 -9.66
C TYR D 210 64.89 31.07 -10.50
N SER D 211 63.94 31.80 -9.92
CA SER D 211 62.62 31.99 -10.52
C SER D 211 62.20 33.45 -10.40
N LEU D 212 62.12 34.15 -11.53
CA LEU D 212 61.56 35.50 -11.61
C LEU D 212 61.40 35.89 -13.08
N ASN D 213 60.51 36.84 -13.33
CA ASN D 213 60.27 37.36 -14.67
C ASN D 213 61.42 38.27 -15.13
N GLU D 214 62.42 37.68 -15.79
CA GLU D 214 63.58 38.41 -16.28
C GLU D 214 63.29 39.33 -17.45
N GLY D 215 62.09 39.26 -18.03
CA GLY D 215 61.73 40.18 -19.09
C GLY D 215 61.66 41.62 -18.64
N TYR D 216 61.44 41.85 -17.35
CA TYR D 216 61.36 43.20 -16.82
C TYR D 216 62.68 43.69 -16.21
N ALA D 217 63.81 43.16 -16.70
CA ALA D 217 65.13 43.50 -16.15
C ALA D 217 65.40 44.99 -16.23
N LYS D 218 64.83 45.66 -17.23
CA LYS D 218 64.93 47.10 -17.37
C LYS D 218 64.50 47.81 -16.10
N ASP D 219 63.60 47.19 -15.35
CA ASP D 219 63.08 47.76 -14.12
C ASP D 219 63.69 47.15 -12.88
N PHE D 220 64.66 46.26 -13.03
CA PHE D 220 65.19 45.59 -11.86
C PHE D 220 65.89 46.56 -10.92
N ASP D 221 65.66 46.39 -9.64
CA ASP D 221 66.48 47.05 -8.65
C ASP D 221 67.93 46.67 -8.90
N PRO D 222 68.88 47.57 -8.64
CA PRO D 222 70.30 47.24 -8.88
C PRO D 222 70.78 45.99 -8.15
N ALA D 223 70.25 45.76 -6.93
CA ALA D 223 70.56 44.55 -6.17
C ALA D 223 70.04 43.29 -6.87
N VAL D 224 68.80 43.35 -7.38
CA VAL D 224 68.21 42.19 -8.07
C VAL D 224 69.00 41.89 -9.33
N THR D 225 69.43 42.93 -10.04
CA THR D 225 70.24 42.75 -11.24
C THR D 225 71.53 42.01 -10.94
N GLU D 226 72.20 42.36 -9.85
CA GLU D 226 73.49 41.74 -9.55
C GLU D 226 73.33 40.29 -9.11
N TYR D 227 72.37 40.02 -8.24
CA TYR D 227 72.23 38.67 -7.72
C TYR D 227 71.93 37.68 -8.84
N ILE D 228 71.08 38.07 -9.79
CA ILE D 228 70.78 37.18 -10.91
C ILE D 228 72.02 37.00 -11.78
N GLN D 229 72.82 38.06 -11.94
CA GLN D 229 74.09 37.96 -12.65
C GLN D 229 75.01 36.93 -12.01
N ARG D 230 75.07 36.89 -10.69
CA ARG D 230 75.88 35.87 -10.04
C ARG D 230 75.36 34.46 -10.27
N LYS D 231 74.07 34.32 -10.56
CA LYS D 231 73.49 33.00 -10.77
C LYS D 231 73.80 32.51 -12.18
N LYS D 232 73.77 33.43 -13.14
CA LYS D 232 74.10 33.05 -14.51
C LYS D 232 75.60 32.94 -14.73
N PHE D 233 76.39 33.76 -14.02
CA PHE D 233 77.84 33.81 -14.20
C PHE D 233 78.51 33.67 -12.85
N PRO D 234 78.55 32.47 -12.30
CA PRO D 234 79.08 32.29 -10.94
C PRO D 234 80.50 32.82 -10.88
N PRO D 235 80.78 33.68 -9.89
CA PRO D 235 82.14 34.23 -9.77
C PRO D 235 83.17 33.15 -9.55
N ASP D 236 82.78 32.04 -8.94
CA ASP D 236 83.73 30.97 -8.63
C ASP D 236 83.88 29.99 -9.79
N ASN D 237 83.97 28.70 -9.46
CA ASN D 237 84.07 27.61 -10.42
C ASN D 237 82.76 26.88 -10.71
N SER D 238 81.79 26.94 -9.81
CA SER D 238 80.57 26.16 -9.97
C SER D 238 79.79 26.54 -11.22
N ALA D 239 78.81 25.70 -11.52
CA ALA D 239 77.94 25.81 -12.68
C ALA D 239 76.88 26.89 -12.49
N PRO D 240 76.49 27.58 -13.56
CA PRO D 240 75.40 28.54 -13.44
C PRO D 240 74.14 27.83 -12.98
N TYR D 241 73.26 28.59 -12.32
CA TYR D 241 71.97 28.05 -11.93
C TYR D 241 71.07 27.92 -13.16
N GLY D 242 70.13 26.99 -13.07
CA GLY D 242 69.06 26.94 -14.05
C GLY D 242 67.95 27.92 -13.74
N ALA D 243 67.26 28.35 -14.79
CA ALA D 243 66.15 29.28 -14.70
C ALA D 243 64.83 28.57 -14.96
N ARG D 244 63.82 28.91 -14.17
CA ARG D 244 62.45 28.45 -14.38
C ARG D 244 61.50 29.55 -13.96
N TYR D 245 60.50 29.86 -14.79
CA TYR D 245 59.46 30.79 -14.35
C TYR D 245 58.15 30.45 -15.04
N VAL D 246 57.25 29.82 -14.29
CA VAL D 246 55.95 29.45 -14.83
C VAL D 246 55.07 30.67 -15.02
N GLY D 247 55.15 31.62 -14.11
CA GLY D 247 54.24 32.74 -14.08
C GLY D 247 52.99 32.48 -13.26
N SER D 248 52.87 31.31 -12.66
CA SER D 248 51.81 30.99 -11.71
C SER D 248 52.44 30.75 -10.35
N MET D 249 52.12 31.61 -9.40
CA MET D 249 52.90 31.68 -8.17
C MET D 249 52.89 30.36 -7.43
N VAL D 250 51.74 29.68 -7.39
CA VAL D 250 51.67 28.42 -6.66
C VAL D 250 52.66 27.43 -7.24
N ALA D 251 52.73 27.34 -8.58
CA ALA D 251 53.60 26.34 -9.22
C ALA D 251 55.08 26.63 -8.97
N ASP D 252 55.50 27.89 -9.11
CA ASP D 252 56.91 28.22 -8.87
C ASP D 252 57.30 28.06 -7.40
N VAL D 253 56.43 28.46 -6.47
CA VAL D 253 56.76 28.27 -5.07
C VAL D 253 56.81 26.79 -4.73
N HIS D 254 55.86 26.00 -5.25
CA HIS D 254 55.89 24.57 -4.95
C HIS D 254 57.13 23.89 -5.52
N ARG D 255 57.48 24.20 -6.78
CA ARG D 255 58.74 23.69 -7.34
C ARG D 255 59.92 24.10 -6.47
N THR D 256 59.92 25.35 -5.99
CA THR D 256 60.97 25.83 -5.09
C THR D 256 61.03 25.01 -3.81
N LEU D 257 59.88 24.72 -3.22
CA LEU D 257 59.85 23.90 -2.02
C LEU D 257 60.41 22.50 -2.30
N VAL D 258 60.01 21.87 -3.41
CA VAL D 258 60.37 20.48 -3.70
C VAL D 258 61.83 20.35 -4.15
N TYR D 259 62.33 21.30 -4.93
CA TYR D 259 63.64 21.23 -5.56
C TYR D 259 64.69 22.14 -4.97
N GLY D 260 64.32 23.06 -4.07
CA GLY D 260 65.24 24.05 -3.58
C GLY D 260 65.37 25.19 -4.56
N GLY D 261 66.13 26.20 -4.16
CA GLY D 261 66.30 27.36 -5.00
C GLY D 261 65.69 28.60 -4.40
N ILE D 262 65.35 29.55 -5.27
CA ILE D 262 64.85 30.86 -4.86
C ILE D 262 63.77 31.33 -5.82
N PHE D 263 62.74 31.95 -5.28
CA PHE D 263 61.68 32.58 -6.05
C PHE D 263 61.62 34.05 -5.68
N LEU D 264 61.56 34.91 -6.69
CA LEU D 264 61.64 36.34 -6.45
C LEU D 264 60.54 37.08 -7.18
N TYR D 265 59.80 37.90 -6.43
CA TYR D 265 58.99 38.97 -6.99
C TYR D 265 59.32 40.22 -6.17
N PRO D 266 60.48 40.81 -6.42
CA PRO D 266 61.00 41.85 -5.53
C PRO D 266 60.47 43.24 -5.85
N ALA D 267 60.75 44.17 -4.93
CA ALA D 267 60.36 45.55 -5.15
C ALA D 267 61.33 46.27 -6.08
N ASN D 268 60.79 47.16 -6.89
CA ASN D 268 61.64 48.04 -7.67
C ASN D 268 61.18 49.48 -7.44
N LYS D 269 61.63 50.42 -8.27
CA LYS D 269 61.22 51.80 -8.05
C LYS D 269 59.84 52.07 -8.65
N LYS D 270 59.48 51.37 -9.74
CA LYS D 270 58.12 51.50 -10.25
C LYS D 270 57.10 50.85 -9.32
N SER D 271 57.52 49.87 -8.53
CA SER D 271 56.65 49.16 -7.59
C SER D 271 57.34 49.06 -6.24
N PRO D 272 57.39 50.15 -5.48
CA PRO D 272 58.20 50.16 -4.26
C PRO D 272 57.79 49.14 -3.22
N ASN D 273 56.57 48.59 -3.29
CA ASN D 273 56.20 47.53 -2.37
C ASN D 273 55.96 46.19 -3.06
N GLY D 274 56.49 45.98 -4.25
CA GLY D 274 56.30 44.71 -4.90
C GLY D 274 54.93 44.63 -5.54
N LYS D 275 54.59 43.41 -5.96
CA LYS D 275 53.30 43.17 -6.59
C LYS D 275 52.42 42.17 -5.88
N LEU D 276 53.00 41.13 -5.28
CA LEU D 276 52.18 40.11 -4.65
C LEU D 276 51.55 40.64 -3.37
N ARG D 277 50.34 40.17 -3.09
CA ARG D 277 49.55 40.67 -1.98
C ARG D 277 49.95 39.98 -0.68
N LEU D 278 50.07 40.78 0.38
CA LEU D 278 50.65 40.27 1.63
C LEU D 278 49.75 39.23 2.30
N LEU D 279 48.45 39.51 2.44
CA LEU D 279 47.62 38.67 3.31
C LEU D 279 47.42 37.29 2.73
N TYR D 280 47.08 37.19 1.44
CA TYR D 280 46.67 35.91 0.85
C TYR D 280 47.60 35.43 -0.26
N GLU D 281 48.78 36.02 -0.43
CA GLU D 281 49.74 35.40 -1.33
C GLU D 281 51.07 35.20 -0.59
N CYS D 282 51.64 36.31 -0.11
CA CYS D 282 52.99 36.29 0.46
C CYS D 282 53.05 35.56 1.80
N ASN D 283 52.18 35.92 2.74
CA ASN D 283 52.20 35.28 4.05
C ASN D 283 51.99 33.78 3.98
N PRO D 284 50.93 33.25 3.33
CA PRO D 284 50.78 31.78 3.35
C PRO D 284 52.01 31.08 2.81
N MET D 285 52.66 31.66 1.79
CA MET D 285 53.87 31.08 1.21
C MET D 285 55.07 31.24 2.14
N ALA D 286 55.22 32.39 2.80
CA ALA D 286 56.27 32.54 3.80
C ALA D 286 56.12 31.53 4.92
N TYR D 287 54.89 31.30 5.35
CA TYR D 287 54.66 30.37 6.44
C TYR D 287 55.07 28.96 6.04
N VAL D 288 54.69 28.52 4.83
CA VAL D 288 55.11 27.19 4.38
C VAL D 288 56.62 27.12 4.34
N MET D 289 57.26 28.16 3.80
CA MET D 289 58.71 28.17 3.69
C MET D 289 59.37 28.07 5.05
N GLU D 290 58.98 28.93 5.98
CA GLU D 290 59.63 28.86 7.28
C GLU D 290 59.36 27.52 7.94
N LYS D 291 58.12 27.01 7.87
CA LYS D 291 57.85 25.70 8.46
C LYS D 291 58.62 24.59 7.77
N ALA D 292 59.04 24.78 6.53
CA ALA D 292 59.86 23.80 5.83
C ALA D 292 61.35 24.07 5.97
N GLY D 293 61.75 25.05 6.78
CA GLY D 293 63.15 25.32 6.98
C GLY D 293 63.74 26.32 6.02
N GLY D 294 62.91 27.02 5.26
CA GLY D 294 63.36 28.05 4.34
C GLY D 294 63.18 29.43 4.92
N MET D 295 63.43 30.43 4.07
CA MET D 295 63.33 31.82 4.46
C MET D 295 62.42 32.58 3.52
N ALA D 296 61.92 33.72 3.99
CA ALA D 296 61.06 34.58 3.19
C ALA D 296 61.25 36.00 3.70
N THR D 297 61.65 36.90 2.80
CA THR D 297 62.01 38.25 3.20
C THR D 297 61.47 39.23 2.19
N THR D 298 61.19 40.46 2.63
CA THR D 298 60.93 41.54 1.68
C THR D 298 62.20 42.25 1.26
N GLY D 299 63.34 41.86 1.81
CA GLY D 299 64.57 42.60 1.60
C GLY D 299 64.88 43.44 2.81
N LYS D 300 63.84 44.10 3.33
CA LYS D 300 63.97 44.88 4.54
C LYS D 300 63.70 44.06 5.79
N GLU D 301 62.80 43.08 5.74
CA GLU D 301 62.46 42.31 6.94
C GLU D 301 61.83 41.00 6.50
N ALA D 302 61.62 40.12 7.49
CA ALA D 302 60.89 38.89 7.24
C ALA D 302 59.48 39.23 6.78
N VAL D 303 58.97 38.45 5.82
CA VAL D 303 57.61 38.67 5.33
C VAL D 303 56.59 38.51 6.45
N LEU D 304 56.78 37.49 7.30
CA LEU D 304 55.84 37.21 8.36
C LEU D 304 55.81 38.27 9.46
N ASP D 305 56.75 39.22 9.44
CA ASP D 305 56.79 40.28 10.44
C ASP D 305 56.10 41.57 10.02
N VAL D 306 55.80 41.76 8.73
CA VAL D 306 55.12 42.97 8.27
C VAL D 306 53.76 43.13 8.93
N ILE D 307 53.47 44.32 9.43
CA ILE D 307 52.16 44.63 9.99
C ILE D 307 51.29 45.22 8.88
N PRO D 308 50.28 44.52 8.41
CA PRO D 308 49.44 45.10 7.38
C PRO D 308 48.51 46.13 7.97
N THR D 309 48.24 47.13 7.17
CA THR D 309 47.32 48.21 7.45
C THR D 309 46.17 48.25 6.45
N ASP D 310 46.20 47.41 5.42
CA ASP D 310 45.18 47.32 4.38
C ASP D 310 45.08 45.87 3.95
N ILE D 311 43.86 45.35 3.81
CA ILE D 311 43.75 43.92 3.55
C ILE D 311 44.27 43.52 2.16
N HIS D 312 44.42 44.46 1.24
CA HIS D 312 44.97 44.20 -0.09
C HIS D 312 46.36 44.76 -0.28
N GLN D 313 47.08 45.11 0.80
CA GLN D 313 48.37 45.72 0.60
C GLN D 313 49.37 44.72 0.00
N ARG D 314 50.35 45.27 -0.71
CA ARG D 314 51.34 44.50 -1.43
C ARG D 314 52.64 44.44 -0.62
N ALA D 315 53.44 43.43 -0.94
CA ALA D 315 54.70 43.19 -0.29
C ALA D 315 55.63 42.59 -1.35
N PRO D 316 56.91 42.94 -1.32
CA PRO D 316 57.88 42.14 -2.05
C PRO D 316 58.18 40.85 -1.28
N VAL D 317 58.62 39.84 -2.02
CA VAL D 317 58.87 38.53 -1.43
C VAL D 317 60.02 37.87 -2.17
N ILE D 318 60.99 37.37 -1.40
CA ILE D 318 62.04 36.47 -1.86
C ILE D 318 62.03 35.30 -0.89
N LEU D 319 61.82 34.11 -1.42
CA LEU D 319 61.71 32.93 -0.59
C LEU D 319 62.41 31.80 -1.29
N GLY D 320 62.70 30.77 -0.51
CA GLY D 320 63.34 29.61 -1.07
C GLY D 320 64.36 29.03 -0.12
N SER D 321 65.36 28.36 -0.67
CA SER D 321 66.39 27.73 0.14
C SER D 321 67.14 28.76 0.98
N PRO D 322 67.46 28.45 2.24
CA PRO D 322 68.06 29.48 3.11
C PRO D 322 69.38 30.05 2.59
N ASP D 323 70.28 29.19 2.11
CA ASP D 323 71.56 29.70 1.64
C ASP D 323 71.38 30.60 0.45
N ASP D 324 70.35 30.36 -0.35
CA ASP D 324 70.11 31.22 -1.50
C ASP D 324 69.53 32.57 -1.06
N VAL D 325 68.57 32.58 -0.14
CA VAL D 325 68.01 33.85 0.35
C VAL D 325 69.06 34.65 1.12
N LEU D 326 69.94 33.97 1.85
CA LEU D 326 70.99 34.69 2.57
C LEU D 326 71.98 35.33 1.61
N GLU D 327 72.35 34.61 0.54
CA GLU D 327 73.22 35.19 -0.48
C GLU D 327 72.57 36.40 -1.12
N PHE D 328 71.28 36.31 -1.41
CA PHE D 328 70.53 37.44 -1.93
C PHE D 328 70.58 38.62 -0.96
N LEU D 329 70.36 38.35 0.33
CA LEU D 329 70.37 39.43 1.31
C LEU D 329 71.74 40.09 1.40
N LYS D 330 72.81 39.30 1.27
CA LYS D 330 74.14 39.89 1.24
C LYS D 330 74.29 40.88 0.08
N VAL D 331 73.83 40.50 -1.12
CA VAL D 331 73.84 41.42 -2.27
C VAL D 331 72.90 42.59 -2.04
N TYR D 332 71.72 42.32 -1.46
CA TYR D 332 70.76 43.38 -1.19
C TYR D 332 71.34 44.43 -0.25
N GLU D 333 71.99 43.98 0.83
CA GLU D 333 72.66 44.90 1.76
C GLU D 333 73.73 45.73 1.04
N LYS D 334 74.41 45.14 0.07
CA LYS D 334 75.50 45.82 -0.62
C LYS D 334 75.03 47.09 -1.35
N HIS D 335 73.80 47.10 -1.87
CA HIS D 335 73.26 48.28 -2.54
C HIS D 335 72.41 49.16 -1.63
N SER D 336 72.56 49.02 -0.31
CA SER D 336 71.73 49.75 0.64
C SER D 336 72.55 50.59 1.61
N ASP E 10 -45.15 -10.61 36.66
CA ASP E 10 -45.26 -9.38 35.87
C ASP E 10 -44.00 -9.19 35.02
N VAL E 11 -44.19 -8.81 33.76
CA VAL E 11 -43.06 -8.71 32.84
C VAL E 11 -42.15 -7.54 33.21
N ASN E 12 -40.86 -7.70 32.92
CA ASN E 12 -39.88 -6.65 33.16
C ASN E 12 -38.83 -6.71 32.05
N THR E 13 -38.40 -5.53 31.63
CA THR E 13 -37.37 -5.32 30.64
C THR E 13 -36.14 -4.69 31.27
N LEU E 14 -35.02 -4.76 30.57
CA LEU E 14 -33.82 -4.15 31.09
C LEU E 14 -34.03 -2.66 31.34
N THR E 15 -34.67 -1.96 30.39
CA THR E 15 -34.88 -0.51 30.52
C THR E 15 -35.81 -0.17 31.67
N ARG E 16 -36.94 -0.87 31.79
CA ARG E 16 -37.85 -0.63 32.90
C ARG E 16 -37.20 -1.00 34.23
N PHE E 17 -36.39 -2.06 34.25
CA PHE E 17 -35.69 -2.42 35.47
C PHE E 17 -34.67 -1.35 35.88
N VAL E 18 -33.89 -0.85 34.93
CA VAL E 18 -32.90 0.16 35.28
C VAL E 18 -33.57 1.44 35.75
N MET E 19 -34.62 1.89 35.04
CA MET E 19 -35.36 3.06 35.49
C MET E 19 -35.89 2.89 36.90
N GLU E 20 -36.35 1.68 37.25
CA GLU E 20 -36.88 1.43 38.58
C GLU E 20 -35.81 1.57 39.65
N GLU E 21 -34.62 1.00 39.39
CA GLU E 21 -33.52 1.14 40.33
C GLU E 21 -33.09 2.59 40.47
N GLY E 22 -33.05 3.31 39.35
CA GLY E 22 -32.68 4.72 39.40
C GLY E 22 -33.69 5.59 40.12
N ARG E 23 -34.98 5.28 39.99
CA ARG E 23 -35.97 6.07 40.70
C ARG E 23 -35.92 5.79 42.19
N LYS E 24 -35.73 4.52 42.59
CA LYS E 24 -35.63 4.22 44.02
C LYS E 24 -34.50 5.00 44.64
N ALA E 25 -33.31 4.91 44.05
CA ALA E 25 -32.18 5.61 44.62
C ALA E 25 -32.20 7.12 44.40
N ARG E 26 -33.17 7.65 43.66
CA ARG E 26 -33.26 9.08 43.44
C ARG E 26 -31.97 9.64 42.86
N GLY E 27 -31.46 8.99 41.79
CA GLY E 27 -30.27 9.45 41.12
C GLY E 27 -30.55 10.49 40.06
N THR E 28 -29.48 11.02 39.47
CA THR E 28 -29.60 12.10 38.50
C THR E 28 -30.12 11.62 37.16
N GLY E 29 -30.09 10.31 36.89
CA GLY E 29 -30.43 9.80 35.60
C GLY E 29 -29.26 9.60 34.68
N GLU E 30 -28.06 10.00 35.10
CA GLU E 30 -26.88 9.91 34.23
C GLU E 30 -26.46 8.46 33.99
N LEU E 31 -26.48 7.64 35.03
CA LEU E 31 -26.11 6.24 34.82
C LEU E 31 -27.16 5.48 34.01
N THR E 32 -28.44 5.72 34.28
CA THR E 32 -29.51 5.09 33.50
C THR E 32 -29.34 5.37 32.01
N GLN E 33 -28.92 6.58 31.67
CA GLN E 33 -28.72 6.94 30.27
C GLN E 33 -27.53 6.21 29.67
N LEU E 34 -26.43 6.09 30.44
CA LEU E 34 -25.28 5.30 30.01
C LEU E 34 -25.68 3.88 29.67
N LEU E 35 -26.41 3.22 30.58
CA LEU E 35 -26.78 1.83 30.38
C LEU E 35 -27.76 1.67 29.22
N ASN E 36 -28.71 2.60 29.07
CA ASN E 36 -29.65 2.49 27.97
C ASN E 36 -28.91 2.56 26.65
N SER E 37 -27.91 3.45 26.55
CA SER E 37 -27.12 3.52 25.34
C SER E 37 -26.32 2.23 25.12
N LEU E 38 -25.80 1.65 26.19
CA LEU E 38 -25.04 0.43 26.07
C LEU E 38 -25.91 -0.71 25.54
N CYS E 39 -27.09 -0.86 26.12
CA CYS E 39 -28.05 -1.87 25.71
C CYS E 39 -28.32 -1.80 24.22
N THR E 40 -28.51 -0.58 23.72
CA THR E 40 -28.72 -0.37 22.29
C THR E 40 -27.52 -0.81 21.48
N ALA E 41 -26.31 -0.55 21.99
CA ALA E 41 -25.10 -1.04 21.34
C ALA E 41 -25.05 -2.57 21.29
N VAL E 42 -25.44 -3.24 22.38
CA VAL E 42 -25.39 -4.71 22.42
C VAL E 42 -26.38 -5.31 21.42
N LYS E 43 -27.58 -4.72 21.27
CA LYS E 43 -28.53 -5.24 20.31
C LYS E 43 -28.04 -5.11 18.87
N ALA E 44 -27.35 -4.01 18.54
CA ALA E 44 -26.80 -3.88 17.19
C ALA E 44 -25.61 -4.81 16.98
N ILE E 45 -24.81 -5.01 18.02
CA ILE E 45 -23.73 -5.99 17.92
C ILE E 45 -24.29 -7.40 17.71
N SER E 46 -25.35 -7.77 18.45
CA SER E 46 -25.95 -9.10 18.29
C SER E 46 -26.45 -9.30 16.86
N SER E 47 -27.20 -8.31 16.34
CA SER E 47 -27.71 -8.36 14.98
C SER E 47 -26.56 -8.55 13.99
N ALA E 48 -25.43 -7.89 14.25
CA ALA E 48 -24.28 -8.00 13.37
C ALA E 48 -23.59 -9.36 13.50
N VAL E 49 -23.50 -9.89 14.72
CA VAL E 49 -22.84 -11.17 14.94
C VAL E 49 -23.65 -12.30 14.32
N ARG E 50 -24.98 -12.17 14.31
CA ARG E 50 -25.83 -13.15 13.60
C ARG E 50 -25.83 -12.96 12.10
N LYS E 51 -25.00 -12.07 11.58
CA LYS E 51 -24.77 -11.89 10.14
C LYS E 51 -26.01 -11.34 9.44
N ALA E 52 -26.78 -10.52 10.14
CA ALA E 52 -27.90 -9.89 9.45
C ALA E 52 -27.39 -9.01 8.31
N GLY E 53 -27.98 -9.16 7.14
CA GLY E 53 -27.53 -8.44 5.98
C GLY E 53 -26.36 -9.07 5.25
N ILE E 54 -25.90 -10.25 5.65
CA ILE E 54 -24.75 -10.83 5.00
C ILE E 54 -25.03 -11.15 3.53
N ALA E 55 -26.31 -11.37 3.17
CA ALA E 55 -26.65 -11.59 1.78
C ALA E 55 -26.21 -10.41 0.92
N HIS E 56 -26.20 -9.22 1.50
CA HIS E 56 -25.72 -8.03 0.79
C HIS E 56 -24.21 -8.02 0.64
N LEU E 57 -23.48 -8.56 1.62
CA LEU E 57 -22.05 -8.71 1.49
C LEU E 57 -21.65 -9.60 0.30
N TYR E 58 -22.53 -10.52 -0.10
CA TYR E 58 -22.21 -11.49 -1.13
C TYR E 58 -22.93 -11.19 -2.43
N GLY E 59 -23.41 -9.97 -2.61
CA GLY E 59 -23.81 -9.52 -3.92
C GLY E 59 -25.21 -9.89 -4.34
N ILE E 60 -26.14 -9.99 -3.40
CA ILE E 60 -27.54 -10.23 -3.77
C ILE E 60 -28.08 -9.10 -4.62
N ALA E 61 -27.51 -7.88 -4.51
CA ALA E 61 -27.90 -6.75 -5.35
C ALA E 61 -26.73 -6.11 -6.09
N GLY E 62 -25.52 -6.65 -6.00
CA GLY E 62 -24.35 -5.97 -6.53
C GLY E 62 -23.62 -6.58 -7.69
N VAL E 71 -18.44 -4.14 4.77
CA VAL E 71 -17.13 -3.49 4.68
C VAL E 71 -16.33 -3.71 5.97
N LYS E 72 -16.87 -3.22 7.07
CA LYS E 72 -16.12 -3.12 8.32
C LYS E 72 -15.95 -4.49 8.97
N LYS E 73 -14.71 -4.82 9.32
CA LYS E 73 -14.44 -6.04 10.07
C LYS E 73 -15.30 -6.06 11.32
N LEU E 74 -15.60 -7.25 11.84
CA LEU E 74 -16.69 -7.35 12.78
C LEU E 74 -16.37 -6.63 14.10
N ASP E 75 -15.15 -6.87 14.64
CA ASP E 75 -14.77 -6.27 15.93
C ASP E 75 -14.43 -4.79 15.81
N VAL E 76 -14.07 -4.32 14.61
CA VAL E 76 -13.95 -2.89 14.40
C VAL E 76 -15.33 -2.24 14.44
N LEU E 77 -16.33 -2.90 13.86
CA LEU E 77 -17.70 -2.41 13.93
C LEU E 77 -18.24 -2.40 15.38
N SER E 78 -17.96 -3.46 16.16
CA SER E 78 -18.42 -3.51 17.55
C SER E 78 -17.89 -2.34 18.35
N ASN E 79 -16.60 -2.05 18.20
CA ASN E 79 -15.98 -0.95 18.93
C ASN E 79 -16.63 0.39 18.58
N ASP E 80 -16.92 0.63 17.29
CA ASP E 80 -17.55 1.88 16.89
C ASP E 80 -18.92 2.06 17.54
N LEU E 81 -19.71 0.98 17.61
CA LEU E 81 -21.04 1.06 18.19
C LEU E 81 -20.98 1.40 19.67
N VAL E 82 -20.10 0.76 20.42
CA VAL E 82 -20.02 1.07 21.84
C VAL E 82 -19.44 2.47 22.05
N MET E 83 -18.38 2.79 21.30
CA MET E 83 -17.77 4.12 21.39
C MET E 83 -18.77 5.23 21.09
N ASN E 84 -19.53 5.08 20.01
CA ASN E 84 -20.41 6.17 19.61
C ASN E 84 -21.62 6.29 20.52
N MET E 85 -22.20 5.16 20.92
CA MET E 85 -23.33 5.18 21.84
C MET E 85 -22.92 5.64 23.24
N LEU E 86 -21.68 5.36 23.67
CA LEU E 86 -21.30 5.88 24.99
C LEU E 86 -21.02 7.37 24.94
N LYS E 87 -20.24 7.79 23.94
CA LYS E 87 -20.02 9.22 23.73
C LYS E 87 -21.36 9.95 23.65
N SER E 88 -22.31 9.42 22.90
CA SER E 88 -23.57 10.12 22.69
C SER E 88 -24.54 9.96 23.86
N SER E 89 -24.13 9.25 24.91
CA SER E 89 -24.96 9.13 26.11
C SER E 89 -24.87 10.34 27.01
N PHE E 90 -23.89 11.20 26.79
CA PHE E 90 -23.52 12.34 27.64
C PHE E 90 -23.19 11.93 29.07
N ALA E 91 -22.83 10.65 29.30
CA ALA E 91 -22.63 10.16 30.64
C ALA E 91 -21.20 9.74 30.92
N THR E 92 -20.30 9.78 29.95
CA THR E 92 -18.97 9.23 30.12
C THR E 92 -17.94 10.33 29.94
N CYS E 93 -16.72 10.04 30.37
CA CYS E 93 -15.61 10.98 30.15
C CYS E 93 -14.31 10.28 29.79
N VAL E 94 -14.11 9.02 30.18
CA VAL E 94 -12.93 8.23 29.82
C VAL E 94 -13.40 6.87 29.33
N LEU E 95 -12.93 6.47 28.16
CA LEU E 95 -13.27 5.19 27.57
C LEU E 95 -12.01 4.36 27.32
N VAL E 96 -12.00 3.14 27.85
CA VAL E 96 -10.89 2.21 27.64
C VAL E 96 -11.42 0.96 26.95
N SER E 97 -10.82 0.59 25.82
CA SER E 97 -11.21 -0.55 25.00
C SER E 97 -10.00 -1.41 24.64
N GLU E 98 -10.22 -2.73 24.52
CA GLU E 98 -9.16 -3.63 24.06
C GLU E 98 -8.56 -3.21 22.72
N GLU E 99 -9.35 -2.50 21.90
CA GLU E 99 -8.97 -2.23 20.52
C GLU E 99 -8.21 -0.92 20.34
N ASP E 100 -8.06 -0.09 21.38
CA ASP E 100 -7.39 1.21 21.30
C ASP E 100 -6.18 1.26 22.21
N LYS E 101 -5.06 1.81 21.71
CA LYS E 101 -3.84 1.85 22.51
C LYS E 101 -4.00 2.75 23.72
N HIS E 102 -4.61 3.91 23.56
CA HIS E 102 -4.76 4.88 24.64
C HIS E 102 -6.23 5.11 24.97
N ALA E 103 -6.47 5.48 26.22
CA ALA E 103 -7.82 5.84 26.62
C ALA E 103 -8.33 6.97 25.75
N ILE E 104 -9.64 6.95 25.50
CA ILE E 104 -10.31 7.97 24.71
C ILE E 104 -10.98 8.95 25.66
N ILE E 105 -10.70 10.23 25.47
CA ILE E 105 -11.26 11.30 26.28
C ILE E 105 -12.39 11.94 25.49
N VAL E 106 -13.61 11.86 26.02
CA VAL E 106 -14.77 12.44 25.35
C VAL E 106 -14.64 13.95 25.29
N GLU E 107 -15.08 14.54 24.18
CA GLU E 107 -15.05 15.99 24.03
C GLU E 107 -15.87 16.69 25.13
N PRO E 108 -15.46 17.89 25.53
CA PRO E 108 -16.10 18.54 26.68
C PRO E 108 -17.59 18.76 26.49
N GLU E 109 -18.05 19.02 25.25
CA GLU E 109 -19.47 19.27 25.04
C GLU E 109 -20.30 18.06 25.40
N LYS E 110 -19.67 16.88 25.45
CA LYS E 110 -20.36 15.64 25.74
C LYS E 110 -19.92 14.96 27.04
N ARG E 111 -19.03 15.59 27.81
CA ARG E 111 -18.44 14.90 28.96
C ARG E 111 -19.47 14.69 30.07
N GLY E 112 -19.47 13.50 30.63
CA GLY E 112 -20.23 13.19 31.82
C GLY E 112 -19.32 12.65 32.89
N LYS E 113 -19.85 12.05 33.95
CA LYS E 113 -19.02 11.77 35.11
C LYS E 113 -18.49 10.35 35.18
N TYR E 114 -18.70 9.52 34.16
CA TYR E 114 -18.41 8.10 34.27
C TYR E 114 -17.27 7.66 33.36
N VAL E 115 -16.51 6.68 33.86
CA VAL E 115 -15.44 6.01 33.12
C VAL E 115 -15.92 4.60 32.82
N VAL E 116 -15.81 4.21 31.55
CA VAL E 116 -16.26 2.89 31.10
C VAL E 116 -15.09 2.19 30.44
N CYS E 117 -14.76 1.00 30.93
CA CYS E 117 -13.80 0.12 30.30
C CYS E 117 -14.53 -1.07 29.68
N PHE E 118 -14.16 -1.43 28.46
CA PHE E 118 -14.87 -2.51 27.80
C PHE E 118 -13.99 -3.23 26.78
N ASP E 119 -14.31 -4.52 26.57
CA ASP E 119 -13.87 -5.36 25.48
C ASP E 119 -15.02 -5.48 24.47
N PRO E 120 -14.93 -4.85 23.29
CA PRO E 120 -16.13 -4.80 22.42
C PRO E 120 -16.55 -6.13 21.82
N LEU E 121 -15.64 -7.06 21.57
CA LEU E 121 -16.02 -8.36 21.04
C LEU E 121 -14.91 -9.36 21.37
N ASP E 122 -14.93 -9.85 22.61
CA ASP E 122 -13.92 -10.78 23.07
C ASP E 122 -14.12 -12.15 22.43
N GLY E 123 -13.03 -12.80 22.10
CA GLY E 123 -13.16 -14.08 21.46
C GLY E 123 -13.39 -14.02 19.97
N SER E 124 -13.45 -12.80 19.39
CA SER E 124 -13.78 -12.64 17.98
C SER E 124 -12.74 -13.30 17.09
N SER E 125 -11.55 -13.57 17.64
CA SER E 125 -10.52 -14.25 16.88
C SER E 125 -11.00 -15.59 16.38
N ASN E 126 -11.76 -16.31 17.20
CA ASN E 126 -12.33 -17.60 16.83
C ASN E 126 -13.80 -17.47 16.44
N ILE E 127 -14.17 -16.36 15.81
CA ILE E 127 -15.53 -16.25 15.29
C ILE E 127 -15.63 -16.92 13.93
N ASP E 128 -14.49 -17.32 13.36
CA ASP E 128 -14.46 -17.99 12.07
C ASP E 128 -15.18 -19.34 12.11
N CYS E 129 -15.21 -19.98 13.27
CA CYS E 129 -15.88 -21.26 13.48
C CYS E 129 -17.26 -21.10 14.13
N LEU E 130 -17.74 -19.87 14.29
CA LEU E 130 -19.05 -19.55 14.85
C LEU E 130 -19.20 -19.98 16.30
N VAL E 131 -18.10 -20.09 17.04
CA VAL E 131 -18.20 -20.32 18.47
C VAL E 131 -18.72 -19.05 19.15
N SER E 132 -19.17 -19.20 20.40
CA SER E 132 -19.67 -18.07 21.19
C SER E 132 -18.67 -16.92 21.28
N VAL E 133 -19.21 -15.70 21.23
CA VAL E 133 -18.49 -14.46 21.46
C VAL E 133 -19.30 -13.61 22.44
N GLY E 134 -18.72 -12.48 22.83
CA GLY E 134 -19.38 -11.65 23.83
C GLY E 134 -18.79 -10.27 23.94
N THR E 135 -19.50 -9.41 24.66
CA THR E 135 -19.06 -8.06 24.99
C THR E 135 -18.94 -7.94 26.51
N ILE E 136 -17.82 -7.39 26.99
CA ILE E 136 -17.54 -7.24 28.43
C ILE E 136 -17.36 -5.76 28.73
N PHE E 137 -17.89 -5.29 29.86
CA PHE E 137 -17.77 -3.86 30.15
C PHE E 137 -17.71 -3.57 31.65
N GLY E 138 -17.04 -2.48 32.00
CA GLY E 138 -17.06 -2.03 33.38
C GLY E 138 -17.22 -0.54 33.50
N ILE E 139 -17.95 -0.10 34.52
CA ILE E 139 -18.34 1.30 34.69
C ILE E 139 -17.79 1.79 36.02
N TYR E 140 -16.97 2.83 35.97
CA TYR E 140 -16.45 3.52 37.15
C TYR E 140 -16.93 4.97 37.19
N ARG E 141 -17.31 5.43 38.38
CA ARG E 141 -17.44 6.87 38.58
C ARG E 141 -16.02 7.46 38.62
N LYS E 142 -15.82 8.54 37.88
CA LYS E 142 -14.58 9.31 37.97
C LYS E 142 -14.42 9.86 39.39
N LYS E 143 -13.18 9.90 39.88
CA LYS E 143 -12.96 10.09 41.31
C LYS E 143 -12.47 11.48 41.71
N SER E 144 -11.76 12.17 40.82
CA SER E 144 -11.23 13.51 41.04
C SER E 144 -11.88 14.51 40.09
N THR E 145 -11.67 15.78 40.39
CA THR E 145 -12.13 16.90 39.57
C THR E 145 -11.08 17.34 38.55
N ASP E 146 -9.99 16.58 38.39
CA ASP E 146 -8.97 16.95 37.42
C ASP E 146 -9.50 16.87 35.99
N GLU E 147 -8.73 17.41 35.07
CA GLU E 147 -8.99 17.17 33.66
C GLU E 147 -9.06 15.66 33.44
N PRO E 148 -10.06 15.15 32.72
CA PRO E 148 -10.13 13.70 32.51
C PRO E 148 -8.91 13.25 31.71
N SER E 149 -8.37 12.09 32.11
CA SER E 149 -7.20 11.54 31.46
C SER E 149 -7.21 10.03 31.67
N GLU E 150 -6.23 9.36 31.08
CA GLU E 150 -6.12 7.91 31.17
C GLU E 150 -6.10 7.39 32.60
N LYS E 151 -5.53 8.15 33.55
CA LYS E 151 -5.43 7.66 34.92
C LYS E 151 -6.78 7.50 35.62
N ASP E 152 -7.83 8.22 35.21
CA ASP E 152 -9.12 8.03 35.86
C ASP E 152 -9.65 6.63 35.66
N ALA E 153 -9.10 5.90 34.69
CA ALA E 153 -9.44 4.51 34.44
C ALA E 153 -8.56 3.55 35.23
N LEU E 154 -7.53 4.02 35.91
CA LEU E 154 -6.67 3.12 36.67
C LEU E 154 -7.24 2.90 38.06
N GLN E 155 -8.45 2.53 38.10
CA GLN E 155 -8.98 2.25 39.42
C GLN E 155 -9.04 0.75 39.65
N PRO E 156 -8.92 0.28 40.89
CA PRO E 156 -9.05 -1.16 41.16
C PRO E 156 -10.49 -1.62 41.01
N GLY E 157 -10.64 -2.94 40.82
CA GLY E 157 -11.96 -3.49 40.58
C GLY E 157 -12.99 -3.23 41.67
N ARG E 158 -12.55 -3.07 42.92
CA ARG E 158 -13.46 -2.72 44.02
C ARG E 158 -14.32 -1.50 43.69
N ASN E 159 -13.78 -0.56 42.90
CA ASN E 159 -14.44 0.73 42.62
C ASN E 159 -15.59 0.64 41.63
N LEU E 160 -15.81 -0.52 41.00
CA LEU E 160 -16.81 -0.63 39.96
C LEU E 160 -18.17 -0.21 40.49
N VAL E 161 -18.87 0.58 39.68
CA VAL E 161 -20.26 0.97 39.95
C VAL E 161 -21.22 -0.04 39.36
N ALA E 162 -20.90 -0.54 38.17
CA ALA E 162 -21.70 -1.53 37.50
C ALA E 162 -20.79 -2.29 36.55
N ALA E 163 -21.12 -3.56 36.32
CA ALA E 163 -20.36 -4.33 35.36
C ALA E 163 -21.25 -5.46 34.86
N GLY E 164 -20.80 -6.08 33.77
CA GLY E 164 -21.47 -7.25 33.25
C GLY E 164 -20.92 -7.62 31.89
N TYR E 165 -21.68 -8.43 31.18
CA TYR E 165 -21.25 -8.90 29.87
C TYR E 165 -22.48 -9.27 29.06
N ALA E 166 -22.35 -9.21 27.73
CA ALA E 166 -23.34 -9.72 26.79
C ALA E 166 -22.78 -10.93 26.07
N LEU E 167 -23.52 -12.02 26.10
CA LEU E 167 -23.11 -13.25 25.44
C LEU E 167 -23.96 -13.52 24.21
N TYR E 168 -23.31 -13.59 23.04
CA TYR E 168 -23.97 -13.97 21.79
C TYR E 168 -23.73 -15.47 21.58
N GLY E 169 -24.55 -16.27 22.27
CA GLY E 169 -24.48 -17.72 22.22
C GLY E 169 -25.59 -18.29 21.37
N SER E 170 -26.10 -19.47 21.77
CA SER E 170 -27.23 -20.00 21.04
C SER E 170 -28.36 -18.99 21.01
N ALA E 171 -28.48 -18.19 22.09
CA ALA E 171 -29.28 -16.98 22.15
C ALA E 171 -28.42 -15.85 22.74
N THR E 172 -28.93 -14.62 22.67
CA THR E 172 -28.21 -13.43 23.14
C THR E 172 -28.71 -13.06 24.54
N MET E 173 -27.79 -12.99 25.49
CA MET E 173 -28.12 -12.65 26.87
C MET E 173 -27.20 -11.55 27.36
N LEU E 174 -27.78 -10.63 28.13
CA LEU E 174 -27.03 -9.59 28.82
C LEU E 174 -27.12 -9.83 30.32
N VAL E 175 -25.96 -9.91 30.97
CA VAL E 175 -25.86 -10.12 32.40
C VAL E 175 -25.36 -8.83 33.02
N LEU E 176 -26.13 -8.28 33.95
CA LEU E 176 -25.83 -7.00 34.59
C LEU E 176 -25.59 -7.22 36.07
N ALA E 177 -24.44 -6.75 36.56
CA ALA E 177 -24.10 -6.81 37.97
C ALA E 177 -24.00 -5.40 38.53
N MET E 178 -24.64 -5.19 39.67
CA MET E 178 -24.57 -3.95 40.41
C MET E 178 -24.60 -4.30 41.89
N ASP E 179 -24.72 -3.26 42.72
CA ASP E 179 -24.76 -3.44 44.18
C ASP E 179 -25.90 -4.33 44.63
N CYS E 180 -27.05 -4.21 43.98
CA CYS E 180 -28.20 -5.02 44.38
C CYS E 180 -28.10 -6.47 43.93
N GLY E 181 -27.11 -6.84 43.10
CA GLY E 181 -26.89 -8.21 42.66
C GLY E 181 -26.83 -8.37 41.15
N VAL E 182 -26.89 -9.62 40.69
CA VAL E 182 -26.77 -9.97 39.29
C VAL E 182 -28.14 -10.35 38.76
N ASN E 183 -28.51 -9.79 37.61
CA ASN E 183 -29.74 -10.13 36.92
C ASN E 183 -29.43 -10.37 35.46
N CYS E 184 -30.18 -11.32 34.88
CA CYS E 184 -29.98 -11.83 33.52
C CYS E 184 -31.17 -11.52 32.62
N PHE E 185 -30.89 -10.98 31.44
CA PHE E 185 -31.89 -10.56 30.49
C PHE E 185 -31.69 -11.29 29.17
N MET E 186 -32.75 -11.90 28.66
CA MET E 186 -32.71 -12.58 27.37
C MET E 186 -33.12 -11.63 26.26
N LEU E 187 -32.32 -11.56 25.21
CA LEU E 187 -32.67 -10.72 24.06
C LEU E 187 -33.76 -11.40 23.22
N ASP E 188 -34.91 -10.74 23.08
CA ASP E 188 -35.96 -11.24 22.20
C ASP E 188 -35.76 -10.59 20.85
N PRO E 189 -35.26 -11.32 19.84
CA PRO E 189 -35.03 -10.66 18.55
C PRO E 189 -36.33 -10.22 17.88
N ALA E 190 -37.46 -10.84 18.21
CA ALA E 190 -38.75 -10.49 17.62
C ALA E 190 -39.18 -9.06 17.92
N ILE E 191 -38.82 -8.55 19.09
CA ILE E 191 -39.25 -7.22 19.50
C ILE E 191 -38.09 -6.33 19.93
N GLY E 192 -36.85 -6.83 19.93
CA GLY E 192 -35.73 -6.01 20.34
C GLY E 192 -35.82 -5.54 21.78
N GLU E 193 -36.09 -6.46 22.70
CA GLU E 193 -36.17 -6.14 24.11
C GLU E 193 -35.39 -7.16 24.92
N PHE E 194 -34.65 -6.67 25.89
CA PHE E 194 -34.00 -7.55 26.84
C PHE E 194 -35.03 -7.84 27.91
N ILE E 195 -35.38 -9.11 28.06
CA ILE E 195 -36.44 -9.53 28.95
C ILE E 195 -35.80 -10.13 30.18
N LEU E 196 -36.21 -9.67 31.35
CA LEU E 196 -35.66 -10.18 32.58
C LEU E 196 -36.10 -11.63 32.80
N VAL E 197 -35.13 -12.55 32.83
CA VAL E 197 -35.43 -13.97 32.97
C VAL E 197 -34.77 -14.61 34.19
N ASP E 198 -33.76 -13.98 34.80
CA ASP E 198 -33.12 -14.50 36.00
C ASP E 198 -32.87 -13.35 36.96
N LYS E 199 -33.59 -13.33 38.07
CA LYS E 199 -33.49 -12.28 39.08
C LYS E 199 -32.48 -12.69 40.14
N ASP E 200 -31.59 -11.76 40.50
CA ASP E 200 -30.72 -11.83 41.67
C ASP E 200 -29.99 -13.18 41.74
N VAL E 201 -29.23 -13.47 40.67
CA VAL E 201 -28.65 -14.80 40.52
C VAL E 201 -27.47 -15.02 41.46
N LYS E 202 -27.30 -16.26 41.89
CA LYS E 202 -26.20 -16.64 42.77
C LYS E 202 -25.61 -17.97 42.30
N ILE E 203 -24.29 -18.05 42.26
CA ILE E 203 -23.63 -19.25 41.71
C ILE E 203 -23.73 -20.41 42.71
N LYS E 204 -23.78 -21.64 42.18
CA LYS E 204 -23.72 -22.84 43.02
C LYS E 204 -22.47 -22.81 43.90
N LYS E 205 -22.60 -23.30 45.13
CA LYS E 205 -21.48 -23.17 46.05
C LYS E 205 -20.27 -23.97 45.60
N LYS E 206 -20.49 -25.09 44.91
CA LYS E 206 -19.43 -25.90 44.33
C LYS E 206 -19.95 -26.58 43.06
N GLY E 207 -19.07 -26.74 42.07
CA GLY E 207 -19.45 -27.27 40.78
C GLY E 207 -18.82 -28.60 40.38
N LYS E 208 -19.02 -29.01 39.12
CA LYS E 208 -18.52 -30.28 38.60
C LYS E 208 -17.78 -30.13 37.28
N ILE E 209 -17.37 -28.90 36.92
CA ILE E 209 -16.72 -28.61 35.64
C ILE E 209 -15.52 -27.71 35.91
N TYR E 210 -14.38 -28.02 35.28
CA TYR E 210 -13.23 -27.13 35.30
C TYR E 210 -12.90 -26.68 33.87
N SER E 211 -12.37 -25.48 33.75
CA SER E 211 -12.22 -24.88 32.43
C SER E 211 -10.85 -24.24 32.34
N LEU E 212 -10.00 -24.81 31.49
CA LEU E 212 -8.70 -24.22 31.20
C LEU E 212 -8.15 -24.94 29.98
N ASN E 213 -7.23 -24.27 29.30
CA ASN E 213 -6.55 -24.85 28.14
C ASN E 213 -5.48 -25.84 28.61
N GLU E 214 -5.87 -27.12 28.68
CA GLU E 214 -4.93 -28.16 29.08
C GLU E 214 -3.86 -28.42 28.03
N GLY E 215 -3.98 -27.80 26.84
CA GLY E 215 -2.93 -27.98 25.86
C GLY E 215 -1.61 -27.40 26.29
N TYR E 216 -1.63 -26.41 27.18
CA TYR E 216 -0.44 -25.73 27.67
C TYR E 216 0.07 -26.32 28.98
N ALA E 217 -0.29 -27.58 29.26
CA ALA E 217 0.07 -28.23 30.53
C ALA E 217 1.58 -28.28 30.75
N LYS E 218 2.37 -28.38 29.67
CA LYS E 218 3.81 -28.43 29.79
C LYS E 218 4.37 -27.24 30.57
N ASP E 219 3.67 -26.11 30.52
CA ASP E 219 4.09 -24.89 31.19
C ASP E 219 3.37 -24.65 32.49
N PHE E 220 2.55 -25.61 32.96
CA PHE E 220 1.78 -25.38 34.16
C PHE E 220 2.67 -25.15 35.37
N ASP E 221 2.29 -24.16 36.16
CA ASP E 221 2.77 -24.05 37.52
C ASP E 221 2.43 -25.36 38.23
N PRO E 222 3.26 -25.81 39.16
CA PRO E 222 2.97 -27.10 39.84
C PRO E 222 1.61 -27.12 40.51
N ALA E 223 1.15 -26.00 41.06
CA ALA E 223 -0.17 -25.97 41.71
C ALA E 223 -1.29 -26.26 40.72
N VAL E 224 -1.22 -25.69 39.52
CA VAL E 224 -2.23 -25.99 38.52
C VAL E 224 -2.15 -27.44 38.10
N THR E 225 -0.93 -27.97 37.91
CA THR E 225 -0.82 -29.38 37.60
C THR E 225 -1.44 -30.22 38.71
N GLU E 226 -1.19 -29.83 39.97
CA GLU E 226 -1.74 -30.61 41.08
C GLU E 226 -3.25 -30.49 41.17
N TYR E 227 -3.77 -29.26 41.05
CA TYR E 227 -5.22 -29.07 41.19
C TYR E 227 -5.98 -29.80 40.09
N ILE E 228 -5.48 -29.74 38.85
CA ILE E 228 -6.12 -30.44 37.74
C ILE E 228 -6.02 -31.96 37.95
N GLN E 229 -4.89 -32.42 38.48
CA GLN E 229 -4.77 -33.83 38.87
C GLN E 229 -5.84 -34.22 39.86
N ARG E 230 -6.12 -33.35 40.82
CA ARG E 230 -7.13 -33.66 41.82
C ARG E 230 -8.51 -33.76 41.20
N LYS E 231 -8.72 -33.08 40.07
CA LYS E 231 -10.03 -33.09 39.43
C LYS E 231 -10.24 -34.33 38.57
N LYS E 232 -9.20 -34.83 37.90
CA LYS E 232 -9.37 -36.06 37.13
C LYS E 232 -9.36 -37.28 38.03
N PHE E 233 -8.57 -37.23 39.09
CA PHE E 233 -8.36 -38.36 40.00
C PHE E 233 -8.68 -37.85 41.39
N PRO E 234 -9.95 -37.71 41.72
CA PRO E 234 -10.31 -37.19 43.03
C PRO E 234 -9.80 -38.13 44.11
N PRO E 235 -9.05 -37.63 45.09
CA PRO E 235 -8.52 -38.51 46.13
C PRO E 235 -9.60 -39.14 46.99
N ASP E 236 -10.72 -38.46 47.16
CA ASP E 236 -11.77 -38.87 48.07
C ASP E 236 -12.77 -39.83 47.46
N ASN E 237 -12.50 -40.38 46.27
CA ASN E 237 -13.34 -41.40 45.66
C ASN E 237 -14.52 -40.77 44.91
N SER E 238 -14.78 -39.49 45.14
CA SER E 238 -15.84 -38.77 44.45
C SER E 238 -15.63 -38.83 42.93
N ALA E 239 -16.66 -38.36 42.19
CA ALA E 239 -16.62 -38.48 40.73
C ALA E 239 -15.71 -37.42 40.11
N PRO E 240 -14.95 -37.78 39.08
CA PRO E 240 -14.10 -36.79 38.43
C PRO E 240 -14.93 -35.67 37.83
N TYR E 241 -14.34 -34.48 37.80
CA TYR E 241 -15.00 -33.36 37.14
C TYR E 241 -15.04 -33.56 35.63
N GLY E 242 -16.02 -32.94 35.00
CA GLY E 242 -16.00 -32.84 33.56
C GLY E 242 -15.15 -31.66 33.12
N ALA E 243 -14.61 -31.75 31.91
CA ALA E 243 -13.82 -30.67 31.36
C ALA E 243 -14.60 -29.93 30.27
N ARG E 244 -14.47 -28.61 30.26
CA ARG E 244 -15.01 -27.80 29.18
C ARG E 244 -14.09 -26.62 28.95
N TYR E 245 -13.77 -26.35 27.68
CA TYR E 245 -13.09 -25.11 27.37
C TYR E 245 -13.48 -24.68 25.95
N VAL E 246 -14.40 -23.72 25.88
CA VAL E 246 -14.82 -23.12 24.62
C VAL E 246 -13.72 -22.23 24.11
N GLY E 247 -12.99 -21.58 25.01
CA GLY E 247 -11.96 -20.68 24.60
C GLY E 247 -12.42 -19.28 24.35
N SER E 248 -13.70 -18.99 24.56
CA SER E 248 -14.23 -17.66 24.50
C SER E 248 -14.61 -17.29 25.92
N MET E 249 -13.95 -16.28 26.45
CA MET E 249 -13.99 -16.05 27.89
C MET E 249 -15.41 -15.81 28.39
N VAL E 250 -16.20 -15.04 27.65
CA VAL E 250 -17.57 -14.79 28.08
C VAL E 250 -18.37 -16.10 28.17
N ALA E 251 -18.24 -16.97 27.17
CA ALA E 251 -19.03 -18.20 27.19
C ALA E 251 -18.60 -19.12 28.33
N ASP E 252 -17.30 -19.25 28.57
CA ASP E 252 -16.88 -20.15 29.62
C ASP E 252 -17.29 -19.63 31.00
N VAL E 253 -17.16 -18.31 31.22
CA VAL E 253 -17.51 -17.72 32.50
C VAL E 253 -19.02 -17.76 32.74
N HIS E 254 -19.83 -17.56 31.68
CA HIS E 254 -21.28 -17.64 31.82
C HIS E 254 -21.75 -19.07 32.14
N ARG E 255 -21.14 -20.07 31.52
CA ARG E 255 -21.41 -21.46 31.91
C ARG E 255 -21.06 -21.68 33.38
N THR E 256 -19.91 -21.14 33.81
CA THR E 256 -19.49 -21.25 35.20
C THR E 256 -20.53 -20.66 36.15
N LEU E 257 -21.03 -19.47 35.83
CA LEU E 257 -22.08 -18.87 36.64
C LEU E 257 -23.35 -19.74 36.64
N VAL E 258 -23.76 -20.22 35.46
CA VAL E 258 -25.04 -20.91 35.33
C VAL E 258 -24.96 -22.32 35.92
N TYR E 259 -23.86 -23.02 35.70
CA TYR E 259 -23.73 -24.40 36.14
C TYR E 259 -22.81 -24.57 37.35
N GLY E 260 -22.00 -23.58 37.68
CA GLY E 260 -20.98 -23.77 38.69
C GLY E 260 -19.71 -24.34 38.12
N GLY E 261 -18.73 -24.46 39.00
CA GLY E 261 -17.44 -24.98 38.60
C GLY E 261 -16.34 -23.95 38.77
N ILE E 262 -15.25 -24.11 38.04
CA ILE E 262 -14.09 -23.22 38.15
C ILE E 262 -13.55 -22.94 36.76
N PHE E 263 -13.09 -21.70 36.54
CA PHE E 263 -12.46 -21.28 35.30
C PHE E 263 -11.08 -20.75 35.62
N LEU E 264 -10.07 -21.17 34.84
CA LEU E 264 -8.68 -20.80 35.10
C LEU E 264 -8.00 -20.31 33.83
N TYR E 265 -7.41 -19.13 33.92
CA TYR E 265 -6.34 -18.70 33.02
C TYR E 265 -5.22 -18.27 33.95
N PRO E 266 -4.52 -19.22 34.57
CA PRO E 266 -3.63 -18.91 35.68
C PRO E 266 -2.26 -18.46 35.24
N ALA E 267 -1.49 -18.01 36.22
CA ALA E 267 -0.12 -17.61 35.97
C ALA E 267 0.74 -18.86 35.86
N ASN E 268 1.67 -18.82 34.91
CA ASN E 268 2.68 -19.86 34.83
C ASN E 268 4.04 -19.19 34.65
N LYS E 269 5.05 -19.97 34.25
CA LYS E 269 6.38 -19.41 34.08
C LYS E 269 6.50 -18.59 32.80
N LYS E 270 5.80 -19.01 31.74
CA LYS E 270 5.81 -18.33 30.45
C LYS E 270 5.07 -16.99 30.42
N SER E 271 4.10 -16.75 31.30
CA SER E 271 3.34 -15.51 31.34
C SER E 271 3.12 -15.05 32.78
N PRO E 272 4.11 -14.38 33.37
CA PRO E 272 4.05 -14.14 34.83
C PRO E 272 2.84 -13.35 35.29
N ASN E 273 2.20 -12.58 34.40
CA ASN E 273 0.95 -11.90 34.73
C ASN E 273 -0.25 -12.46 33.98
N GLY E 274 -0.15 -13.67 33.41
CA GLY E 274 -1.27 -14.23 32.69
C GLY E 274 -1.41 -13.61 31.32
N LYS E 275 -2.56 -13.87 30.67
CA LYS E 275 -2.84 -13.26 29.37
C LYS E 275 -4.07 -12.35 29.39
N LEU E 276 -5.09 -12.67 30.17
CA LEU E 276 -6.30 -11.85 30.20
C LEU E 276 -6.03 -10.47 30.79
N ARG E 277 -6.75 -9.48 30.28
CA ARG E 277 -6.53 -8.08 30.66
C ARG E 277 -7.34 -7.72 31.90
N LEU E 278 -6.71 -6.97 32.81
CA LEU E 278 -7.32 -6.65 34.10
C LEU E 278 -8.54 -5.72 33.97
N LEU E 279 -8.43 -4.67 33.16
CA LEU E 279 -9.45 -3.63 33.21
C LEU E 279 -10.78 -4.09 32.61
N TYR E 280 -10.77 -4.71 31.44
CA TYR E 280 -12.00 -4.96 30.69
C TYR E 280 -12.30 -6.43 30.47
N GLU E 281 -11.60 -7.32 31.15
CA GLU E 281 -11.99 -8.72 31.14
C GLU E 281 -12.08 -9.22 32.57
N CYS E 282 -10.97 -9.10 33.31
CA CYS E 282 -10.83 -9.69 34.64
C CYS E 282 -11.74 -8.99 35.64
N ASN E 283 -11.63 -7.68 35.74
CA ASN E 283 -12.43 -6.95 36.73
C ASN E 283 -13.93 -7.12 36.52
N PRO E 284 -14.50 -6.87 35.34
CA PRO E 284 -15.96 -7.05 35.18
C PRO E 284 -16.43 -8.46 35.52
N MET E 285 -15.69 -9.49 35.09
CA MET E 285 -16.13 -10.85 35.38
C MET E 285 -15.99 -11.17 36.86
N ALA E 286 -14.87 -10.74 37.47
CA ALA E 286 -14.69 -10.92 38.90
C ALA E 286 -15.77 -10.21 39.71
N TYR E 287 -16.15 -9.01 39.25
CA TYR E 287 -17.22 -8.25 39.89
C TYR E 287 -18.54 -9.00 39.82
N VAL E 288 -18.88 -9.52 38.64
CA VAL E 288 -20.10 -10.31 38.49
C VAL E 288 -20.04 -11.54 39.38
N MET E 289 -18.89 -12.21 39.39
CA MET E 289 -18.74 -13.42 40.20
C MET E 289 -18.96 -13.14 41.69
N GLU E 290 -18.30 -12.11 42.21
CA GLU E 290 -18.42 -11.79 43.64
C GLU E 290 -19.83 -11.39 44.00
N LYS E 291 -20.45 -10.51 43.20
CA LYS E 291 -21.83 -10.09 43.43
C LYS E 291 -22.81 -11.25 43.31
N ALA E 292 -22.40 -12.33 42.67
CA ALA E 292 -23.20 -13.53 42.58
C ALA E 292 -22.84 -14.54 43.64
N GLY E 293 -21.94 -14.18 44.55
CA GLY E 293 -21.55 -15.11 45.57
C GLY E 293 -20.35 -15.97 45.23
N GLY E 294 -19.60 -15.63 44.18
CA GLY E 294 -18.40 -16.36 43.83
C GLY E 294 -17.12 -15.64 44.24
N MET E 295 -15.99 -16.20 43.81
CA MET E 295 -14.68 -15.65 44.10
C MET E 295 -13.91 -15.52 42.80
N ALA E 296 -12.90 -14.64 42.83
CA ALA E 296 -12.03 -14.43 41.69
C ALA E 296 -10.68 -13.94 42.22
N THR E 297 -9.63 -14.70 41.94
CA THR E 297 -8.32 -14.49 42.57
C THR E 297 -7.22 -14.59 41.54
N THR E 298 -6.10 -13.95 41.85
CA THR E 298 -4.84 -14.15 41.15
C THR E 298 -4.03 -15.29 41.74
N GLY E 299 -4.49 -15.91 42.82
CA GLY E 299 -3.69 -16.85 43.57
C GLY E 299 -3.16 -16.18 44.82
N LYS E 300 -2.63 -14.96 44.66
CA LYS E 300 -2.17 -14.17 45.78
C LYS E 300 -3.23 -13.21 46.33
N GLU E 301 -4.15 -12.72 45.50
CA GLU E 301 -5.11 -11.70 45.94
C GLU E 301 -6.35 -11.74 45.06
N ALA E 302 -7.38 -11.03 45.52
CA ALA E 302 -8.58 -10.82 44.72
C ALA E 302 -8.26 -9.94 43.51
N VAL E 303 -8.89 -10.25 42.38
CA VAL E 303 -8.68 -9.43 41.18
C VAL E 303 -9.13 -8.01 41.43
N LEU E 304 -10.24 -7.83 42.15
CA LEU E 304 -10.81 -6.52 42.40
C LEU E 304 -9.90 -5.65 43.27
N ASP E 305 -8.84 -6.22 43.86
CA ASP E 305 -7.86 -5.46 44.61
C ASP E 305 -6.60 -5.11 43.83
N VAL E 306 -6.36 -5.74 42.67
CA VAL E 306 -5.19 -5.36 41.89
C VAL E 306 -5.28 -3.88 41.57
N ILE E 307 -4.18 -3.16 41.77
CA ILE E 307 -4.07 -1.74 41.45
C ILE E 307 -3.39 -1.63 40.09
N PRO E 308 -4.09 -1.22 39.04
CA PRO E 308 -3.47 -1.14 37.72
C PRO E 308 -2.55 0.05 37.62
N THR E 309 -1.48 -0.13 36.85
CA THR E 309 -0.60 0.98 36.50
C THR E 309 -0.57 1.24 35.00
N ASP E 310 -1.23 0.40 34.21
CA ASP E 310 -1.32 0.51 32.77
C ASP E 310 -2.72 -0.01 32.39
N ILE E 311 -3.38 0.70 31.47
CA ILE E 311 -4.77 0.36 31.12
C ILE E 311 -4.88 -0.98 30.36
N HIS E 312 -3.80 -1.47 29.73
CA HIS E 312 -3.81 -2.75 29.04
C HIS E 312 -2.99 -3.82 29.74
N GLN E 313 -2.73 -3.65 31.04
CA GLN E 313 -1.95 -4.65 31.76
C GLN E 313 -2.75 -5.94 31.98
N ARG E 314 -2.03 -7.04 32.13
CA ARG E 314 -2.62 -8.35 32.27
C ARG E 314 -2.64 -8.77 33.73
N ALA E 315 -3.47 -9.77 34.02
CA ALA E 315 -3.60 -10.35 35.36
C ALA E 315 -3.99 -11.81 35.17
N PRO E 316 -3.49 -12.72 36.01
CA PRO E 316 -4.03 -14.07 36.06
C PRO E 316 -5.37 -14.09 36.79
N VAL E 317 -6.18 -15.10 36.45
CA VAL E 317 -7.53 -15.17 37.01
C VAL E 317 -7.96 -16.62 37.11
N ILE E 318 -8.42 -16.98 38.31
CA ILE E 318 -9.14 -18.21 38.61
C ILE E 318 -10.42 -17.78 39.31
N LEU E 319 -11.57 -18.15 38.76
CA LEU E 319 -12.84 -17.72 39.35
C LEU E 319 -13.86 -18.82 39.19
N GLY E 320 -14.95 -18.70 39.96
CA GLY E 320 -16.03 -19.68 39.92
C GLY E 320 -16.67 -19.85 41.31
N SER E 321 -17.17 -21.07 41.55
CA SER E 321 -17.81 -21.39 42.81
C SER E 321 -16.83 -21.19 43.98
N PRO E 322 -17.29 -20.67 45.11
CA PRO E 322 -16.35 -20.39 46.21
C PRO E 322 -15.58 -21.63 46.65
N ASP E 323 -16.28 -22.76 46.78
CA ASP E 323 -15.65 -24.01 47.25
C ASP E 323 -14.61 -24.55 46.28
N ASP E 324 -14.81 -24.34 44.98
CA ASP E 324 -13.81 -24.79 44.03
C ASP E 324 -12.60 -23.86 44.05
N VAL E 325 -12.82 -22.55 44.12
CA VAL E 325 -11.72 -21.59 44.21
C VAL E 325 -11.00 -21.71 45.54
N LEU E 326 -11.74 -22.00 46.61
CA LEU E 326 -11.11 -22.20 47.92
C LEU E 326 -10.29 -23.49 47.93
N GLU E 327 -10.78 -24.56 47.31
CA GLU E 327 -9.97 -25.76 47.15
C GLU E 327 -8.73 -25.47 46.30
N PHE E 328 -8.87 -24.68 45.23
CA PHE E 328 -7.70 -24.31 44.45
C PHE E 328 -6.68 -23.53 45.27
N LEU E 329 -7.15 -22.59 46.09
CA LEU E 329 -6.24 -21.74 46.84
C LEU E 329 -5.44 -22.56 47.88
N LYS E 330 -6.06 -23.56 48.51
CA LYS E 330 -5.34 -24.44 49.43
C LYS E 330 -4.18 -25.16 48.74
N VAL E 331 -4.39 -25.66 47.53
CA VAL E 331 -3.30 -26.27 46.78
C VAL E 331 -2.23 -25.23 46.49
N TYR E 332 -2.66 -24.01 46.13
CA TYR E 332 -1.69 -22.97 45.82
C TYR E 332 -0.85 -22.63 47.05
N GLU E 333 -1.48 -22.51 48.22
CA GLU E 333 -0.73 -22.32 49.46
C GLU E 333 0.25 -23.45 49.69
N LYS E 334 -0.16 -24.68 49.42
CA LYS E 334 0.65 -25.85 49.68
C LYS E 334 1.99 -25.79 48.96
N HIS E 335 2.03 -25.17 47.79
CA HIS E 335 3.28 -25.05 47.05
C HIS E 335 4.08 -23.85 47.52
N SER E 336 3.86 -23.46 48.78
CA SER E 336 4.47 -22.34 49.49
C SER E 336 4.00 -21.02 48.89
N ASP F 10 -20.88 -14.70 -8.05
CA ASP F 10 -22.32 -14.56 -8.18
C ASP F 10 -23.03 -15.17 -6.96
N VAL F 11 -24.06 -14.49 -6.43
CA VAL F 11 -24.69 -14.98 -5.21
C VAL F 11 -25.45 -16.28 -5.49
N ASN F 12 -25.49 -17.15 -4.48
CA ASN F 12 -26.21 -18.39 -4.56
C ASN F 12 -26.82 -18.73 -3.20
N THR F 13 -28.03 -19.26 -3.25
CA THR F 13 -28.75 -19.67 -2.06
C THR F 13 -28.77 -21.19 -2.01
N LEU F 14 -29.05 -21.72 -0.83
CA LEU F 14 -29.10 -23.17 -0.67
C LEU F 14 -30.09 -23.79 -1.65
N THR F 15 -31.29 -23.22 -1.72
CA THR F 15 -32.35 -23.77 -2.54
C THR F 15 -31.96 -23.75 -4.02
N ARG F 16 -31.46 -22.62 -4.49
CA ARG F 16 -31.04 -22.57 -5.89
C ARG F 16 -29.87 -23.49 -6.12
N PHE F 17 -28.96 -23.56 -5.15
CA PHE F 17 -27.83 -24.47 -5.28
C PHE F 17 -28.32 -25.91 -5.33
N VAL F 18 -29.28 -26.25 -4.49
CA VAL F 18 -29.80 -27.62 -4.52
C VAL F 18 -30.47 -27.89 -5.85
N MET F 19 -31.35 -26.98 -6.28
CA MET F 19 -32.04 -27.13 -7.55
C MET F 19 -31.04 -27.29 -8.70
N GLU F 20 -29.99 -26.47 -8.71
CA GLU F 20 -29.04 -26.52 -9.82
C GLU F 20 -28.34 -27.87 -9.89
N GLU F 21 -27.87 -28.38 -8.75
CA GLU F 21 -27.21 -29.69 -8.71
C GLU F 21 -28.17 -30.81 -9.07
N GLY F 22 -29.41 -30.73 -8.59
CA GLY F 22 -30.40 -31.74 -8.91
C GLY F 22 -30.74 -31.78 -10.39
N ARG F 23 -30.69 -30.63 -11.05
CA ARG F 23 -30.95 -30.59 -12.49
C ARG F 23 -29.80 -31.22 -13.27
N LYS F 24 -28.56 -31.03 -12.82
CA LYS F 24 -27.44 -31.69 -13.45
C LYS F 24 -27.61 -33.20 -13.41
N ALA F 25 -27.94 -33.74 -12.24
CA ALA F 25 -28.12 -35.17 -12.06
C ALA F 25 -29.39 -35.68 -12.71
N ARG F 26 -30.22 -34.80 -13.27
CA ARG F 26 -31.47 -35.20 -13.94
C ARG F 26 -32.30 -36.14 -13.06
N GLY F 27 -32.41 -35.80 -11.78
CA GLY F 27 -33.24 -36.55 -10.89
C GLY F 27 -34.68 -36.07 -10.93
N THR F 28 -35.53 -36.77 -10.17
CA THR F 28 -36.96 -36.53 -10.18
C THR F 28 -37.39 -35.29 -9.40
N GLY F 29 -36.52 -34.75 -8.55
CA GLY F 29 -36.90 -33.67 -7.67
C GLY F 29 -37.33 -34.09 -6.28
N GLU F 30 -37.40 -35.39 -6.03
CA GLU F 30 -37.83 -35.88 -4.73
C GLU F 30 -36.80 -35.51 -3.67
N LEU F 31 -35.50 -35.64 -4.00
CA LEU F 31 -34.45 -35.26 -3.06
C LEU F 31 -34.40 -33.74 -2.85
N THR F 32 -34.58 -32.97 -3.93
CA THR F 32 -34.66 -31.52 -3.79
C THR F 32 -35.78 -31.13 -2.84
N GLN F 33 -36.92 -31.83 -2.92
CA GLN F 33 -38.02 -31.54 -2.01
C GLN F 33 -37.70 -31.96 -0.60
N LEU F 34 -36.99 -33.08 -0.42
CA LEU F 34 -36.50 -33.42 0.91
C LEU F 34 -35.68 -32.28 1.47
N LEU F 35 -34.72 -31.81 0.70
CA LEU F 35 -33.77 -30.82 1.20
C LEU F 35 -34.43 -29.47 1.44
N ASN F 36 -35.34 -29.05 0.57
CA ASN F 36 -36.02 -27.76 0.74
C ASN F 36 -36.89 -27.76 1.99
N SER F 37 -37.51 -28.90 2.27
CA SER F 37 -38.30 -29.04 3.48
C SER F 37 -37.41 -28.95 4.72
N LEU F 38 -36.24 -29.55 4.65
CA LEU F 38 -35.32 -29.53 5.78
C LEU F 38 -34.86 -28.12 6.08
N CYS F 39 -34.48 -27.37 5.05
CA CYS F 39 -34.07 -25.99 5.22
C CYS F 39 -35.13 -25.20 5.98
N THR F 40 -36.40 -25.40 5.61
CA THR F 40 -37.49 -24.68 6.28
C THR F 40 -37.55 -25.03 7.76
N ALA F 41 -37.43 -26.33 8.11
CA ALA F 41 -37.43 -26.70 9.51
C ALA F 41 -36.26 -26.09 10.27
N VAL F 42 -35.06 -26.09 9.67
CA VAL F 42 -33.86 -25.61 10.35
C VAL F 42 -33.99 -24.13 10.68
N LYS F 43 -34.55 -23.35 9.75
CA LYS F 43 -34.79 -21.94 10.03
C LYS F 43 -35.81 -21.76 11.16
N ALA F 44 -36.78 -22.67 11.27
CA ALA F 44 -37.73 -22.58 12.36
C ALA F 44 -37.07 -22.95 13.67
N ILE F 45 -36.17 -23.93 13.64
CA ILE F 45 -35.44 -24.29 14.85
C ILE F 45 -34.55 -23.14 15.30
N SER F 46 -33.85 -22.51 14.34
CA SER F 46 -33.02 -21.35 14.67
C SER F 46 -33.83 -20.22 15.30
N SER F 47 -35.00 -19.92 14.73
CA SER F 47 -35.81 -18.81 15.24
C SER F 47 -36.13 -19.00 16.71
N ALA F 48 -36.52 -20.22 17.10
CA ALA F 48 -36.83 -20.50 18.49
C ALA F 48 -35.58 -20.58 19.37
N VAL F 49 -34.45 -21.10 18.84
CA VAL F 49 -33.27 -21.29 19.68
C VAL F 49 -32.76 -19.95 20.15
N ARG F 50 -32.83 -18.96 19.29
CA ARG F 50 -32.52 -17.58 19.62
C ARG F 50 -33.63 -16.92 20.44
N LYS F 51 -34.62 -17.71 20.89
CA LYS F 51 -35.66 -17.28 21.84
C LYS F 51 -36.61 -16.24 21.25
N ALA F 52 -36.89 -16.33 19.95
CA ALA F 52 -37.91 -15.47 19.35
C ALA F 52 -39.26 -15.78 19.97
N GLY F 53 -39.98 -14.72 20.32
CA GLY F 53 -41.25 -14.85 21.01
C GLY F 53 -41.15 -15.06 22.50
N ILE F 54 -39.94 -15.04 23.07
CA ILE F 54 -39.75 -15.36 24.49
C ILE F 54 -40.50 -14.39 25.41
N ALA F 55 -40.69 -13.14 24.97
CA ALA F 55 -41.42 -12.20 25.80
C ALA F 55 -42.84 -12.67 26.11
N HIS F 56 -43.47 -13.43 25.19
CA HIS F 56 -44.80 -13.94 25.53
C HIS F 56 -44.75 -15.01 26.60
N LEU F 57 -43.69 -15.83 26.63
CA LEU F 57 -43.55 -16.79 27.71
C LEU F 57 -43.50 -16.10 29.07
N TYR F 58 -43.00 -14.87 29.12
CA TYR F 58 -42.79 -14.17 30.36
C TYR F 58 -43.84 -13.10 30.65
N GLY F 59 -44.98 -13.16 29.95
CA GLY F 59 -46.14 -12.39 30.35
C GLY F 59 -46.19 -10.96 29.83
N ILE F 60 -45.68 -10.71 28.62
CA ILE F 60 -45.83 -9.40 28.06
C ILE F 60 -47.29 -9.09 27.77
N ALA F 61 -48.13 -10.11 27.59
CA ALA F 61 -49.57 -9.88 27.40
C ALA F 61 -50.42 -10.55 28.48
N GLY F 62 -49.91 -10.67 29.70
CA GLY F 62 -50.64 -11.31 30.79
C GLY F 62 -50.41 -12.78 31.02
N LYS F 73 -39.41 -28.28 26.02
CA LYS F 73 -40.19 -27.81 24.87
C LYS F 73 -39.32 -27.75 23.62
N LEU F 74 -38.17 -27.06 23.74
CA LEU F 74 -37.41 -26.62 22.57
C LEU F 74 -36.91 -27.82 21.75
N ASP F 75 -36.43 -28.86 22.43
CA ASP F 75 -35.99 -30.07 21.73
C ASP F 75 -37.17 -30.93 21.26
N VAL F 76 -38.32 -30.85 21.93
CA VAL F 76 -39.53 -31.50 21.43
C VAL F 76 -40.09 -30.73 20.24
N LEU F 77 -40.10 -29.40 20.31
CA LEU F 77 -40.52 -28.63 19.15
C LEU F 77 -39.63 -28.90 17.96
N SER F 78 -38.31 -28.94 18.20
CA SER F 78 -37.35 -29.24 17.14
C SER F 78 -37.68 -30.57 16.45
N ASN F 79 -38.02 -31.61 17.21
CA ASN F 79 -38.38 -32.88 16.59
C ASN F 79 -39.59 -32.72 15.69
N ASP F 80 -40.61 -32.01 16.20
CA ASP F 80 -41.86 -31.83 15.48
C ASP F 80 -41.67 -31.05 14.19
N LEU F 81 -40.80 -30.04 14.19
CA LEU F 81 -40.55 -29.27 12.99
C LEU F 81 -39.91 -30.15 11.90
N VAL F 82 -38.90 -30.95 12.28
CA VAL F 82 -38.26 -31.82 11.29
C VAL F 82 -39.23 -32.91 10.86
N MET F 83 -39.90 -33.52 11.84
CA MET F 83 -40.84 -34.59 11.53
C MET F 83 -41.90 -34.13 10.55
N ASN F 84 -42.55 -33.00 10.84
CA ASN F 84 -43.72 -32.62 10.07
C ASN F 84 -43.30 -32.11 8.70
N MET F 85 -42.16 -31.41 8.63
CA MET F 85 -41.69 -30.91 7.33
C MET F 85 -41.24 -32.04 6.41
N LEU F 86 -40.70 -33.13 6.97
CA LEU F 86 -40.28 -34.28 6.15
C LEU F 86 -41.46 -35.16 5.74
N LYS F 87 -42.34 -35.51 6.68
CA LYS F 87 -43.56 -36.24 6.32
C LYS F 87 -44.28 -35.54 5.19
N SER F 88 -44.49 -34.23 5.31
CA SER F 88 -45.25 -33.51 4.31
C SER F 88 -44.44 -33.21 3.05
N SER F 89 -43.19 -33.66 2.99
CA SER F 89 -42.38 -33.43 1.80
C SER F 89 -42.72 -34.36 0.66
N PHE F 90 -43.48 -35.42 0.90
CA PHE F 90 -43.75 -36.45 -0.12
C PHE F 90 -42.47 -37.08 -0.65
N ALA F 91 -41.38 -36.97 0.10
CA ALA F 91 -40.07 -37.48 -0.28
C ALA F 91 -39.50 -38.54 0.65
N THR F 92 -40.17 -38.86 1.75
CA THR F 92 -39.59 -39.75 2.75
C THR F 92 -40.47 -40.98 2.97
N CYS F 93 -39.87 -42.01 3.55
CA CYS F 93 -40.59 -43.22 3.92
C CYS F 93 -40.14 -43.84 5.24
N VAL F 94 -38.91 -43.59 5.68
CA VAL F 94 -38.41 -44.01 6.99
C VAL F 94 -37.70 -42.81 7.62
N LEU F 95 -38.08 -42.49 8.84
CA LEU F 95 -37.49 -41.40 9.60
C LEU F 95 -36.98 -41.92 10.92
N VAL F 96 -35.72 -41.62 11.23
CA VAL F 96 -35.09 -41.98 12.50
C VAL F 96 -34.67 -40.71 13.21
N SER F 97 -35.13 -40.56 14.45
CA SER F 97 -34.78 -39.39 15.25
C SER F 97 -34.29 -39.85 16.61
N GLU F 98 -33.34 -39.09 17.16
CA GLU F 98 -32.87 -39.39 18.51
C GLU F 98 -34.00 -39.41 19.53
N GLU F 99 -35.07 -38.66 19.30
CA GLU F 99 -36.11 -38.46 20.30
C GLU F 99 -37.21 -39.51 20.23
N ASP F 100 -37.18 -40.38 19.24
CA ASP F 100 -38.25 -41.33 19.01
C ASP F 100 -37.68 -42.73 19.17
N LYS F 101 -38.38 -43.58 19.93
CA LYS F 101 -37.84 -44.91 20.19
C LYS F 101 -37.77 -45.76 18.92
N HIS F 102 -38.80 -45.68 18.09
CA HIS F 102 -38.88 -46.52 16.92
C HIS F 102 -38.81 -45.65 15.68
N ALA F 103 -38.32 -46.23 14.59
CA ALA F 103 -38.39 -45.53 13.34
C ALA F 103 -39.85 -45.20 13.04
N ILE F 104 -40.06 -44.05 12.42
CA ILE F 104 -41.39 -43.59 12.06
C ILE F 104 -41.59 -44.00 10.62
N ILE F 105 -42.71 -44.65 10.36
CA ILE F 105 -43.02 -45.07 9.01
C ILE F 105 -44.05 -44.12 8.44
N VAL F 106 -43.67 -43.42 7.38
CA VAL F 106 -44.60 -42.49 6.77
C VAL F 106 -45.77 -43.29 6.23
N GLU F 107 -46.98 -42.75 6.40
CA GLU F 107 -48.16 -43.39 5.86
C GLU F 107 -48.05 -43.50 4.34
N PRO F 108 -48.68 -44.52 3.74
CA PRO F 108 -48.43 -44.79 2.31
C PRO F 108 -48.72 -43.62 1.40
N GLU F 109 -49.71 -42.79 1.73
CA GLU F 109 -50.08 -41.68 0.85
C GLU F 109 -49.03 -40.57 0.78
N LYS F 110 -48.07 -40.51 1.71
CA LYS F 110 -47.01 -39.48 1.69
C LYS F 110 -45.62 -40.05 1.43
N ARG F 111 -45.51 -41.34 1.12
CA ARG F 111 -44.21 -42.01 1.03
C ARG F 111 -43.39 -41.54 -0.14
N GLY F 112 -42.09 -41.35 0.11
CA GLY F 112 -41.11 -41.14 -0.95
C GLY F 112 -40.01 -42.18 -0.82
N LYS F 113 -38.92 -42.04 -1.57
CA LYS F 113 -37.95 -43.12 -1.68
C LYS F 113 -36.75 -42.98 -0.74
N TYR F 114 -36.79 -42.07 0.24
CA TYR F 114 -35.61 -41.71 1.01
C TYR F 114 -35.75 -42.00 2.51
N VAL F 115 -34.62 -42.34 3.14
CA VAL F 115 -34.50 -42.59 4.58
C VAL F 115 -33.67 -41.48 5.24
N VAL F 116 -34.23 -40.87 6.28
CA VAL F 116 -33.59 -39.74 6.96
C VAL F 116 -33.43 -40.07 8.44
N CYS F 117 -32.20 -40.06 8.92
CA CYS F 117 -31.91 -40.17 10.36
C CYS F 117 -31.40 -38.82 10.85
N PHE F 118 -31.88 -38.37 12.02
CA PHE F 118 -31.46 -37.03 12.44
C PHE F 118 -31.44 -36.86 13.96
N ASP F 119 -30.58 -35.95 14.40
CA ASP F 119 -30.65 -35.41 15.75
C ASP F 119 -31.25 -34.03 15.65
N PRO F 120 -32.51 -33.82 16.06
CA PRO F 120 -33.15 -32.54 15.78
C PRO F 120 -32.54 -31.38 16.54
N LEU F 121 -31.96 -31.61 17.70
CA LEU F 121 -31.31 -30.50 18.41
C LEU F 121 -30.21 -31.08 19.32
N ASP F 122 -29.05 -31.31 18.71
CA ASP F 122 -27.92 -31.85 19.45
C ASP F 122 -27.28 -30.77 20.32
N GLY F 123 -26.86 -31.18 21.51
CA GLY F 123 -26.27 -30.28 22.48
C GLY F 123 -27.24 -29.58 23.41
N SER F 124 -28.55 -29.80 23.24
CA SER F 124 -29.56 -29.04 24.00
C SER F 124 -29.49 -29.30 25.49
N SER F 125 -28.90 -30.40 25.93
CA SER F 125 -28.81 -30.68 27.36
C SER F 125 -28.09 -29.56 28.09
N ASN F 126 -27.06 -28.99 27.48
CA ASN F 126 -26.35 -27.85 28.05
C ASN F 126 -26.80 -26.53 27.42
N ILE F 127 -28.09 -26.42 27.05
CA ILE F 127 -28.60 -25.17 26.48
C ILE F 127 -28.99 -24.13 27.52
N ASP F 128 -28.98 -24.48 28.81
CA ASP F 128 -29.27 -23.48 29.84
C ASP F 128 -28.23 -22.36 29.86
N CYS F 129 -26.98 -22.65 29.47
CA CYS F 129 -25.88 -21.69 29.47
C CYS F 129 -25.64 -21.03 28.12
N LEU F 130 -26.54 -21.24 27.16
CA LEU F 130 -26.45 -20.63 25.84
C LEU F 130 -25.25 -21.11 25.05
N VAL F 131 -24.77 -22.32 25.32
CA VAL F 131 -23.75 -22.91 24.46
C VAL F 131 -24.35 -23.19 23.09
N SER F 132 -23.49 -23.25 22.08
CA SER F 132 -23.92 -23.57 20.72
C SER F 132 -24.64 -24.92 20.66
N VAL F 133 -25.71 -25.00 19.86
CA VAL F 133 -26.39 -26.26 19.55
C VAL F 133 -26.59 -26.36 18.04
N GLY F 134 -27.07 -27.53 17.59
CA GLY F 134 -27.20 -27.78 16.18
C GLY F 134 -28.06 -28.99 15.88
N THR F 135 -28.41 -29.13 14.61
CA THR F 135 -29.20 -30.22 14.09
C THR F 135 -28.33 -31.00 13.11
N ILE F 136 -28.35 -32.34 13.22
CA ILE F 136 -27.56 -33.23 12.37
C ILE F 136 -28.51 -34.09 11.55
N PHE F 137 -28.17 -34.36 10.29
CA PHE F 137 -29.04 -35.18 9.45
C PHE F 137 -28.21 -36.03 8.49
N GLY F 138 -28.76 -37.20 8.16
CA GLY F 138 -28.22 -38.04 7.10
C GLY F 138 -29.29 -38.69 6.24
N ILE F 139 -29.06 -38.74 4.93
CA ILE F 139 -30.07 -39.15 3.95
C ILE F 139 -29.58 -40.36 3.15
N TYR F 140 -30.35 -41.44 3.19
CA TYR F 140 -30.12 -42.65 2.41
C TYR F 140 -31.21 -42.85 1.36
N ARG F 141 -30.81 -43.40 0.20
CA ARG F 141 -31.77 -43.97 -0.76
C ARG F 141 -32.16 -45.36 -0.27
N LYS F 142 -33.46 -45.66 -0.28
CA LYS F 142 -33.91 -46.97 0.16
C LYS F 142 -33.42 -48.07 -0.78
N LYS F 143 -33.06 -49.21 -0.20
CA LYS F 143 -32.33 -50.27 -0.90
C LYS F 143 -33.16 -51.48 -1.27
N SER F 144 -34.24 -51.76 -0.56
CA SER F 144 -35.04 -52.94 -0.83
C SER F 144 -36.41 -52.55 -1.38
N THR F 145 -37.04 -53.48 -2.08
CA THR F 145 -38.36 -53.23 -2.67
C THR F 145 -39.52 -53.68 -1.79
N ASP F 146 -39.24 -54.17 -0.58
CA ASP F 146 -40.24 -54.60 0.37
C ASP F 146 -41.05 -53.42 0.90
N GLU F 147 -42.03 -53.73 1.73
CA GLU F 147 -42.66 -52.70 2.54
C GLU F 147 -41.58 -51.96 3.32
N PRO F 148 -41.62 -50.62 3.37
CA PRO F 148 -40.58 -49.88 4.11
C PRO F 148 -40.65 -50.20 5.60
N SER F 149 -39.48 -50.32 6.21
CA SER F 149 -39.38 -50.77 7.60
C SER F 149 -38.13 -50.20 8.24
N GLU F 150 -37.98 -50.49 9.55
CA GLU F 150 -36.79 -50.05 10.28
C GLU F 150 -35.48 -50.56 9.65
N LYS F 151 -35.48 -51.74 9.02
CA LYS F 151 -34.21 -52.21 8.48
C LYS F 151 -33.68 -51.29 7.39
N ASP F 152 -34.56 -50.53 6.73
CA ASP F 152 -34.15 -49.63 5.67
C ASP F 152 -33.23 -48.52 6.15
N ALA F 153 -33.22 -48.24 7.45
CA ALA F 153 -32.29 -47.28 8.03
C ALA F 153 -31.02 -47.93 8.56
N LEU F 154 -30.95 -49.27 8.58
CA LEU F 154 -29.74 -49.98 9.04
C LEU F 154 -28.77 -50.19 7.90
N GLN F 155 -28.45 -49.13 7.23
CA GLN F 155 -27.43 -49.23 6.19
C GLN F 155 -26.15 -48.61 6.71
N PRO F 156 -24.99 -49.08 6.26
CA PRO F 156 -23.75 -48.44 6.69
C PRO F 156 -23.61 -47.06 6.08
N GLY F 157 -22.83 -46.22 6.78
CA GLY F 157 -22.68 -44.84 6.36
C GLY F 157 -22.20 -44.69 4.94
N ARG F 158 -21.52 -45.72 4.42
CA ARG F 158 -21.11 -45.73 3.01
C ARG F 158 -22.28 -45.38 2.09
N ASN F 159 -23.50 -45.77 2.44
CA ASN F 159 -24.67 -45.60 1.59
C ASN F 159 -25.22 -44.17 1.56
N LEU F 160 -24.63 -43.24 2.28
CA LEU F 160 -25.21 -41.91 2.39
C LEU F 160 -25.36 -41.23 1.04
N VAL F 161 -26.55 -40.69 0.77
CA VAL F 161 -26.78 -39.88 -0.42
C VAL F 161 -26.44 -38.42 -0.16
N ALA F 162 -26.78 -37.93 1.02
CA ALA F 162 -26.44 -36.58 1.46
C ALA F 162 -26.50 -36.62 2.96
N ALA F 163 -25.68 -35.77 3.59
CA ALA F 163 -25.71 -35.60 5.04
C ALA F 163 -25.18 -34.20 5.38
N GLY F 164 -25.38 -33.77 6.63
CA GLY F 164 -24.84 -32.49 7.05
C GLY F 164 -25.40 -32.01 8.38
N TYR F 165 -25.24 -30.71 8.64
CA TYR F 165 -25.70 -30.15 9.90
C TYR F 165 -26.00 -28.67 9.77
N ALA F 166 -26.86 -28.20 10.67
CA ALA F 166 -27.05 -26.78 10.95
C ALA F 166 -26.47 -26.50 12.33
N LEU F 167 -25.63 -25.48 12.41
CA LEU F 167 -25.08 -25.05 13.68
C LEU F 167 -25.71 -23.72 14.07
N TYR F 168 -26.35 -23.70 15.24
CA TYR F 168 -26.88 -22.48 15.84
C TYR F 168 -25.85 -21.94 16.84
N GLY F 169 -24.83 -21.28 16.30
CA GLY F 169 -23.74 -20.66 17.06
C GLY F 169 -23.89 -19.16 17.12
N SER F 170 -22.76 -18.44 17.03
CA SER F 170 -22.82 -16.97 16.99
C SER F 170 -23.67 -16.50 15.80
N ALA F 171 -23.64 -17.26 14.71
CA ALA F 171 -24.56 -17.20 13.59
C ALA F 171 -25.03 -18.62 13.29
N THR F 172 -26.00 -18.73 12.38
CA THR F 172 -26.56 -20.01 11.95
C THR F 172 -25.99 -20.43 10.60
N MET F 173 -25.34 -21.59 10.58
CA MET F 173 -24.74 -22.10 9.36
C MET F 173 -25.22 -23.50 9.07
N LEU F 174 -25.44 -23.80 7.80
CA LEU F 174 -25.76 -25.13 7.33
C LEU F 174 -24.60 -25.71 6.52
N VAL F 175 -24.16 -26.90 6.88
CA VAL F 175 -23.12 -27.62 6.16
C VAL F 175 -23.76 -28.82 5.50
N LEU F 176 -23.67 -28.87 4.17
CA LEU F 176 -24.30 -29.88 3.34
C LEU F 176 -23.20 -30.63 2.60
N ALA F 177 -23.14 -31.94 2.78
CA ALA F 177 -22.14 -32.75 2.10
C ALA F 177 -22.85 -33.71 1.15
N MET F 178 -22.36 -33.79 -0.08
CA MET F 178 -22.87 -34.75 -1.05
C MET F 178 -21.70 -35.30 -1.87
N ASP F 179 -22.04 -36.06 -2.91
CA ASP F 179 -21.03 -36.65 -3.78
C ASP F 179 -20.14 -35.58 -4.37
N CYS F 180 -20.69 -34.42 -4.69
CA CYS F 180 -19.95 -33.29 -5.24
C CYS F 180 -19.15 -32.50 -4.20
N GLY F 181 -19.26 -32.81 -2.89
CA GLY F 181 -18.45 -32.16 -1.87
C GLY F 181 -19.25 -31.51 -0.74
N VAL F 182 -18.55 -30.66 0.01
CA VAL F 182 -19.08 -29.96 1.18
C VAL F 182 -19.26 -28.49 0.84
N ASN F 183 -20.43 -27.92 1.16
CA ASN F 183 -20.64 -26.49 0.97
C ASN F 183 -21.28 -25.90 2.21
N CYS F 184 -20.91 -24.65 2.51
CA CYS F 184 -21.33 -23.95 3.72
C CYS F 184 -22.21 -22.76 3.38
N PHE F 185 -23.38 -22.72 4.01
CA PHE F 185 -24.40 -21.70 3.77
C PHE F 185 -24.66 -20.99 5.10
N MET F 186 -24.59 -19.67 5.09
CA MET F 186 -24.87 -18.85 6.27
C MET F 186 -26.31 -18.38 6.22
N LEU F 187 -27.03 -18.53 7.32
CA LEU F 187 -28.39 -18.01 7.37
C LEU F 187 -28.33 -16.48 7.52
N ASP F 188 -28.90 -15.73 6.58
CA ASP F 188 -29.02 -14.29 6.77
C ASP F 188 -30.39 -14.03 7.39
N PRO F 189 -30.44 -13.79 8.70
CA PRO F 189 -31.76 -13.63 9.35
C PRO F 189 -32.53 -12.41 8.87
N ALA F 190 -31.88 -11.43 8.26
CA ALA F 190 -32.65 -10.31 7.74
C ALA F 190 -33.67 -10.75 6.70
N ILE F 191 -33.37 -11.79 5.92
CA ILE F 191 -34.26 -12.24 4.86
C ILE F 191 -34.57 -13.73 4.93
N GLY F 192 -34.05 -14.47 5.89
CA GLY F 192 -34.36 -15.89 5.98
C GLY F 192 -33.91 -16.72 4.80
N GLU F 193 -32.65 -16.57 4.40
CA GLU F 193 -32.10 -17.31 3.28
C GLU F 193 -30.72 -17.81 3.66
N PHE F 194 -30.40 -19.01 3.21
CA PHE F 194 -29.07 -19.56 3.37
C PHE F 194 -28.21 -19.14 2.20
N ILE F 195 -27.14 -18.40 2.49
CA ILE F 195 -26.25 -17.83 1.49
C ILE F 195 -25.01 -18.70 1.45
N LEU F 196 -24.64 -19.15 0.25
CA LEU F 196 -23.44 -19.96 0.06
C LEU F 196 -22.20 -19.13 0.38
N VAL F 197 -21.39 -19.57 1.35
CA VAL F 197 -20.19 -18.80 1.68
C VAL F 197 -18.89 -19.60 1.57
N ASP F 198 -18.92 -20.92 1.56
CA ASP F 198 -17.72 -21.73 1.36
C ASP F 198 -18.08 -22.88 0.42
N LYS F 199 -17.50 -22.86 -0.79
CA LYS F 199 -17.74 -23.93 -1.74
C LYS F 199 -16.64 -24.98 -1.64
N ASP F 200 -17.06 -26.25 -1.66
CA ASP F 200 -16.16 -27.39 -1.80
C ASP F 200 -15.05 -27.39 -0.73
N VAL F 201 -15.48 -27.41 0.53
CA VAL F 201 -14.57 -27.22 1.65
C VAL F 201 -13.71 -28.45 1.84
N LYS F 202 -12.45 -28.22 2.22
CA LYS F 202 -11.49 -29.29 2.43
C LYS F 202 -10.77 -29.05 3.75
N ILE F 203 -10.67 -30.10 4.57
CA ILE F 203 -10.04 -29.96 5.88
C ILE F 203 -8.53 -29.92 5.72
N LYS F 204 -7.89 -29.16 6.62
CA LYS F 204 -6.43 -29.13 6.69
C LYS F 204 -5.87 -30.52 6.83
N LYS F 205 -4.71 -30.73 6.21
CA LYS F 205 -4.03 -32.01 6.36
C LYS F 205 -3.60 -32.22 7.81
N LYS F 206 -3.22 -31.15 8.51
CA LYS F 206 -2.82 -31.25 9.90
C LYS F 206 -3.22 -29.96 10.60
N GLY F 207 -3.66 -30.10 11.85
CA GLY F 207 -4.09 -28.97 12.65
C GLY F 207 -3.26 -28.76 13.89
N LYS F 208 -3.69 -27.84 14.76
CA LYS F 208 -2.94 -27.54 15.97
C LYS F 208 -3.82 -27.63 17.21
N ILE F 209 -4.99 -28.28 17.11
CA ILE F 209 -5.95 -28.40 18.21
C ILE F 209 -6.50 -29.82 18.29
N TYR F 210 -6.61 -30.34 19.52
CA TYR F 210 -7.30 -31.58 19.84
C TYR F 210 -8.50 -31.28 20.74
N SER F 211 -9.53 -32.12 20.65
CA SER F 211 -10.82 -31.82 21.25
C SER F 211 -11.37 -33.08 21.93
N LEU F 212 -11.42 -33.09 23.26
CA LEU F 212 -12.14 -34.16 23.96
C LEU F 212 -12.29 -33.81 25.43
N ASN F 213 -13.31 -34.41 26.05
CA ASN F 213 -13.56 -34.26 27.47
C ASN F 213 -12.49 -35.01 28.26
N GLU F 214 -11.40 -34.32 28.59
CA GLU F 214 -10.30 -34.93 29.35
C GLU F 214 -10.67 -35.20 30.79
N GLY F 215 -11.88 -34.82 31.21
CA GLY F 215 -12.34 -35.14 32.54
C GLY F 215 -12.49 -36.61 32.78
N TYR F 216 -12.67 -37.41 31.72
CA TYR F 216 -12.79 -38.86 31.86
C TYR F 216 -11.43 -39.56 31.78
N ALA F 217 -10.33 -38.83 32.03
CA ALA F 217 -9.00 -39.38 31.82
C ALA F 217 -8.75 -40.64 32.64
N LYS F 218 -9.32 -40.69 33.85
CA LYS F 218 -9.18 -41.86 34.71
C LYS F 218 -9.68 -43.14 34.02
N ASP F 219 -10.60 -43.03 33.06
CA ASP F 219 -11.12 -44.20 32.35
C ASP F 219 -10.57 -44.39 30.95
N PHE F 220 -9.64 -43.54 30.50
CA PHE F 220 -9.15 -43.60 29.13
C PHE F 220 -8.44 -44.89 28.80
N ASP F 221 -8.66 -45.37 27.58
CA ASP F 221 -7.83 -46.43 27.01
C ASP F 221 -6.36 -46.00 26.99
N PRO F 222 -5.43 -46.96 27.11
CA PRO F 222 -3.99 -46.60 27.05
C PRO F 222 -3.60 -45.85 25.78
N ALA F 223 -4.24 -46.20 24.65
CA ALA F 223 -4.00 -45.47 23.41
C ALA F 223 -4.45 -44.01 23.54
N VAL F 224 -5.59 -43.77 24.19
CA VAL F 224 -6.05 -42.40 24.35
C VAL F 224 -5.10 -41.60 25.25
N THR F 225 -4.62 -42.19 26.35
CA THR F 225 -3.67 -41.46 27.20
C THR F 225 -2.43 -41.07 26.43
N GLU F 226 -1.88 -42.00 25.64
CA GLU F 226 -0.61 -41.76 24.98
C GLU F 226 -0.74 -40.71 23.88
N TYR F 227 -1.80 -40.77 23.08
CA TYR F 227 -1.95 -39.80 22.02
C TYR F 227 -2.09 -38.36 22.58
N ILE F 228 -2.81 -38.19 23.69
CA ILE F 228 -2.94 -36.86 24.30
C ILE F 228 -1.62 -36.39 24.92
N GLN F 229 -0.87 -37.30 25.54
CA GLN F 229 0.44 -36.93 26.06
C GLN F 229 1.34 -36.43 24.94
N ARG F 230 1.23 -37.05 23.76
CA ARG F 230 1.98 -36.61 22.59
C ARG F 230 1.56 -35.23 22.14
N LYS F 231 0.32 -34.81 22.44
CA LYS F 231 -0.14 -33.47 22.06
C LYS F 231 0.40 -32.40 23.01
N LYS F 232 0.47 -32.72 24.30
CA LYS F 232 1.02 -31.77 25.27
C LYS F 232 2.55 -31.78 25.29
N PHE F 233 3.18 -32.93 25.08
CA PHE F 233 4.65 -33.11 25.19
C PHE F 233 5.13 -33.73 23.88
N PRO F 234 5.20 -32.93 22.82
CA PRO F 234 5.46 -33.47 21.47
C PRO F 234 6.77 -34.22 21.37
N PRO F 235 6.74 -35.45 20.84
CA PRO F 235 7.99 -36.22 20.68
C PRO F 235 8.96 -35.65 19.65
N ASP F 236 8.49 -34.93 18.64
CA ASP F 236 9.36 -34.42 17.58
C ASP F 236 9.91 -33.03 17.85
N ASN F 237 9.28 -32.27 18.76
CA ASN F 237 9.62 -30.91 19.17
C ASN F 237 8.92 -29.81 18.38
N SER F 238 7.84 -30.14 17.68
CA SER F 238 6.95 -29.07 17.26
C SER F 238 6.32 -28.46 18.51
N ALA F 239 5.64 -27.33 18.33
CA ALA F 239 5.03 -26.67 19.47
C ALA F 239 3.75 -27.41 19.90
N PRO F 240 3.42 -27.44 21.20
CA PRO F 240 2.23 -28.17 21.66
C PRO F 240 0.93 -27.63 21.07
N TYR F 241 -0.04 -28.53 20.92
CA TYR F 241 -1.39 -28.19 20.49
C TYR F 241 -2.16 -27.48 21.59
N GLY F 242 -3.14 -26.67 21.18
CA GLY F 242 -4.15 -26.17 22.09
C GLY F 242 -5.31 -27.17 22.28
N ALA F 243 -5.98 -27.04 23.41
CA ALA F 243 -7.15 -27.86 23.73
C ALA F 243 -8.44 -27.04 23.57
N ARG F 244 -9.48 -27.68 23.03
CA ARG F 244 -10.82 -27.09 22.96
C ARG F 244 -11.87 -28.16 23.15
N TYR F 245 -12.83 -27.92 24.04
CA TYR F 245 -13.95 -28.84 24.16
C TYR F 245 -15.18 -28.04 24.58
N VAL F 246 -16.01 -27.71 23.58
CA VAL F 246 -17.23 -26.93 23.81
C VAL F 246 -18.26 -27.77 24.55
N GLY F 247 -18.29 -29.07 24.28
CA GLY F 247 -19.28 -29.95 24.85
C GLY F 247 -20.53 -30.09 24.04
N SER F 248 -20.60 -29.45 22.88
CA SER F 248 -21.70 -29.64 21.96
C SER F 248 -21.13 -30.18 20.65
N MET F 249 -21.54 -31.41 20.29
CA MET F 249 -20.82 -32.16 19.26
C MET F 249 -20.72 -31.40 17.95
N VAL F 250 -21.80 -30.74 17.54
CA VAL F 250 -21.81 -29.98 16.29
C VAL F 250 -20.78 -28.85 16.34
N ALA F 251 -20.68 -28.16 17.47
CA ALA F 251 -19.75 -27.04 17.56
C ALA F 251 -18.30 -27.51 17.47
N ASP F 252 -17.97 -28.61 18.15
CA ASP F 252 -16.60 -29.11 18.14
C ASP F 252 -16.22 -29.71 16.79
N VAL F 253 -17.13 -30.44 16.15
CA VAL F 253 -16.82 -30.99 14.84
C VAL F 253 -16.68 -29.89 13.80
N HIS F 254 -17.53 -28.86 13.88
CA HIS F 254 -17.45 -27.79 12.90
C HIS F 254 -16.16 -27.00 13.04
N ARG F 255 -15.75 -26.72 14.29
CA ARG F 255 -14.45 -26.10 14.52
C ARG F 255 -13.32 -26.96 13.95
N THR F 256 -13.42 -28.28 14.10
CA THR F 256 -12.41 -29.17 13.52
C THR F 256 -12.35 -29.00 12.00
N LEU F 257 -13.51 -28.93 11.34
CA LEU F 257 -13.54 -28.72 9.89
C LEU F 257 -12.87 -27.41 9.51
N VAL F 258 -13.19 -26.34 10.22
CA VAL F 258 -12.80 -25.00 9.82
C VAL F 258 -11.32 -24.74 10.09
N TYR F 259 -10.83 -25.21 11.23
CA TYR F 259 -9.48 -24.89 11.67
C TYR F 259 -8.49 -26.05 11.53
N GLY F 260 -8.98 -27.26 11.27
CA GLY F 260 -8.16 -28.44 11.32
C GLY F 260 -8.05 -28.96 12.75
N GLY F 261 -7.43 -30.13 12.88
CA GLY F 261 -7.29 -30.74 14.18
C GLY F 261 -7.99 -32.08 14.30
N ILE F 262 -8.25 -32.50 15.53
CA ILE F 262 -8.80 -33.83 15.79
C ILE F 262 -9.86 -33.71 16.85
N PHE F 263 -10.91 -34.53 16.74
CA PHE F 263 -11.98 -34.60 17.71
C PHE F 263 -12.18 -36.04 18.17
N LEU F 264 -12.32 -36.22 19.48
CA LEU F 264 -12.46 -37.54 20.08
C LEU F 264 -13.62 -37.58 21.06
N TYR F 265 -14.45 -38.59 20.87
CA TYR F 265 -15.31 -39.14 21.93
C TYR F 265 -15.02 -40.63 21.86
N PRO F 266 -13.92 -41.06 22.46
CA PRO F 266 -13.48 -42.44 22.27
C PRO F 266 -14.19 -43.40 23.22
N ALA F 267 -14.03 -44.68 22.92
CA ALA F 267 -14.54 -45.73 23.78
C ALA F 267 -13.58 -45.93 24.94
N ASN F 268 -14.13 -46.23 26.10
CA ASN F 268 -13.34 -46.52 27.28
C ASN F 268 -13.86 -47.84 27.87
N LYS F 269 -13.51 -48.11 29.13
CA LYS F 269 -14.05 -49.32 29.75
C LYS F 269 -15.50 -49.09 30.19
N LYS F 270 -15.83 -47.86 30.60
CA LYS F 270 -17.20 -47.53 30.99
C LYS F 270 -18.15 -47.48 29.80
N SER F 271 -17.67 -47.19 28.59
CA SER F 271 -18.52 -47.12 27.39
C SER F 271 -17.81 -47.84 26.24
N PRO F 272 -17.83 -49.17 26.24
CA PRO F 272 -17.00 -49.93 25.30
C PRO F 272 -17.36 -49.69 23.85
N ASN F 273 -18.56 -49.18 23.58
CA ASN F 273 -18.99 -48.80 22.24
C ASN F 273 -19.13 -47.30 22.10
N GLY F 274 -18.52 -46.52 22.98
CA GLY F 274 -18.65 -45.08 22.90
C GLY F 274 -19.98 -44.61 23.46
N LYS F 275 -20.27 -43.32 23.21
CA LYS F 275 -21.51 -42.65 23.61
C LYS F 275 -22.28 -42.06 22.45
N LEU F 276 -21.60 -41.54 21.43
CA LEU F 276 -22.28 -40.93 20.30
C LEU F 276 -23.02 -42.00 19.50
N ARG F 277 -24.11 -41.59 18.87
CA ARG F 277 -24.96 -42.50 18.11
C ARG F 277 -24.53 -42.61 16.66
N LEU F 278 -24.50 -43.84 16.16
CA LEU F 278 -23.96 -44.10 14.82
C LEU F 278 -24.86 -43.50 13.73
N LEU F 279 -26.16 -43.75 13.82
CA LEU F 279 -27.02 -43.41 12.68
C LEU F 279 -27.11 -41.90 12.49
N TYR F 280 -27.39 -41.14 13.56
CA TYR F 280 -27.68 -39.73 13.38
C TYR F 280 -26.67 -38.79 14.05
N GLU F 281 -25.55 -39.30 14.54
CA GLU F 281 -24.47 -38.41 14.98
C GLU F 281 -23.16 -38.76 14.29
N CYS F 282 -22.75 -40.03 14.40
CA CYS F 282 -21.44 -40.41 13.85
C CYS F 282 -21.45 -40.42 12.33
N ASN F 283 -22.42 -41.11 11.72
CA ASN F 283 -22.39 -41.25 10.27
C ASN F 283 -22.43 -39.93 9.53
N PRO F 284 -23.39 -39.03 9.79
CA PRO F 284 -23.39 -37.76 9.03
C PRO F 284 -22.10 -36.99 9.18
N MET F 285 -21.52 -36.98 10.38
CA MET F 285 -20.28 -36.23 10.59
C MET F 285 -19.11 -36.92 9.90
N ALA F 286 -19.06 -38.26 9.97
CA ALA F 286 -18.03 -39.03 9.28
C ALA F 286 -18.10 -38.80 7.77
N TYR F 287 -19.31 -38.78 7.23
CA TYR F 287 -19.48 -38.51 5.81
C TYR F 287 -18.99 -37.12 5.46
N VAL F 288 -19.35 -36.11 6.26
CA VAL F 288 -18.86 -34.76 6.02
C VAL F 288 -17.34 -34.70 6.09
N MET F 289 -16.76 -35.35 7.11
CA MET F 289 -15.30 -35.35 7.24
C MET F 289 -14.63 -35.98 6.03
N GLU F 290 -15.08 -37.17 5.62
CA GLU F 290 -14.42 -37.81 4.48
C GLU F 290 -14.58 -36.98 3.20
N LYS F 291 -15.79 -36.50 2.94
CA LYS F 291 -16.05 -35.66 1.76
C LYS F 291 -15.27 -34.36 1.79
N ALA F 292 -14.79 -33.94 2.94
CA ALA F 292 -13.97 -32.75 3.09
C ALA F 292 -12.48 -33.08 3.04
N GLY F 293 -12.13 -34.33 2.79
CA GLY F 293 -10.76 -34.77 2.71
C GLY F 293 -10.19 -35.24 4.03
N GLY F 294 -11.04 -35.38 5.06
CA GLY F 294 -10.63 -35.84 6.36
C GLY F 294 -10.97 -37.29 6.58
N MET F 295 -10.76 -37.73 7.83
CA MET F 295 -11.00 -39.11 8.20
C MET F 295 -11.89 -39.17 9.44
N ALA F 296 -12.51 -40.31 9.61
CA ALA F 296 -13.37 -40.56 10.76
C ALA F 296 -13.33 -42.06 11.02
N THR F 297 -12.89 -42.44 12.21
CA THR F 297 -12.66 -43.84 12.48
C THR F 297 -13.21 -44.17 13.87
N THR F 298 -13.58 -45.43 14.05
CA THR F 298 -13.93 -45.97 15.34
C THR F 298 -12.73 -46.51 16.09
N GLY F 299 -11.56 -46.48 15.47
CA GLY F 299 -10.39 -47.13 16.04
C GLY F 299 -10.09 -48.44 15.37
N LYS F 300 -11.11 -49.29 15.20
CA LYS F 300 -10.95 -50.55 14.48
C LYS F 300 -11.27 -50.42 12.99
N GLU F 301 -12.17 -49.52 12.61
CA GLU F 301 -12.58 -49.40 11.22
C GLU F 301 -13.11 -48.00 10.98
N ALA F 302 -13.31 -47.69 9.70
CA ALA F 302 -13.94 -46.43 9.33
C ALA F 302 -15.35 -46.37 9.88
N VAL F 303 -15.77 -45.20 10.35
CA VAL F 303 -17.13 -45.09 10.88
C VAL F 303 -18.14 -45.49 9.81
N LEU F 304 -17.86 -45.09 8.56
CA LEU F 304 -18.75 -45.33 7.44
C LEU F 304 -18.85 -46.81 7.04
N ASP F 305 -17.98 -47.69 7.54
CA ASP F 305 -18.09 -49.09 7.18
C ASP F 305 -18.86 -49.91 8.20
N VAL F 306 -19.08 -49.36 9.40
CA VAL F 306 -19.88 -50.05 10.41
C VAL F 306 -21.27 -50.29 9.87
N ILE F 307 -21.72 -51.54 9.93
CA ILE F 307 -23.08 -51.88 9.52
C ILE F 307 -23.92 -51.94 10.78
N PRO F 308 -24.90 -51.04 10.95
CA PRO F 308 -25.64 -51.00 12.21
C PRO F 308 -26.63 -52.15 12.32
N THR F 309 -26.83 -52.57 13.55
CA THR F 309 -27.81 -53.59 13.83
C THR F 309 -28.95 -53.07 14.68
N ASP F 310 -28.86 -51.84 15.16
CA ASP F 310 -29.89 -51.20 15.97
C ASP F 310 -29.85 -49.73 15.61
N ILE F 311 -31.01 -49.11 15.45
CA ILE F 311 -31.02 -47.71 14.98
C ILE F 311 -30.48 -46.73 16.03
N HIS F 312 -30.43 -47.10 17.31
CA HIS F 312 -29.86 -46.22 18.33
C HIS F 312 -28.51 -46.70 18.85
N GLN F 313 -27.83 -47.58 18.14
CA GLN F 313 -26.59 -48.12 18.66
C GLN F 313 -25.49 -47.05 18.67
N ARG F 314 -24.54 -47.20 19.59
CA ARG F 314 -23.50 -46.20 19.74
C ARG F 314 -22.20 -46.62 19.04
N ALA F 315 -21.34 -45.63 18.80
CA ALA F 315 -20.03 -45.83 18.18
C ALA F 315 -19.00 -44.87 18.75
N PRO F 316 -17.78 -45.33 19.01
CA PRO F 316 -16.70 -44.40 19.34
C PRO F 316 -16.25 -43.68 18.08
N VAL F 317 -15.65 -42.51 18.26
CA VAL F 317 -15.34 -41.73 17.07
C VAL F 317 -14.09 -40.88 17.31
N ILE F 318 -13.19 -40.93 16.33
CA ILE F 318 -12.07 -40.03 16.19
C ILE F 318 -12.13 -39.49 14.77
N LEU F 319 -12.20 -38.17 14.63
CA LEU F 319 -12.39 -37.60 13.29
C LEU F 319 -11.64 -36.29 13.17
N GLY F 320 -11.39 -35.88 11.92
CA GLY F 320 -10.71 -34.63 11.69
C GLY F 320 -9.67 -34.64 10.58
N SER F 321 -8.66 -33.78 10.74
CA SER F 321 -7.59 -33.69 9.76
C SER F 321 -6.89 -35.04 9.61
N PRO F 322 -6.57 -35.46 8.38
CA PRO F 322 -6.02 -36.82 8.19
C PRO F 322 -4.73 -37.12 8.95
N ASP F 323 -3.76 -36.21 8.95
CA ASP F 323 -2.50 -36.49 9.63
C ASP F 323 -2.68 -36.64 11.12
N ASP F 324 -3.64 -35.94 11.70
CA ASP F 324 -3.91 -36.09 13.14
C ASP F 324 -4.60 -37.43 13.44
N VAL F 325 -5.54 -37.82 12.58
CA VAL F 325 -6.26 -39.09 12.76
C VAL F 325 -5.32 -40.27 12.56
N LEU F 326 -4.40 -40.17 11.59
CA LEU F 326 -3.47 -41.27 11.34
C LEU F 326 -2.49 -41.43 12.48
N GLU F 327 -2.01 -40.31 13.02
CA GLU F 327 -1.16 -40.40 14.21
C GLU F 327 -1.89 -41.10 15.33
N PHE F 328 -3.18 -40.81 15.50
CA PHE F 328 -3.92 -41.54 16.52
C PHE F 328 -4.00 -43.03 16.19
N LEU F 329 -4.29 -43.39 14.93
CA LEU F 329 -4.46 -44.79 14.56
C LEU F 329 -3.16 -45.61 14.71
N LYS F 330 -2.01 -45.01 14.40
CA LYS F 330 -0.75 -45.71 14.64
C LYS F 330 -0.60 -46.04 16.12
N VAL F 331 -0.93 -45.09 17.00
CA VAL F 331 -0.87 -45.32 18.45
C VAL F 331 -1.89 -46.40 18.85
N TYR F 332 -3.10 -46.32 18.30
CA TYR F 332 -4.09 -47.33 18.62
C TYR F 332 -3.64 -48.70 18.14
N GLU F 333 -3.20 -48.79 16.88
CA GLU F 333 -2.70 -50.06 16.37
C GLU F 333 -1.44 -50.51 17.10
N LYS F 334 -0.56 -49.57 17.46
CA LYS F 334 0.70 -49.95 18.08
C LYS F 334 0.48 -50.62 19.43
N HIS F 335 -0.67 -50.36 20.10
CA HIS F 335 -1.00 -51.05 21.36
C HIS F 335 -1.59 -52.42 21.15
N SER F 336 -1.37 -52.99 19.96
CA SER F 336 -1.79 -54.35 19.64
C SER F 336 -3.31 -54.37 19.62
N ASP G 10 -26.14 13.72 15.64
CA ASP G 10 -25.82 12.74 16.67
C ASP G 10 -27.03 11.79 16.85
N VAL G 11 -26.79 10.48 16.92
CA VAL G 11 -27.89 9.52 16.90
C VAL G 11 -28.72 9.62 18.17
N ASN G 12 -30.02 9.35 18.03
CA ASN G 12 -30.93 9.42 19.16
C ASN G 12 -32.00 8.34 19.03
N THR G 13 -32.33 7.72 20.14
CA THR G 13 -33.40 6.74 20.19
C THR G 13 -34.56 7.33 20.98
N LEU G 14 -35.73 6.73 20.81
CA LEU G 14 -36.90 7.20 21.54
C LEU G 14 -36.64 7.17 23.04
N THR G 15 -36.05 6.08 23.52
CA THR G 15 -35.86 5.91 24.95
C THR G 15 -34.91 6.98 25.50
N ARG G 16 -33.81 7.20 24.79
CA ARG G 16 -32.88 8.24 25.22
C ARG G 16 -33.48 9.64 25.04
N PHE G 17 -34.28 9.85 23.99
CA PHE G 17 -34.92 11.14 23.78
C PHE G 17 -35.89 11.47 24.91
N VAL G 18 -36.68 10.47 25.33
CA VAL G 18 -37.63 10.68 26.40
C VAL G 18 -36.91 10.94 27.72
N MET G 19 -35.84 10.18 28.01
CA MET G 19 -35.07 10.43 29.23
C MET G 19 -34.55 11.86 29.27
N GLU G 20 -33.99 12.34 28.16
CA GLU G 20 -33.41 13.69 28.13
C GLU G 20 -34.47 14.77 28.39
N GLU G 21 -35.65 14.64 27.78
CA GLU G 21 -36.69 15.63 28.05
C GLU G 21 -37.08 15.61 29.52
N GLY G 22 -37.16 14.41 30.10
CA GLY G 22 -37.49 14.30 31.51
C GLY G 22 -36.41 14.84 32.42
N ARG G 23 -35.13 14.67 32.05
CA ARG G 23 -34.06 15.19 32.91
C ARG G 23 -34.00 16.71 32.88
N LYS G 24 -34.21 17.30 31.71
CA LYS G 24 -34.28 18.75 31.65
C LYS G 24 -35.40 19.24 32.56
N ALA G 25 -36.57 18.63 32.47
CA ALA G 25 -37.68 19.05 33.31
C ALA G 25 -37.50 18.66 34.77
N ARG G 26 -36.47 17.87 35.10
CA ARG G 26 -36.20 17.42 36.47
C ARG G 26 -37.46 16.84 37.09
N GLY G 27 -38.18 16.07 36.27
CA GLY G 27 -39.39 15.41 36.69
C GLY G 27 -39.10 14.09 37.36
N THR G 28 -40.17 13.47 37.83
CA THR G 28 -40.01 12.30 38.67
C THR G 28 -39.69 11.02 37.90
N GLY G 29 -39.95 10.97 36.59
CA GLY G 29 -39.73 9.76 35.82
C GLY G 29 -40.94 8.88 35.57
N GLU G 30 -42.09 9.22 36.16
CA GLU G 30 -43.29 8.40 36.01
C GLU G 30 -43.78 8.38 34.58
N LEU G 31 -43.77 9.54 33.92
CA LEU G 31 -44.22 9.59 32.53
C LEU G 31 -43.23 8.86 31.63
N THR G 32 -41.93 9.03 31.87
CA THR G 32 -40.91 8.32 31.08
C THR G 32 -41.10 6.82 31.16
N GLN G 33 -41.43 6.32 32.33
CA GLN G 33 -41.67 4.89 32.49
C GLN G 33 -42.93 4.47 31.75
N LEU G 34 -43.97 5.29 31.80
CA LEU G 34 -45.16 5.07 30.99
C LEU G 34 -44.80 5.07 29.50
N LEU G 35 -44.04 6.07 29.06
CA LEU G 35 -43.72 6.16 27.64
C LEU G 35 -42.87 4.98 27.19
N ASN G 36 -41.93 4.56 28.01
CA ASN G 36 -41.10 3.43 27.63
C ASN G 36 -41.95 2.18 27.50
N SER G 37 -42.95 2.03 28.37
CA SER G 37 -43.84 0.88 28.34
C SER G 37 -44.66 0.81 27.07
N LEU G 38 -45.17 1.96 26.63
CA LEU G 38 -45.94 1.99 25.40
C LEU G 38 -45.07 1.63 24.21
N CYS G 39 -43.86 2.19 24.17
CA CYS G 39 -42.91 1.88 23.12
C CYS G 39 -42.67 0.38 23.00
N THR G 40 -42.49 -0.28 24.13
CA THR G 40 -42.27 -1.72 24.10
C THR G 40 -43.48 -2.45 23.53
N ALA G 41 -44.67 -2.11 24.01
CA ALA G 41 -45.90 -2.73 23.51
C ALA G 41 -46.05 -2.48 22.02
N VAL G 42 -45.67 -1.30 21.56
CA VAL G 42 -45.81 -1.00 20.14
C VAL G 42 -44.91 -1.91 19.31
N LYS G 43 -43.70 -2.20 19.78
CA LYS G 43 -42.83 -3.14 19.08
C LYS G 43 -43.41 -4.56 19.09
N ALA G 44 -44.12 -4.93 20.14
CA ALA G 44 -44.74 -6.24 20.20
C ALA G 44 -45.93 -6.32 19.23
N ILE G 45 -46.71 -5.25 19.13
CA ILE G 45 -47.85 -5.20 18.23
C ILE G 45 -47.39 -5.23 16.78
N SER G 46 -46.38 -4.42 16.45
CA SER G 46 -45.86 -4.41 15.10
C SER G 46 -45.37 -5.80 14.70
N SER G 47 -44.65 -6.48 15.58
CA SER G 47 -44.20 -7.82 15.26
C SER G 47 -45.39 -8.72 14.98
N ALA G 48 -46.50 -8.53 15.70
CA ALA G 48 -47.68 -9.35 15.48
C ALA G 48 -48.37 -9.00 14.17
N VAL G 49 -48.41 -7.71 13.84
CA VAL G 49 -49.10 -7.26 12.64
C VAL G 49 -48.36 -7.75 11.39
N ARG G 50 -47.05 -7.81 11.45
CA ARG G 50 -46.25 -8.35 10.36
C ARG G 50 -46.28 -9.89 10.30
N LYS G 51 -47.10 -10.51 11.15
CA LYS G 51 -47.39 -11.93 11.09
C LYS G 51 -46.19 -12.80 11.46
N ALA G 52 -45.34 -12.32 12.35
CA ALA G 52 -44.28 -13.18 12.85
C ALA G 52 -44.87 -14.36 13.62
N GLY G 53 -44.39 -15.56 13.30
CA GLY G 53 -44.88 -16.80 13.87
C GLY G 53 -46.08 -17.42 13.19
N ILE G 54 -46.57 -16.83 12.10
CA ILE G 54 -47.78 -17.32 11.45
C ILE G 54 -47.63 -18.74 10.93
N ALA G 55 -46.39 -19.18 10.65
CA ALA G 55 -46.19 -20.56 10.20
C ALA G 55 -46.70 -21.56 11.24
N HIS G 56 -46.58 -21.21 12.51
CA HIS G 56 -47.09 -22.12 13.53
C HIS G 56 -48.60 -22.12 13.51
N LEU G 57 -49.21 -20.99 13.20
CA LEU G 57 -50.65 -21.00 13.06
C LEU G 57 -51.09 -22.01 12.02
N TYR G 58 -50.27 -22.22 11.00
CA TYR G 58 -50.60 -23.07 9.87
C TYR G 58 -49.92 -24.43 9.98
N GLY G 59 -49.41 -24.79 11.15
CA GLY G 59 -49.02 -26.16 11.37
C GLY G 59 -47.65 -26.54 10.88
N ILE G 60 -46.68 -25.63 10.88
CA ILE G 60 -45.32 -25.98 10.52
C ILE G 60 -44.75 -27.05 11.45
N ALA G 61 -45.32 -27.23 12.64
CA ALA G 61 -44.94 -28.30 13.54
C ALA G 61 -46.06 -29.29 13.81
N GLY G 62 -47.14 -29.25 13.03
CA GLY G 62 -48.29 -30.12 13.26
C GLY G 62 -49.43 -29.45 14.00
N LYS G 73 -57.00 -13.31 18.04
CA LYS G 73 -57.41 -12.19 17.23
C LYS G 73 -56.44 -11.03 17.42
N LEU G 74 -56.17 -10.29 16.35
CA LEU G 74 -55.06 -9.35 16.39
C LEU G 74 -55.37 -8.13 17.26
N ASP G 75 -56.57 -7.57 17.16
CA ASP G 75 -56.87 -6.43 18.02
C ASP G 75 -57.10 -6.84 19.47
N VAL G 76 -57.45 -8.11 19.71
CA VAL G 76 -57.51 -8.59 21.09
C VAL G 76 -56.10 -8.71 21.68
N LEU G 77 -55.16 -9.28 20.93
CA LEU G 77 -53.80 -9.38 21.43
C LEU G 77 -53.20 -7.98 21.65
N SER G 78 -53.40 -7.06 20.70
CA SER G 78 -52.90 -5.70 20.83
C SER G 78 -53.39 -5.06 22.12
N ASN G 79 -54.69 -5.24 22.41
CA ASN G 79 -55.24 -4.69 23.64
C ASN G 79 -54.55 -5.30 24.84
N ASP G 80 -54.29 -6.61 24.81
CA ASP G 80 -53.59 -7.27 25.90
C ASP G 80 -52.21 -6.68 26.12
N LEU G 81 -51.50 -6.36 25.04
CA LEU G 81 -50.16 -5.78 25.16
C LEU G 81 -50.20 -4.35 25.77
N VAL G 82 -51.07 -3.47 25.28
CA VAL G 82 -51.13 -2.11 25.84
C VAL G 82 -51.63 -2.15 27.28
N MET G 83 -52.70 -2.90 27.53
CA MET G 83 -53.21 -3.04 28.89
C MET G 83 -52.13 -3.55 29.85
N ASN G 84 -51.43 -4.61 29.46
CA ASN G 84 -50.48 -5.21 30.39
C ASN G 84 -49.27 -4.32 30.57
N MET G 85 -48.75 -3.74 29.49
CA MET G 85 -47.56 -2.89 29.61
C MET G 85 -47.85 -1.57 30.35
N LEU G 86 -49.06 -1.03 30.23
CA LEU G 86 -49.43 0.17 30.96
C LEU G 86 -49.75 -0.16 32.41
N LYS G 87 -50.55 -1.20 32.65
CA LYS G 87 -50.78 -1.64 34.01
C LYS G 87 -49.45 -1.88 34.74
N SER G 88 -48.52 -2.60 34.11
CA SER G 88 -47.29 -2.93 34.82
C SER G 88 -46.28 -1.81 34.81
N SER G 89 -46.61 -0.65 34.23
CA SER G 89 -45.68 0.47 34.27
C SER G 89 -45.66 1.16 35.62
N PHE G 90 -46.64 0.88 36.48
CA PHE G 90 -46.84 1.58 37.73
C PHE G 90 -47.03 3.08 37.52
N ALA G 91 -47.44 3.48 36.32
CA ALA G 91 -47.54 4.90 36.01
C ALA G 91 -48.97 5.36 35.73
N THR G 92 -49.93 4.45 35.73
CA THR G 92 -51.26 4.77 35.27
C THR G 92 -52.29 4.42 36.33
N CYS G 93 -53.48 4.95 36.18
CA CYS G 93 -54.56 4.57 37.09
C CYS G 93 -55.89 4.38 36.39
N VAL G 94 -56.12 5.01 35.24
CA VAL G 94 -57.34 4.77 34.48
C VAL G 94 -56.93 4.56 33.02
N LEU G 95 -57.41 3.47 32.44
CA LEU G 95 -57.12 3.10 31.06
C LEU G 95 -58.43 2.99 30.32
N VAL G 96 -58.52 3.64 29.17
CA VAL G 96 -59.69 3.55 28.31
C VAL G 96 -59.26 3.01 26.95
N SER G 97 -59.95 1.97 26.48
CA SER G 97 -59.63 1.38 25.18
C SER G 97 -60.89 1.18 24.34
N GLU G 98 -60.76 1.37 23.02
CA GLU G 98 -61.87 1.13 22.10
C GLU G 98 -62.47 -0.26 22.26
N GLU G 99 -61.69 -1.20 22.76
CA GLU G 99 -62.08 -2.60 22.81
C GLU G 99 -62.78 -2.97 24.12
N ASP G 100 -62.87 -2.06 25.09
CA ASP G 100 -63.46 -2.36 26.39
C ASP G 100 -64.66 -1.46 26.65
N LYS G 101 -65.78 -2.04 27.06
CA LYS G 101 -67.00 -1.25 27.25
C LYS G 101 -66.83 -0.22 28.37
N HIS G 102 -66.20 -0.60 29.46
CA HIS G 102 -66.04 0.28 30.61
C HIS G 102 -64.56 0.61 30.76
N ALA G 103 -64.28 1.75 31.36
CA ALA G 103 -62.90 2.07 31.68
C ALA G 103 -62.32 1.00 32.59
N ILE G 104 -61.01 0.79 32.47
CA ILE G 104 -60.31 -0.13 33.33
C ILE G 104 -59.60 0.68 34.42
N ILE G 105 -59.85 0.32 35.67
CA ILE G 105 -59.21 0.97 36.79
C ILE G 105 -58.07 0.08 37.24
N VAL G 106 -56.86 0.61 37.18
CA VAL G 106 -55.71 -0.15 37.63
C VAL G 106 -55.87 -0.50 39.10
N GLU G 107 -55.52 -1.73 39.43
CA GLU G 107 -55.54 -2.19 40.80
C GLU G 107 -54.67 -1.28 41.67
N PRO G 108 -55.01 -1.13 42.95
CA PRO G 108 -54.38 -0.08 43.77
C PRO G 108 -52.88 -0.15 43.88
N GLU G 109 -52.31 -1.35 43.96
CA GLU G 109 -50.87 -1.47 44.18
C GLU G 109 -50.04 -0.97 43.01
N LYS G 110 -50.64 -0.81 41.83
CA LYS G 110 -49.92 -0.37 40.64
C LYS G 110 -50.33 1.03 40.17
N ARG G 111 -51.14 1.75 40.94
CA ARG G 111 -51.67 3.02 40.45
C ARG G 111 -50.57 4.07 40.34
N GLY G 112 -50.58 4.80 39.23
CA GLY G 112 -49.76 5.97 39.05
C GLY G 112 -50.63 7.15 38.69
N LYS G 113 -50.05 8.26 38.23
CA LYS G 113 -50.82 9.49 38.17
C LYS G 113 -51.44 9.76 36.80
N TYR G 114 -51.42 8.81 35.87
CA TYR G 114 -51.78 9.11 34.49
C TYR G 114 -53.00 8.32 34.04
N VAL G 115 -53.80 8.98 33.19
CA VAL G 115 -54.99 8.41 32.54
C VAL G 115 -54.67 8.23 31.06
N VAL G 116 -54.89 7.03 30.54
CA VAL G 116 -54.51 6.73 29.17
C VAL G 116 -55.71 6.24 28.37
N CYS G 117 -55.96 6.88 27.24
CA CYS G 117 -56.94 6.45 26.25
C CYS G 117 -56.22 6.00 24.98
N PHE G 118 -56.69 4.89 24.41
CA PHE G 118 -56.01 4.36 23.24
C PHE G 118 -56.93 3.49 22.41
N ASP G 119 -56.67 3.47 21.11
CA ASP G 119 -57.19 2.44 20.22
C ASP G 119 -56.04 1.50 19.91
N PRO G 120 -56.02 0.29 20.47
CA PRO G 120 -54.82 -0.54 20.33
C PRO G 120 -54.53 -0.94 18.90
N LEU G 121 -55.58 -1.07 18.04
CA LEU G 121 -55.34 -1.44 16.64
C LEU G 121 -56.46 -0.82 15.79
N ASP G 122 -56.27 0.45 15.46
CA ASP G 122 -57.21 1.20 14.64
C ASP G 122 -57.08 0.80 13.18
N GLY G 123 -58.22 0.60 12.52
CA GLY G 123 -58.27 0.07 11.18
C GLY G 123 -58.34 -1.45 11.10
N SER G 124 -58.34 -2.15 12.24
CA SER G 124 -58.22 -3.60 12.23
C SER G 124 -59.36 -4.30 11.49
N SER G 125 -60.49 -3.61 11.24
CA SER G 125 -61.56 -4.21 10.47
C SER G 125 -61.10 -4.55 9.05
N ASN G 126 -60.26 -3.70 8.46
CA ASN G 126 -59.68 -3.93 7.14
C ASN G 126 -58.28 -4.54 7.24
N ILE G 127 -58.03 -5.38 8.24
CA ILE G 127 -56.73 -6.04 8.31
C ILE G 127 -56.68 -7.31 7.47
N ASP G 128 -57.82 -7.78 6.94
CA ASP G 128 -57.78 -8.89 5.99
C ASP G 128 -57.09 -8.50 4.71
N CYS G 129 -57.19 -7.23 4.32
CA CYS G 129 -56.59 -6.74 3.09
C CYS G 129 -55.21 -6.14 3.32
N LEU G 130 -54.67 -6.28 4.53
CA LEU G 130 -53.35 -5.76 4.85
C LEU G 130 -53.29 -4.25 4.72
N VAL G 131 -54.43 -3.58 4.92
CA VAL G 131 -54.40 -2.13 4.92
C VAL G 131 -53.54 -1.69 6.10
N SER G 132 -53.00 -0.48 5.99
CA SER G 132 -52.24 0.08 7.09
C SER G 132 -53.11 0.08 8.35
N VAL G 133 -52.51 -0.24 9.48
CA VAL G 133 -53.19 -0.13 10.75
C VAL G 133 -52.28 0.63 11.71
N GLY G 134 -52.82 0.93 12.89
CA GLY G 134 -52.06 1.75 13.82
C GLY G 134 -52.63 1.74 15.21
N THR G 135 -51.81 2.27 16.12
CA THR G 135 -52.14 2.45 17.53
C THR G 135 -52.21 3.96 17.79
N ILE G 136 -53.28 4.42 18.43
CA ILE G 136 -53.47 5.83 18.76
C ILE G 136 -53.54 5.91 20.28
N PHE G 137 -52.91 6.91 20.86
CA PHE G 137 -52.88 6.95 22.31
C PHE G 137 -52.87 8.40 22.78
N GLY G 138 -53.53 8.63 23.93
CA GLY G 138 -53.47 9.93 24.58
C GLY G 138 -53.31 9.85 26.07
N ILE G 139 -52.53 10.79 26.64
CA ILE G 139 -52.10 10.75 28.03
C ILE G 139 -52.53 12.04 28.72
N TYR G 140 -53.32 11.91 29.78
CA TYR G 140 -53.72 13.02 30.64
C TYR G 140 -53.13 12.79 32.03
N ARG G 141 -52.83 13.87 32.73
CA ARG G 141 -52.67 13.76 34.18
C ARG G 141 -54.05 13.50 34.77
N LYS G 142 -54.12 12.62 35.77
CA LYS G 142 -55.38 12.56 36.49
C LYS G 142 -55.60 13.89 37.17
N LYS G 143 -56.82 14.43 37.05
CA LYS G 143 -57.05 15.84 37.37
C LYS G 143 -57.80 16.05 38.67
N SER G 144 -58.64 15.10 39.06
CA SER G 144 -59.46 15.25 40.24
C SER G 144 -58.89 14.39 41.36
N THR G 145 -59.29 14.73 42.58
CA THR G 145 -58.84 14.01 43.75
C THR G 145 -59.80 12.88 44.12
N ASP G 146 -60.83 12.63 43.32
CA ASP G 146 -61.68 11.51 43.66
C ASP G 146 -60.94 10.20 43.47
N GLU G 147 -61.51 9.15 44.04
CA GLU G 147 -61.07 7.80 43.76
C GLU G 147 -61.07 7.60 42.24
N PRO G 148 -60.04 6.95 41.67
CA PRO G 148 -59.98 6.87 40.21
C PRO G 148 -61.23 6.18 39.69
N SER G 149 -61.76 6.74 38.60
CA SER G 149 -63.00 6.24 38.02
C SER G 149 -63.03 6.62 36.56
N GLU G 150 -64.06 6.12 35.88
CA GLU G 150 -64.27 6.40 34.47
C GLU G 150 -64.31 7.91 34.22
N LYS G 151 -64.77 8.68 35.22
CA LYS G 151 -64.90 10.12 35.07
C LYS G 151 -63.56 10.81 34.81
N ASP G 152 -62.46 10.20 35.27
CA ASP G 152 -61.16 10.83 35.14
C ASP G 152 -60.71 10.92 33.70
N ALA G 153 -61.29 10.10 32.82
CA ALA G 153 -60.93 10.13 31.42
C ALA G 153 -61.72 11.17 30.65
N LEU G 154 -62.72 11.78 31.27
CA LEU G 154 -63.62 12.71 30.58
C LEU G 154 -63.07 14.12 30.58
N GLN G 155 -61.86 14.29 30.20
CA GLN G 155 -61.26 15.62 30.13
C GLN G 155 -61.19 16.10 28.69
N PRO G 156 -61.26 17.41 28.43
CA PRO G 156 -61.11 17.89 27.05
C PRO G 156 -59.68 17.70 26.59
N GLY G 157 -59.52 17.64 25.27
CA GLY G 157 -58.21 17.40 24.68
C GLY G 157 -57.17 18.43 25.09
N ARG G 158 -57.59 19.63 25.49
CA ARG G 158 -56.66 20.64 26.00
C ARG G 158 -55.74 20.08 27.08
N ASN G 159 -56.25 19.18 27.93
CA ASN G 159 -55.55 18.65 29.11
C ASN G 159 -54.47 17.61 28.81
N LEU G 160 -54.30 17.20 27.55
CA LEU G 160 -53.36 16.13 27.23
C LEU G 160 -51.94 16.49 27.65
N VAL G 161 -51.26 15.56 28.29
CA VAL G 161 -49.86 15.72 28.63
C VAL G 161 -48.99 15.28 27.47
N ALA G 162 -49.40 14.20 26.80
CA ALA G 162 -48.74 13.65 25.62
C ALA G 162 -49.76 12.86 24.81
N ALA G 163 -49.54 12.81 23.50
CA ALA G 163 -50.36 12.00 22.62
C ALA G 163 -49.56 11.66 21.38
N GLY G 164 -50.02 10.65 20.66
CA GLY G 164 -49.43 10.29 19.39
C GLY G 164 -49.96 8.97 18.86
N TYR G 165 -49.23 8.45 17.88
CA TYR G 165 -49.66 7.22 17.24
C TYR G 165 -48.45 6.45 16.69
N ALA G 166 -48.60 5.13 16.59
CA ALA G 166 -47.70 4.26 15.84
C ALA G 166 -48.43 3.86 14.57
N LEU G 167 -47.74 3.95 13.44
CA LEU G 167 -48.29 3.55 12.15
C LEU G 167 -47.60 2.28 11.69
N TYR G 168 -48.36 1.20 11.56
CA TYR G 168 -47.83 -0.07 11.03
C TYR G 168 -48.12 -0.09 9.52
N GLY G 169 -47.31 0.66 8.79
CA GLY G 169 -47.43 0.75 7.35
C GLY G 169 -46.34 -0.03 6.65
N SER G 170 -45.84 0.51 5.54
CA SER G 170 -44.73 -0.14 4.86
C SER G 170 -43.53 -0.27 5.79
N ALA G 171 -43.39 0.67 6.71
CA ALA G 171 -42.49 0.59 7.87
C ALA G 171 -43.28 1.02 9.12
N THR G 172 -42.68 0.80 10.30
CA THR G 172 -43.34 1.16 11.55
C THR G 172 -42.74 2.43 12.16
N MET G 173 -43.58 3.43 12.35
CA MET G 173 -43.17 4.72 12.87
C MET G 173 -44.01 5.12 14.08
N LEU G 174 -43.35 5.71 15.06
CA LEU G 174 -44.03 6.28 16.21
C LEU G 174 -43.96 7.80 16.14
N VAL G 175 -45.11 8.45 16.20
CA VAL G 175 -45.20 9.91 16.15
C VAL G 175 -45.60 10.37 17.54
N LEU G 176 -44.74 11.15 18.19
CA LEU G 176 -44.92 11.59 19.56
C LEU G 176 -45.04 13.12 19.62
N ALA G 177 -46.12 13.61 20.23
CA ALA G 177 -46.33 15.04 20.43
C ALA G 177 -46.36 15.35 21.93
N MET G 178 -45.69 16.45 22.33
CA MET G 178 -45.75 17.00 23.69
C MET G 178 -45.74 18.53 23.55
N ASP G 179 -45.60 19.26 24.66
CA ASP G 179 -45.49 20.72 24.55
C ASP G 179 -44.31 21.14 23.69
N CYS G 180 -43.20 20.39 23.78
CA CYS G 180 -42.00 20.70 23.01
C CYS G 180 -42.15 20.45 21.51
N GLY G 181 -43.25 19.83 21.07
CA GLY G 181 -43.53 19.63 19.66
C GLY G 181 -43.70 18.17 19.29
N VAL G 182 -43.71 17.92 17.98
CA VAL G 182 -43.93 16.60 17.40
C VAL G 182 -42.60 16.03 16.93
N ASN G 183 -42.31 14.79 17.33
CA ASN G 183 -41.13 14.08 16.83
C ASN G 183 -41.56 12.72 16.30
N CYS G 184 -40.88 12.28 15.23
CA CYS G 184 -41.20 11.04 14.53
C CYS G 184 -40.02 10.08 14.62
N PHE G 185 -40.31 8.85 15.04
CA PHE G 185 -39.28 7.85 15.27
C PHE G 185 -39.56 6.62 14.43
N MET G 186 -38.58 6.19 13.64
CA MET G 186 -38.68 5.04 12.75
C MET G 186 -38.19 3.77 13.46
N LEU G 187 -39.01 2.73 13.47
CA LEU G 187 -38.63 1.45 14.09
C LEU G 187 -37.62 0.69 13.22
N ASP G 188 -36.45 0.38 13.81
CA ASP G 188 -35.46 -0.47 13.15
C ASP G 188 -35.69 -1.88 13.63
N PRO G 189 -36.34 -2.71 12.82
CA PRO G 189 -36.66 -4.07 13.28
C PRO G 189 -35.41 -4.92 13.46
N ALA G 190 -34.28 -4.56 12.82
CA ALA G 190 -33.04 -5.30 13.00
C ALA G 190 -32.54 -5.24 14.43
N ILE G 191 -32.82 -4.14 15.14
CA ILE G 191 -32.34 -3.97 16.50
C ILE G 191 -33.45 -3.68 17.48
N GLY G 192 -34.70 -3.55 17.02
CA GLY G 192 -35.81 -3.26 17.89
C GLY G 192 -35.63 -1.93 18.61
N GLU G 193 -35.31 -0.89 17.86
CA GLU G 193 -35.11 0.43 18.45
C GLU G 193 -35.83 1.47 17.62
N PHE G 194 -36.42 2.45 18.29
CA PHE G 194 -37.02 3.59 17.62
C PHE G 194 -35.96 4.66 17.39
N ILE G 195 -35.77 5.04 16.14
CA ILE G 195 -34.73 5.98 15.75
C ILE G 195 -35.41 7.31 15.45
N LEU G 196 -34.93 8.36 16.10
CA LEU G 196 -35.45 9.69 15.84
C LEU G 196 -35.08 10.10 14.42
N VAL G 197 -36.09 10.35 13.58
CA VAL G 197 -35.81 10.70 12.19
C VAL G 197 -36.40 12.05 11.79
N ASP G 198 -37.36 12.60 12.53
CA ASP G 198 -37.89 13.94 12.23
C ASP G 198 -38.11 14.69 13.53
N LYS G 199 -37.31 15.74 13.74
CA LYS G 199 -37.36 16.54 14.97
C LYS G 199 -38.30 17.72 14.78
N ASP G 200 -39.20 17.92 15.73
CA ASP G 200 -40.04 19.12 15.83
C ASP G 200 -40.78 19.37 14.51
N VAL G 201 -41.59 18.40 14.10
CA VAL G 201 -42.21 18.41 12.78
C VAL G 201 -43.27 19.53 12.70
N LYS G 202 -43.40 20.13 11.51
CA LYS G 202 -44.39 21.17 11.27
C LYS G 202 -45.10 20.94 9.94
N ILE G 203 -46.43 20.95 9.98
CA ILE G 203 -47.22 20.66 8.81
C ILE G 203 -47.20 21.85 7.85
N LYS G 204 -47.30 21.56 6.57
CA LYS G 204 -47.40 22.62 5.56
C LYS G 204 -48.57 23.54 5.85
N LYS G 205 -48.36 24.82 5.52
CA LYS G 205 -49.39 25.84 5.72
C LYS G 205 -50.63 25.55 4.87
N LYS G 206 -50.45 24.96 3.69
CA LYS G 206 -51.54 24.53 2.83
C LYS G 206 -51.09 23.30 2.05
N GLY G 207 -52.03 22.39 1.82
CA GLY G 207 -51.69 21.16 1.12
C GLY G 207 -52.40 21.01 -0.21
N LYS G 208 -52.28 19.84 -0.84
CA LYS G 208 -52.87 19.60 -2.15
C LYS G 208 -53.68 18.32 -2.18
N ILE G 209 -54.07 17.81 -1.01
CA ILE G 209 -54.78 16.54 -0.93
C ILE G 209 -55.91 16.65 0.07
N TYR G 210 -57.08 16.15 -0.29
CA TYR G 210 -58.18 16.02 0.65
C TYR G 210 -58.53 14.54 0.79
N SER G 211 -59.00 14.18 1.98
CA SER G 211 -59.21 12.79 2.34
C SER G 211 -60.58 12.65 3.02
N LEU G 212 -61.53 12.01 2.34
CA LEU G 212 -62.78 11.66 3.00
C LEU G 212 -63.50 10.60 2.19
N ASN G 213 -64.35 9.83 2.87
CA ASN G 213 -65.16 8.82 2.22
C ASN G 213 -66.30 9.47 1.45
N GLU G 214 -66.08 9.75 0.16
CA GLU G 214 -67.11 10.35 -0.68
C GLU G 214 -68.27 9.41 -0.94
N GLY G 215 -68.19 8.17 -0.45
CA GLY G 215 -69.31 7.25 -0.50
C GLY G 215 -70.51 7.73 0.28
N TYR G 216 -70.31 8.62 1.26
CA TYR G 216 -71.42 9.21 2.00
C TYR G 216 -71.90 10.52 1.39
N ALA G 217 -71.59 10.79 0.11
CA ALA G 217 -71.88 12.09 -0.49
C ALA G 217 -73.36 12.45 -0.42
N LYS G 218 -74.23 11.44 -0.51
CA LYS G 218 -75.66 11.68 -0.43
C LYS G 218 -76.09 12.25 0.93
N ASP G 219 -75.34 11.96 2.01
CA ASP G 219 -75.72 12.39 3.35
C ASP G 219 -74.94 13.60 3.84
N PHE G 220 -74.03 14.15 3.05
CA PHE G 220 -73.22 15.27 3.49
C PHE G 220 -74.10 16.50 3.73
N ASP G 221 -73.82 17.21 4.82
CA ASP G 221 -74.35 18.56 5.02
C ASP G 221 -73.87 19.51 3.90
N PRO G 222 -74.64 20.55 3.59
CA PRO G 222 -74.26 21.44 2.46
C PRO G 222 -72.85 22.03 2.53
N ALA G 223 -72.36 22.36 3.73
CA ALA G 223 -71.03 22.96 3.84
C ALA G 223 -69.94 22.00 3.32
N VAL G 224 -70.01 20.73 3.69
CA VAL G 224 -69.05 19.76 3.16
C VAL G 224 -69.22 19.59 1.66
N THR G 225 -70.47 19.58 1.18
CA THR G 225 -70.72 19.42 -0.25
C THR G 225 -70.02 20.50 -1.05
N GLU G 226 -70.10 21.75 -0.58
CA GLU G 226 -69.43 22.83 -1.28
C GLU G 226 -67.92 22.72 -1.21
N TYR G 227 -67.38 22.41 -0.02
CA TYR G 227 -65.93 22.42 0.12
C TYR G 227 -65.28 21.38 -0.77
N ILE G 228 -65.88 20.19 -0.84
CA ILE G 228 -65.36 19.13 -1.69
C ILE G 228 -65.51 19.55 -3.15
N GLN G 229 -66.62 20.22 -3.46
CA GLN G 229 -66.85 20.77 -4.78
C GLN G 229 -65.79 21.80 -5.16
N ARG G 230 -65.38 22.65 -4.21
CA ARG G 230 -64.35 23.64 -4.49
C ARG G 230 -63.00 23.01 -4.76
N LYS G 231 -62.76 21.82 -4.21
CA LYS G 231 -61.46 21.19 -4.37
C LYS G 231 -61.34 20.56 -5.74
N LYS G 232 -62.45 20.03 -6.25
CA LYS G 232 -62.45 19.46 -7.59
C LYS G 232 -62.53 20.55 -8.66
N PHE G 233 -63.24 21.62 -8.39
CA PHE G 233 -63.45 22.70 -9.36
C PHE G 233 -63.03 24.00 -8.72
N PRO G 234 -61.74 24.26 -8.64
CA PRO G 234 -61.28 25.50 -8.02
C PRO G 234 -61.81 26.70 -8.76
N PRO G 235 -62.47 27.62 -8.05
CA PRO G 235 -63.02 28.80 -8.73
C PRO G 235 -61.96 29.71 -9.31
N ASP G 236 -60.76 29.75 -8.74
CA ASP G 236 -59.71 30.65 -9.17
C ASP G 236 -58.85 30.04 -10.27
N ASN G 237 -59.11 28.80 -10.66
CA ASN G 237 -58.53 28.08 -11.79
C ASN G 237 -57.26 27.31 -11.40
N SER G 238 -56.81 27.37 -10.14
CA SER G 238 -55.67 26.56 -9.71
C SER G 238 -55.97 25.06 -9.91
N ALA G 239 -54.96 24.24 -9.70
CA ALA G 239 -55.15 22.82 -9.99
C ALA G 239 -56.01 22.16 -8.92
N PRO G 240 -56.88 21.23 -9.29
CA PRO G 240 -57.71 20.53 -8.30
C PRO G 240 -56.84 19.75 -7.33
N TYR G 241 -57.37 19.56 -6.13
CA TYR G 241 -56.67 18.72 -5.15
C TYR G 241 -56.70 17.26 -5.59
N GLY G 242 -55.70 16.50 -5.15
CA GLY G 242 -55.78 15.07 -5.29
C GLY G 242 -56.54 14.46 -4.12
N ALA G 243 -57.20 13.33 -4.39
CA ALA G 243 -57.96 12.64 -3.36
C ALA G 243 -57.24 11.36 -2.97
N ARG G 244 -57.19 11.11 -1.67
CA ARG G 244 -56.69 9.85 -1.12
C ARG G 244 -57.56 9.55 0.09
N TYR G 245 -58.03 8.32 0.20
CA TYR G 245 -58.74 7.88 1.40
C TYR G 245 -58.41 6.40 1.58
N VAL G 246 -57.46 6.12 2.48
CA VAL G 246 -57.08 4.74 2.74
C VAL G 246 -58.19 4.02 3.47
N GLY G 247 -58.93 4.73 4.31
CA GLY G 247 -59.93 4.09 5.12
C GLY G 247 -59.42 3.60 6.45
N SER G 248 -58.16 3.86 6.78
CA SER G 248 -57.61 3.63 8.12
C SER G 248 -57.07 4.96 8.62
N MET G 249 -57.69 5.50 9.68
CA MET G 249 -57.51 6.91 10.03
C MET G 249 -56.05 7.28 10.32
N VAL G 250 -55.29 6.37 10.95
CA VAL G 250 -53.89 6.66 11.22
C VAL G 250 -53.09 6.88 9.93
N ALA G 251 -53.36 6.07 8.89
CA ALA G 251 -52.65 6.24 7.62
C ALA G 251 -52.99 7.57 6.95
N ASP G 252 -54.29 7.92 6.91
CA ASP G 252 -54.70 9.17 6.26
C ASP G 252 -54.19 10.39 7.02
N VAL G 253 -54.29 10.37 8.36
CA VAL G 253 -53.85 11.51 9.16
C VAL G 253 -52.34 11.67 9.09
N HIS G 254 -51.59 10.56 9.14
CA HIS G 254 -50.15 10.68 9.03
C HIS G 254 -49.77 11.24 7.67
N ARG G 255 -50.44 10.75 6.62
CA ARG G 255 -50.21 11.30 5.30
C ARG G 255 -50.45 12.81 5.33
N THR G 256 -51.55 13.24 5.96
CA THR G 256 -51.89 14.66 6.09
C THR G 256 -50.81 15.45 6.83
N LEU G 257 -50.30 14.90 7.92
CA LEU G 257 -49.19 15.54 8.61
C LEU G 257 -47.95 15.64 7.72
N VAL G 258 -47.60 14.55 7.03
CA VAL G 258 -46.34 14.52 6.30
C VAL G 258 -46.40 15.37 5.04
N TYR G 259 -47.50 15.28 4.30
CA TYR G 259 -47.60 15.88 2.98
C TYR G 259 -48.44 17.15 2.97
N GLY G 260 -49.14 17.44 4.07
CA GLY G 260 -50.09 18.53 4.08
C GLY G 260 -51.41 18.07 3.51
N GLY G 261 -52.39 18.97 3.56
CA GLY G 261 -53.70 18.65 3.04
C GLY G 261 -54.74 18.69 4.14
N ILE G 262 -55.87 18.06 3.93
CA ILE G 262 -57.01 18.14 4.85
C ILE G 262 -57.62 16.75 4.96
N PHE G 263 -58.08 16.41 6.16
CA PHE G 263 -58.75 15.14 6.43
C PHE G 263 -60.13 15.43 6.98
N LEU G 264 -61.14 14.67 6.53
CA LEU G 264 -62.52 14.90 6.94
C LEU G 264 -63.22 13.60 7.32
N TYR G 265 -63.79 13.56 8.51
CA TYR G 265 -64.82 12.57 8.82
C TYR G 265 -66.01 13.31 9.41
N PRO G 266 -66.91 13.82 8.56
CA PRO G 266 -68.05 14.60 9.06
C PRO G 266 -69.15 13.65 9.49
N ALA G 267 -70.21 14.21 10.07
CA ALA G 267 -71.36 13.39 10.42
C ALA G 267 -72.20 13.12 9.17
N ASN G 268 -72.84 11.96 9.14
CA ASN G 268 -73.79 11.59 8.10
C ASN G 268 -75.04 11.02 8.79
N LYS G 269 -75.89 10.31 8.03
CA LYS G 269 -77.15 9.84 8.60
C LYS G 269 -76.94 8.64 9.54
N LYS G 270 -76.02 7.75 9.18
CA LYS G 270 -75.64 6.66 10.08
C LYS G 270 -74.86 7.17 11.27
N SER G 271 -74.24 8.35 11.17
CA SER G 271 -73.39 8.89 12.22
C SER G 271 -73.69 10.37 12.46
N PRO G 272 -74.85 10.68 13.03
CA PRO G 272 -75.19 12.11 13.22
C PRO G 272 -74.29 12.81 14.23
N ASN G 273 -73.61 12.06 15.11
CA ASN G 273 -72.63 12.64 16.01
C ASN G 273 -71.23 12.39 15.49
N GLY G 274 -71.12 12.11 14.20
CA GLY G 274 -69.87 11.73 13.57
C GLY G 274 -69.61 10.27 13.79
N LYS G 275 -68.45 9.79 13.32
CA LYS G 275 -68.16 8.38 13.52
C LYS G 275 -66.87 8.13 14.30
N LEU G 276 -65.87 8.99 14.10
CA LEU G 276 -64.60 8.82 14.81
C LEU G 276 -64.78 9.12 16.29
N ARG G 277 -63.97 8.46 17.11
CA ARG G 277 -64.08 8.58 18.56
C ARG G 277 -63.31 9.79 19.08
N LEU G 278 -63.92 10.52 20.01
CA LEU G 278 -63.32 11.75 20.53
C LEU G 278 -62.09 11.45 21.38
N LEU G 279 -62.21 10.51 22.30
CA LEU G 279 -61.19 10.33 23.32
C LEU G 279 -59.91 9.76 22.74
N TYR G 280 -60.02 8.70 21.95
CA TYR G 280 -58.85 7.93 21.58
C TYR G 280 -58.61 7.91 20.07
N GLU G 281 -59.33 8.71 19.29
CA GLU G 281 -59.01 8.86 17.88
C GLU G 281 -58.87 10.34 17.57
N CYS G 282 -59.94 11.10 17.82
CA CYS G 282 -59.96 12.50 17.44
C CYS G 282 -59.01 13.33 18.29
N ASN G 283 -59.07 13.20 19.63
CA ASN G 283 -58.23 14.04 20.47
C ASN G 283 -56.73 13.83 20.23
N PRO G 284 -56.16 12.62 20.29
CA PRO G 284 -54.72 12.51 20.03
C PRO G 284 -54.33 13.09 18.68
N MET G 285 -55.15 12.86 17.64
CA MET G 285 -54.79 13.36 16.32
C MET G 285 -54.90 14.88 16.26
N ALA G 286 -55.90 15.46 16.91
CA ALA G 286 -55.99 16.93 17.01
C ALA G 286 -54.78 17.51 17.75
N TYR G 287 -54.35 16.86 18.82
CA TYR G 287 -53.21 17.34 19.59
C TYR G 287 -51.95 17.37 18.74
N VAL G 288 -51.68 16.29 18.01
CA VAL G 288 -50.51 16.28 17.13
C VAL G 288 -50.64 17.39 16.08
N MET G 289 -51.82 17.50 15.49
CA MET G 289 -52.02 18.50 14.45
C MET G 289 -51.72 19.89 14.99
N GLU G 290 -52.30 20.23 16.14
CA GLU G 290 -52.07 21.55 16.71
C GLU G 290 -50.61 21.72 17.11
N LYS G 291 -50.01 20.72 17.74
CA LYS G 291 -48.59 20.83 18.10
C LYS G 291 -47.70 20.93 16.88
N ALA G 292 -48.19 20.47 15.72
CA ALA G 292 -47.47 20.53 14.46
C ALA G 292 -47.80 21.77 13.65
N GLY G 293 -48.60 22.68 14.22
CA GLY G 293 -49.00 23.89 13.53
C GLY G 293 -50.28 23.82 12.72
N GLY G 294 -51.08 22.76 12.85
CA GLY G 294 -52.34 22.63 12.16
C GLY G 294 -53.57 22.90 13.01
N MET G 295 -54.74 22.60 12.44
CA MET G 295 -56.02 22.85 13.08
C MET G 295 -56.88 21.58 13.11
N ALA G 296 -57.86 21.57 14.01
CA ALA G 296 -58.80 20.44 14.08
C ALA G 296 -60.09 20.92 14.74
N THR G 297 -61.21 20.77 14.04
CA THR G 297 -62.49 21.32 14.47
C THR G 297 -63.60 20.30 14.29
N THR G 298 -64.67 20.48 15.06
CA THR G 298 -65.92 19.78 14.80
C THR G 298 -66.81 20.54 13.81
N GLY G 299 -66.37 21.73 13.40
CA GLY G 299 -67.22 22.63 12.64
C GLY G 299 -67.72 23.72 13.56
N LYS G 300 -68.19 23.34 14.75
CA LYS G 300 -68.61 24.34 15.72
C LYS G 300 -67.46 24.78 16.61
N GLU G 301 -66.50 23.92 16.89
CA GLU G 301 -65.40 24.34 17.75
C GLU G 301 -64.18 23.47 17.46
N ALA G 302 -63.06 23.86 18.04
CA ALA G 302 -61.85 23.05 17.99
C ALA G 302 -62.10 21.72 18.70
N VAL G 303 -61.51 20.65 18.14
CA VAL G 303 -61.68 19.34 18.75
C VAL G 303 -61.19 19.36 20.18
N LEU G 304 -60.05 20.02 20.42
CA LEU G 304 -59.44 19.97 21.74
C LEU G 304 -60.25 20.67 22.82
N ASP G 305 -61.30 21.45 22.47
CA ASP G 305 -62.17 22.13 23.44
C ASP G 305 -63.45 21.37 23.78
N VAL G 306 -63.82 20.36 23.00
CA VAL G 306 -65.02 19.59 23.31
C VAL G 306 -64.86 18.98 24.70
N ILE G 307 -65.90 19.14 25.52
CA ILE G 307 -65.92 18.53 26.85
C ILE G 307 -66.75 17.24 26.75
N PRO G 308 -66.15 16.07 26.89
CA PRO G 308 -66.91 14.82 26.77
C PRO G 308 -67.76 14.50 27.99
N THR G 309 -68.84 13.77 27.74
CA THR G 309 -69.66 13.19 28.80
C THR G 309 -69.63 11.66 28.79
N ASP G 310 -69.02 11.05 27.76
CA ASP G 310 -69.00 9.59 27.64
C ASP G 310 -67.68 9.19 27.01
N ILE G 311 -67.07 8.12 27.52
CA ILE G 311 -65.74 7.77 27.04
C ILE G 311 -65.73 7.26 25.61
N HIS G 312 -66.86 6.75 25.12
CA HIS G 312 -66.91 6.26 23.74
C HIS G 312 -67.74 7.18 22.85
N GLN G 313 -67.93 8.42 23.26
CA GLN G 313 -68.74 9.32 22.45
C GLN G 313 -67.99 9.63 21.15
N ARG G 314 -68.75 9.96 20.12
CA ARG G 314 -68.19 10.25 18.82
C ARG G 314 -68.15 11.75 18.57
N ALA G 315 -67.36 12.14 17.58
CA ALA G 315 -67.26 13.54 17.20
C ALA G 315 -67.05 13.63 15.70
N PRO G 316 -67.60 14.63 15.04
CA PRO G 316 -67.16 14.99 13.69
C PRO G 316 -65.80 15.67 13.76
N VAL G 317 -65.06 15.60 12.65
CA VAL G 317 -63.69 16.11 12.65
C VAL G 317 -63.29 16.53 11.23
N ILE G 318 -62.72 17.74 11.12
CA ILE G 318 -61.99 18.21 9.94
C ILE G 318 -60.65 18.73 10.45
N LEU G 319 -59.55 18.19 9.94
CA LEU G 319 -58.24 18.59 10.46
C LEU G 319 -57.17 18.56 9.39
N GLY G 320 -56.08 19.29 9.64
CA GLY G 320 -54.99 19.33 8.69
C GLY G 320 -54.30 20.67 8.57
N SER G 321 -53.76 20.97 7.40
CA SER G 321 -53.03 22.21 7.18
C SER G 321 -53.94 23.41 7.47
N PRO G 322 -53.42 24.43 8.16
CA PRO G 322 -54.31 25.51 8.64
C PRO G 322 -55.07 26.24 7.54
N ASP G 323 -54.41 26.57 6.43
CA ASP G 323 -55.09 27.33 5.40
C ASP G 323 -56.27 26.56 4.85
N ASP G 324 -56.17 25.23 4.83
CA ASP G 324 -57.27 24.41 4.34
C ASP G 324 -58.40 24.33 5.36
N VAL G 325 -58.09 24.16 6.65
CA VAL G 325 -59.17 24.06 7.63
C VAL G 325 -59.96 25.36 7.68
N LEU G 326 -59.28 26.49 7.48
CA LEU G 326 -59.95 27.78 7.49
C LEU G 326 -60.85 27.97 6.28
N GLU G 327 -60.41 27.52 5.10
CA GLU G 327 -61.28 27.62 3.94
C GLU G 327 -62.59 26.89 4.20
N PHE G 328 -62.52 25.70 4.80
CA PHE G 328 -63.74 25.01 5.19
C PHE G 328 -64.50 25.82 6.23
N LEU G 329 -63.79 26.38 7.23
CA LEU G 329 -64.48 27.10 8.28
C LEU G 329 -65.24 28.28 7.73
N LYS G 330 -64.67 28.97 6.73
CA LYS G 330 -65.42 30.02 6.06
C LYS G 330 -66.68 29.47 5.39
N VAL G 331 -66.55 28.35 4.67
CA VAL G 331 -67.73 27.77 4.01
C VAL G 331 -68.76 27.34 5.04
N TYR G 332 -68.31 26.77 6.16
CA TYR G 332 -69.26 26.40 7.20
C TYR G 332 -70.01 27.63 7.68
N GLU G 333 -69.28 28.72 7.94
CA GLU G 333 -69.91 29.99 8.29
C GLU G 333 -70.84 30.50 7.20
N LYS G 334 -70.44 30.36 5.92
CA LYS G 334 -71.24 30.90 4.81
C LYS G 334 -72.63 30.31 4.79
N HIS G 335 -72.78 29.07 5.25
CA HIS G 335 -74.08 28.43 5.37
C HIS G 335 -74.74 28.73 6.71
N SER G 336 -74.35 29.83 7.35
CA SER G 336 -74.84 30.31 8.64
C SER G 336 -74.40 29.37 9.74
N ASP H 10 -52.56 -29.93 5.96
CA ASP H 10 -51.11 -30.06 5.88
C ASP H 10 -50.46 -28.75 5.40
N VAL H 11 -49.42 -28.28 6.08
CA VAL H 11 -48.83 -26.98 5.78
C VAL H 11 -48.11 -27.01 4.45
N ASN H 12 -48.03 -25.84 3.81
CA ASN H 12 -47.34 -25.67 2.54
C ASN H 12 -46.68 -24.30 2.47
N THR H 13 -45.51 -24.27 1.85
CA THR H 13 -44.75 -23.06 1.59
C THR H 13 -44.78 -22.73 0.11
N LEU H 14 -44.41 -21.48 -0.22
CA LEU H 14 -44.38 -21.06 -1.62
C LEU H 14 -43.45 -21.95 -2.44
N THR H 15 -42.24 -22.19 -1.94
CA THR H 15 -41.25 -22.95 -2.70
C THR H 15 -41.70 -24.37 -2.93
N ARG H 16 -42.21 -25.01 -1.88
CA ARG H 16 -42.67 -26.36 -2.03
C ARG H 16 -43.87 -26.43 -2.98
N PHE H 17 -44.72 -25.40 -2.93
CA PHE H 17 -45.90 -25.35 -3.80
C PHE H 17 -45.50 -25.27 -5.26
N VAL H 18 -44.48 -24.48 -5.58
CA VAL H 18 -44.02 -24.32 -6.95
C VAL H 18 -43.38 -25.61 -7.46
N MET H 19 -42.54 -26.27 -6.64
CA MET H 19 -41.94 -27.55 -7.02
C MET H 19 -42.99 -28.62 -7.26
N GLU H 20 -43.98 -28.70 -6.39
CA GLU H 20 -45.03 -29.70 -6.57
C GLU H 20 -45.81 -29.46 -7.86
N GLU H 21 -46.14 -28.22 -8.16
CA GLU H 21 -46.77 -27.88 -9.43
C GLU H 21 -45.84 -28.18 -10.60
N GLY H 22 -44.55 -27.86 -10.43
CA GLY H 22 -43.58 -28.13 -11.46
C GLY H 22 -43.31 -29.61 -11.67
N ARG H 23 -43.32 -30.39 -10.59
CA ARG H 23 -43.09 -31.83 -10.75
C ARG H 23 -44.29 -32.50 -11.40
N LYS H 24 -45.51 -32.08 -11.04
CA LYS H 24 -46.73 -32.63 -11.61
C LYS H 24 -46.76 -32.46 -13.12
N ALA H 25 -46.43 -31.27 -13.61
CA ALA H 25 -46.41 -30.95 -15.02
C ALA H 25 -45.23 -31.56 -15.76
N ARG H 26 -44.30 -32.21 -15.06
CA ARG H 26 -43.10 -32.73 -15.69
C ARG H 26 -42.36 -31.64 -16.47
N GLY H 27 -42.18 -30.47 -15.84
CA GLY H 27 -41.38 -29.42 -16.43
C GLY H 27 -39.90 -29.61 -16.14
N THR H 28 -39.06 -28.78 -16.77
CA THR H 28 -37.60 -28.93 -16.67
C THR H 28 -37.03 -28.43 -15.37
N GLY H 29 -37.80 -27.70 -14.58
CA GLY H 29 -37.33 -27.05 -13.38
C GLY H 29 -36.93 -25.61 -13.57
N GLU H 30 -36.91 -25.13 -14.81
CA GLU H 30 -36.45 -23.78 -15.11
C GLU H 30 -37.41 -22.72 -14.55
N LEU H 31 -38.73 -22.91 -14.69
CA LEU H 31 -39.67 -21.90 -14.17
C LEU H 31 -39.62 -21.84 -12.65
N THR H 32 -39.56 -23.01 -12.01
CA THR H 32 -39.43 -23.08 -10.58
C THR H 32 -38.22 -22.30 -10.08
N GLN H 33 -37.13 -22.31 -10.83
CA GLN H 33 -35.95 -21.53 -10.44
C GLN H 33 -36.18 -20.02 -10.57
N LEU H 34 -36.89 -19.58 -11.61
CA LEU H 34 -37.30 -18.19 -11.72
C LEU H 34 -38.10 -17.76 -10.49
N LEU H 35 -39.08 -18.57 -10.11
CA LEU H 35 -39.94 -18.20 -8.99
C LEU H 35 -39.15 -18.15 -7.68
N ASN H 36 -38.25 -19.11 -7.48
CA ASN H 36 -37.47 -19.10 -6.25
C ASN H 36 -36.55 -17.88 -6.19
N SER H 37 -35.98 -17.49 -7.33
CA SER H 37 -35.18 -16.26 -7.35
C SER H 37 -36.04 -15.04 -7.06
N LEU H 38 -37.24 -14.99 -7.63
CA LEU H 38 -38.15 -13.87 -7.41
C LEU H 38 -38.56 -13.78 -5.94
N CYS H 39 -39.01 -14.90 -5.40
CA CYS H 39 -39.38 -15.00 -4.00
C CYS H 39 -38.23 -14.54 -3.11
N THR H 40 -37.00 -14.95 -3.43
CA THR H 40 -35.86 -14.53 -2.64
C THR H 40 -35.69 -13.03 -2.70
N ALA H 41 -35.78 -12.48 -3.91
CA ALA H 41 -35.64 -11.04 -4.06
C ALA H 41 -36.74 -10.30 -3.28
N VAL H 42 -37.96 -10.83 -3.29
CA VAL H 42 -39.07 -10.12 -2.67
C VAL H 42 -38.83 -9.94 -1.18
N LYS H 43 -38.28 -10.99 -0.55
CA LYS H 43 -37.98 -10.92 0.87
C LYS H 43 -36.89 -9.88 1.16
N ALA H 44 -35.94 -9.75 0.27
CA ALA H 44 -34.93 -8.71 0.45
C ALA H 44 -35.55 -7.33 0.26
N ILE H 45 -36.51 -7.20 -0.65
CA ILE H 45 -37.21 -5.93 -0.77
C ILE H 45 -37.99 -5.64 0.51
N SER H 46 -38.68 -6.65 1.04
CA SER H 46 -39.48 -6.46 2.22
C SER H 46 -38.62 -5.97 3.39
N SER H 47 -37.45 -6.61 3.58
CA SER H 47 -36.55 -6.19 4.66
C SER H 47 -36.14 -4.74 4.52
N ALA H 48 -35.91 -4.27 3.30
CA ALA H 48 -35.50 -2.88 3.15
C ALA H 48 -36.68 -1.93 3.36
N VAL H 49 -37.88 -2.31 2.92
CA VAL H 49 -39.02 -1.40 3.02
C VAL H 49 -39.46 -1.21 4.47
N ARG H 50 -39.36 -2.26 5.28
CA ARG H 50 -39.63 -2.16 6.70
C ARG H 50 -38.51 -1.48 7.45
N LYS H 51 -37.49 -1.01 6.73
CA LYS H 51 -36.43 -0.15 7.27
C LYS H 51 -35.49 -0.88 8.24
N ALA H 52 -35.20 -2.15 7.99
CA ALA H 52 -34.17 -2.83 8.77
C ALA H 52 -32.78 -2.24 8.51
N GLY H 53 -32.02 -2.01 9.57
CA GLY H 53 -30.70 -1.40 9.48
C GLY H 53 -30.67 0.12 9.39
N ILE H 54 -31.82 0.79 9.47
CA ILE H 54 -31.87 2.25 9.33
C ILE H 54 -31.08 2.95 10.43
N ALA H 55 -30.86 2.28 11.56
CA ALA H 55 -30.04 2.88 12.61
C ALA H 55 -28.63 3.17 12.12
N HIS H 56 -28.11 2.32 11.23
CA HIS H 56 -26.77 2.56 10.73
C HIS H 56 -26.74 3.76 9.81
N LEU H 57 -27.84 3.99 9.07
CA LEU H 57 -27.97 5.19 8.23
C LEU H 57 -27.97 6.47 9.05
N TYR H 58 -28.40 6.44 10.31
CA TYR H 58 -28.49 7.62 11.16
C TYR H 58 -27.34 7.72 12.18
N GLY H 59 -26.25 7.00 11.96
CA GLY H 59 -25.03 7.22 12.71
C GLY H 59 -24.98 6.51 14.04
N ILE H 60 -25.62 5.33 14.14
CA ILE H 60 -25.54 4.53 15.35
C ILE H 60 -24.11 4.08 15.61
N ALA H 61 -23.27 4.08 14.59
CA ALA H 61 -21.85 3.76 14.71
C ALA H 61 -20.97 4.95 14.34
N GLY H 62 -21.52 6.15 14.21
CA GLY H 62 -20.76 7.32 13.81
C GLY H 62 -21.30 7.99 12.58
N LYS H 73 -32.99 5.66 -3.51
CA LYS H 73 -32.36 4.34 -3.35
C LYS H 73 -33.37 3.21 -3.21
N LEU H 74 -34.49 3.45 -2.53
CA LEU H 74 -35.33 2.32 -2.14
C LEU H 74 -35.97 1.67 -3.35
N ASP H 75 -36.45 2.47 -4.31
CA ASP H 75 -36.91 1.87 -5.55
C ASP H 75 -35.72 1.48 -6.42
N VAL H 76 -34.54 2.07 -6.17
CA VAL H 76 -33.31 1.66 -6.86
C VAL H 76 -32.82 0.30 -6.36
N LEU H 77 -32.80 0.10 -5.04
CA LEU H 77 -32.35 -1.17 -4.46
C LEU H 77 -33.27 -2.30 -4.85
N SER H 78 -34.59 -2.03 -4.82
CA SER H 78 -35.58 -3.04 -5.21
C SER H 78 -35.29 -3.55 -6.61
N ASN H 79 -35.05 -2.64 -7.54
CA ASN H 79 -34.74 -2.99 -8.92
C ASN H 79 -33.43 -3.78 -9.01
N ASP H 80 -32.39 -3.36 -8.28
CA ASP H 80 -31.15 -4.11 -8.30
C ASP H 80 -31.37 -5.51 -7.77
N LEU H 81 -32.20 -5.63 -6.74
CA LEU H 81 -32.49 -6.96 -6.17
C LEU H 81 -33.17 -7.86 -7.19
N VAL H 82 -34.19 -7.36 -7.87
CA VAL H 82 -34.95 -8.20 -8.80
C VAL H 82 -34.10 -8.54 -10.02
N MET H 83 -33.40 -7.57 -10.58
CA MET H 83 -32.52 -7.80 -11.72
C MET H 83 -31.48 -8.88 -11.45
N ASN H 84 -30.76 -8.77 -10.33
CA ASN H 84 -29.64 -9.68 -10.11
C ASN H 84 -30.12 -11.08 -9.73
N MET H 85 -31.18 -11.18 -8.94
CA MET H 85 -31.68 -12.50 -8.60
C MET H 85 -32.26 -13.18 -9.83
N LEU H 86 -32.84 -12.41 -10.75
CA LEU H 86 -33.37 -12.97 -11.98
C LEU H 86 -32.26 -13.32 -12.96
N LYS H 87 -31.31 -12.40 -13.17
CA LYS H 87 -30.16 -12.67 -14.02
C LYS H 87 -29.48 -13.98 -13.62
N SER H 88 -29.22 -14.15 -12.33
CA SER H 88 -28.48 -15.31 -11.83
C SER H 88 -29.36 -16.53 -11.66
N SER H 89 -30.64 -16.46 -12.02
CA SER H 89 -31.46 -17.66 -11.91
C SER H 89 -31.19 -18.63 -13.03
N PHE H 90 -30.49 -18.19 -14.08
CA PHE H 90 -30.30 -18.96 -15.30
C PHE H 90 -31.63 -19.33 -15.96
N ALA H 91 -32.69 -18.56 -15.71
CA ALA H 91 -34.01 -18.89 -16.23
C ALA H 91 -34.60 -17.86 -17.18
N THR H 92 -33.96 -16.71 -17.38
CA THR H 92 -34.55 -15.59 -18.11
C THR H 92 -33.61 -15.15 -19.22
N CYS H 93 -34.15 -14.33 -20.12
CA CYS H 93 -33.36 -13.75 -21.20
C CYS H 93 -33.67 -12.29 -21.51
N VAL H 94 -34.88 -11.79 -21.22
CA VAL H 94 -35.28 -10.39 -21.38
C VAL H 94 -35.95 -9.93 -20.09
N LEU H 95 -35.50 -8.80 -19.56
CA LEU H 95 -36.08 -8.24 -18.36
C LEU H 95 -36.60 -6.86 -18.68
N VAL H 96 -37.86 -6.62 -18.36
CA VAL H 96 -38.47 -5.30 -18.52
C VAL H 96 -38.85 -4.82 -17.13
N SER H 97 -38.39 -3.63 -16.77
CA SER H 97 -38.66 -3.01 -15.48
C SER H 97 -39.15 -1.59 -15.66
N GLU H 98 -40.03 -1.16 -14.74
CA GLU H 98 -40.43 0.25 -14.73
C GLU H 98 -39.22 1.18 -14.62
N GLU H 99 -38.12 0.70 -14.03
CA GLU H 99 -37.00 1.58 -13.71
C GLU H 99 -36.00 1.70 -14.85
N ASP H 100 -36.16 0.92 -15.93
CA ASP H 100 -35.25 0.98 -17.05
C ASP H 100 -36.05 1.22 -18.33
N LYS H 101 -35.69 2.26 -19.09
CA LYS H 101 -36.41 2.53 -20.33
C LYS H 101 -36.20 1.41 -21.35
N HIS H 102 -35.09 0.68 -21.20
CA HIS H 102 -34.68 -0.38 -22.11
C HIS H 102 -34.77 -1.73 -21.43
N ALA H 103 -35.17 -2.76 -22.18
CA ALA H 103 -35.14 -4.11 -21.66
C ALA H 103 -33.71 -4.54 -21.36
N ILE H 104 -33.56 -5.43 -20.40
CA ILE H 104 -32.25 -5.93 -20.03
C ILE H 104 -32.09 -7.29 -20.69
N ILE H 105 -31.01 -7.46 -21.45
CA ILE H 105 -30.74 -8.74 -22.11
C ILE H 105 -29.62 -9.42 -21.34
N VAL H 106 -29.94 -10.56 -20.73
CA VAL H 106 -28.97 -11.31 -19.96
C VAL H 106 -27.88 -11.86 -20.87
N GLU H 107 -26.63 -11.84 -20.39
CA GLU H 107 -25.54 -12.42 -21.16
C GLU H 107 -25.79 -13.91 -21.39
N PRO H 108 -25.29 -14.46 -22.51
CA PRO H 108 -25.71 -15.82 -22.91
C PRO H 108 -25.46 -16.91 -21.88
N GLU H 109 -24.42 -16.80 -21.07
CA GLU H 109 -24.13 -17.89 -20.14
C GLU H 109 -25.23 -18.07 -19.11
N LYS H 110 -26.07 -17.06 -18.92
CA LYS H 110 -27.10 -17.12 -17.89
C LYS H 110 -28.49 -17.16 -18.51
N ARG H 111 -28.59 -17.26 -19.83
CA ARG H 111 -29.86 -17.16 -20.52
C ARG H 111 -30.72 -18.38 -20.25
N GLY H 112 -32.00 -18.13 -19.96
CA GLY H 112 -33.04 -19.14 -19.91
C GLY H 112 -34.22 -18.78 -20.80
N LYS H 113 -35.34 -19.50 -20.68
CA LYS H 113 -36.38 -19.39 -21.71
C LYS H 113 -37.54 -18.43 -21.39
N TYR H 114 -37.47 -17.66 -20.29
CA TYR H 114 -38.64 -16.92 -19.83
C TYR H 114 -38.38 -15.42 -19.84
N VAL H 115 -39.44 -14.66 -20.14
CA VAL H 115 -39.41 -13.20 -20.14
C VAL H 115 -40.17 -12.70 -18.92
N VAL H 116 -39.53 -11.82 -18.14
CA VAL H 116 -40.11 -11.30 -16.92
C VAL H 116 -40.18 -9.78 -17.03
N CYS H 117 -41.39 -9.23 -16.94
CA CYS H 117 -41.62 -7.80 -16.86
C CYS H 117 -42.09 -7.49 -15.45
N PHE H 118 -41.58 -6.42 -14.86
CA PHE H 118 -41.91 -6.16 -13.46
C PHE H 118 -41.82 -4.68 -13.11
N ASP H 119 -42.61 -4.29 -12.11
CA ASP H 119 -42.42 -3.03 -11.39
C ASP H 119 -41.81 -3.32 -10.03
N PRO H 120 -40.53 -3.00 -9.79
CA PRO H 120 -39.89 -3.49 -8.54
C PRO H 120 -40.44 -2.88 -7.26
N LEU H 121 -41.00 -1.67 -7.31
CA LEU H 121 -41.56 -1.12 -6.08
C LEU H 121 -42.64 -0.12 -6.48
N ASP H 122 -43.84 -0.63 -6.73
CA ASP H 122 -44.94 0.25 -7.09
C ASP H 122 -45.43 1.03 -5.88
N GLY H 123 -45.71 2.33 -6.10
CA GLY H 123 -46.12 3.24 -5.06
C GLY H 123 -45.01 3.92 -4.30
N SER H 124 -43.75 3.63 -4.62
CA SER H 124 -42.64 4.11 -3.82
C SER H 124 -42.54 5.63 -3.79
N SER H 125 -43.11 6.33 -4.77
CA SER H 125 -43.03 7.78 -4.76
C SER H 125 -43.68 8.35 -3.51
N ASN H 126 -44.76 7.72 -3.05
CA ASN H 126 -45.44 8.13 -1.83
C ASN H 126 -45.05 7.24 -0.66
N ILE H 127 -43.77 6.86 -0.59
CA ILE H 127 -43.28 6.06 0.51
C ILE H 127 -42.88 6.89 1.73
N ASP H 128 -42.82 8.21 1.59
CA ASP H 128 -42.47 9.05 2.74
C ASP H 128 -43.53 8.96 3.83
N CYS H 129 -44.78 8.70 3.45
CA CYS H 129 -45.90 8.64 4.37
C CYS H 129 -46.20 7.21 4.84
N LEU H 130 -45.32 6.27 4.51
CA LEU H 130 -45.39 4.89 4.96
C LEU H 130 -46.63 4.16 4.45
N VAL H 131 -47.19 4.66 3.34
CA VAL H 131 -48.29 3.96 2.68
C VAL H 131 -47.79 2.62 2.13
N SER H 132 -48.74 1.71 1.90
CA SER H 132 -48.46 0.40 1.33
C SER H 132 -47.73 0.51 0.01
N VAL H 133 -46.75 -0.37 -0.19
CA VAL H 133 -46.06 -0.51 -1.47
C VAL H 133 -46.06 -1.98 -1.87
N GLY H 134 -45.60 -2.24 -3.09
CA GLY H 134 -45.64 -3.58 -3.62
C GLY H 134 -44.74 -3.76 -4.83
N THR H 135 -44.55 -5.02 -5.17
CA THR H 135 -43.80 -5.44 -6.35
C THR H 135 -44.75 -6.21 -7.26
N ILE H 136 -44.76 -5.87 -8.56
CA ILE H 136 -45.65 -6.50 -9.54
C ILE H 136 -44.79 -7.17 -10.59
N PHE H 137 -45.16 -8.40 -10.97
CA PHE H 137 -44.38 -9.13 -11.95
C PHE H 137 -45.30 -9.95 -12.84
N GLY H 138 -44.85 -10.14 -14.09
CA GLY H 138 -45.47 -11.04 -15.05
C GLY H 138 -44.43 -11.84 -15.82
N ILE H 139 -44.74 -13.09 -16.13
CA ILE H 139 -43.77 -14.03 -16.71
C ILE H 139 -44.30 -14.51 -18.05
N TYR H 140 -43.54 -14.27 -19.10
CA TYR H 140 -43.85 -14.83 -20.42
C TYR H 140 -42.78 -15.83 -20.80
N ARG H 141 -43.20 -16.82 -21.58
CA ARG H 141 -42.27 -17.74 -22.21
C ARG H 141 -41.81 -17.09 -23.51
N LYS H 142 -40.50 -17.09 -23.75
CA LYS H 142 -40.02 -16.52 -25.00
C LYS H 142 -40.50 -17.39 -26.16
N LYS H 143 -40.87 -16.74 -27.28
CA LYS H 143 -41.65 -17.43 -28.31
C LYS H 143 -40.84 -17.81 -29.54
N SER H 144 -39.83 -17.03 -29.92
CA SER H 144 -39.04 -17.30 -31.10
C SER H 144 -37.61 -17.64 -30.70
N THR H 145 -36.90 -18.24 -31.64
CA THR H 145 -35.52 -18.64 -31.39
C THR H 145 -34.53 -17.55 -31.78
N ASP H 146 -35.03 -16.37 -32.10
CA ASP H 146 -34.18 -15.27 -32.48
C ASP H 146 -33.28 -14.83 -31.32
N GLU H 147 -32.32 -13.98 -31.64
CA GLU H 147 -31.58 -13.27 -30.61
C GLU H 147 -32.53 -12.53 -29.68
N PRO H 148 -32.31 -12.56 -28.37
CA PRO H 148 -33.23 -11.87 -27.45
C PRO H 148 -33.24 -10.37 -27.65
N SER H 149 -34.44 -9.80 -27.58
CA SER H 149 -34.62 -8.39 -27.80
C SER H 149 -35.90 -7.93 -27.08
N GLU H 150 -36.12 -6.62 -27.08
CA GLU H 150 -37.35 -6.05 -26.54
C GLU H 150 -38.58 -6.61 -27.24
N LYS H 151 -38.44 -7.03 -28.50
CA LYS H 151 -39.60 -7.52 -29.24
C LYS H 151 -40.20 -8.73 -28.53
N ASP H 152 -39.36 -9.47 -27.83
CA ASP H 152 -39.80 -10.66 -27.12
C ASP H 152 -40.71 -10.36 -25.95
N ALA H 153 -40.68 -9.12 -25.43
CA ALA H 153 -41.53 -8.75 -24.30
C ALA H 153 -42.88 -8.17 -24.73
N LEU H 154 -43.10 -7.93 -26.03
CA LEU H 154 -44.33 -7.34 -26.56
C LEU H 154 -45.38 -8.39 -26.83
N GLN H 155 -45.69 -9.19 -25.84
CA GLN H 155 -46.75 -10.17 -25.94
C GLN H 155 -48.00 -9.72 -25.20
N PRO H 156 -49.17 -10.10 -25.67
CA PRO H 156 -50.39 -9.79 -24.92
C PRO H 156 -50.46 -10.60 -23.63
N GLY H 157 -51.25 -10.06 -22.69
CA GLY H 157 -51.35 -10.67 -21.39
C GLY H 157 -51.83 -12.11 -21.40
N ARG H 158 -52.61 -12.49 -22.42
CA ARG H 158 -53.02 -13.89 -22.58
C ARG H 158 -51.82 -14.81 -22.50
N ASN H 159 -50.67 -14.37 -23.01
CA ASN H 159 -49.52 -15.27 -23.08
C ASN H 159 -48.84 -15.52 -21.75
N LEU H 160 -49.26 -14.84 -20.68
CA LEU H 160 -48.55 -14.93 -19.41
C LEU H 160 -48.52 -16.38 -18.93
N VAL H 161 -47.35 -16.79 -18.46
CA VAL H 161 -47.15 -18.09 -17.85
C VAL H 161 -47.45 -18.05 -16.34
N ALA H 162 -47.06 -16.97 -15.67
CA ALA H 162 -47.34 -16.72 -14.27
C ALA H 162 -47.30 -15.23 -14.04
N ALA H 163 -48.10 -14.77 -13.07
CA ALA H 163 -48.11 -13.36 -12.72
C ALA H 163 -48.52 -13.21 -11.26
N GLY H 164 -48.24 -12.04 -10.71
CA GLY H 164 -48.67 -11.78 -9.36
C GLY H 164 -47.98 -10.57 -8.79
N TYR H 165 -48.07 -10.46 -7.47
CA TYR H 165 -47.52 -9.30 -6.79
C TYR H 165 -47.24 -9.66 -5.36
N ALA H 166 -46.30 -8.93 -4.77
CA ALA H 166 -46.07 -8.96 -3.33
C ALA H 166 -46.52 -7.62 -2.77
N LEU H 167 -47.32 -7.66 -1.73
CA LEU H 167 -47.82 -6.45 -1.09
C LEU H 167 -47.05 -6.26 0.22
N TYR H 168 -46.34 -5.13 0.33
CA TYR H 168 -45.65 -4.74 1.57
C TYR H 168 -46.58 -3.81 2.36
N GLY H 169 -47.56 -4.42 2.99
CA GLY H 169 -48.52 -3.69 3.79
C GLY H 169 -48.34 -3.91 5.27
N SER H 170 -49.44 -3.94 6.00
CA SER H 170 -49.33 -4.22 7.42
C SER H 170 -48.57 -5.53 7.65
N ALA H 171 -48.71 -6.50 6.76
CA ALA H 171 -47.82 -7.66 6.64
C ALA H 171 -47.48 -7.82 5.15
N THR H 172 -46.51 -8.69 4.83
CA THR H 172 -46.10 -8.88 3.44
C THR H 172 -46.74 -10.16 2.89
N MET H 173 -47.48 -10.01 1.81
CA MET H 173 -48.15 -11.13 1.17
C MET H 173 -47.74 -11.23 -0.28
N LEU H 174 -47.59 -12.45 -0.76
CA LEU H 174 -47.34 -12.75 -2.16
C LEU H 174 -48.57 -13.41 -2.76
N VAL H 175 -49.03 -12.90 -3.90
CA VAL H 175 -50.16 -13.45 -4.65
C VAL H 175 -49.61 -13.97 -5.96
N LEU H 176 -49.78 -15.28 -6.21
CA LEU H 176 -49.27 -15.95 -7.43
C LEU H 176 -50.42 -16.51 -8.26
N ALA H 177 -50.49 -16.13 -9.52
CA ALA H 177 -51.50 -16.64 -10.43
C ALA H 177 -50.81 -17.42 -11.55
N MET H 178 -51.36 -18.58 -11.85
CA MET H 178 -50.93 -19.44 -12.95
C MET H 178 -52.18 -20.04 -13.57
N ASP H 179 -51.98 -20.97 -14.51
CA ASP H 179 -53.12 -21.69 -15.09
C ASP H 179 -53.94 -22.39 -14.01
N CYS H 180 -53.27 -22.92 -12.98
CA CYS H 180 -53.92 -23.63 -11.88
C CYS H 180 -54.71 -22.72 -10.94
N GLY H 181 -54.67 -21.40 -11.09
CA GLY H 181 -55.47 -20.50 -10.28
C GLY H 181 -54.61 -19.52 -9.50
N VAL H 182 -55.26 -18.83 -8.55
CA VAL H 182 -54.60 -17.82 -7.74
C VAL H 182 -54.41 -18.35 -6.33
N ASN H 183 -53.18 -18.25 -5.82
CA ASN H 183 -52.87 -18.65 -4.44
C ASN H 183 -52.15 -17.52 -3.72
N CYS H 184 -52.40 -17.40 -2.41
CA CYS H 184 -51.92 -16.28 -1.59
C CYS H 184 -50.94 -16.75 -0.53
N PHE H 185 -49.77 -16.10 -0.46
CA PHE H 185 -48.73 -16.51 0.47
C PHE H 185 -48.35 -15.34 1.36
N MET H 186 -48.40 -15.55 2.67
CA MET H 186 -47.96 -14.59 3.66
C MET H 186 -46.50 -14.85 4.04
N LEU H 187 -45.67 -13.79 4.02
CA LEU H 187 -44.28 -13.92 4.48
C LEU H 187 -44.23 -13.98 6.01
N ASP H 188 -43.65 -15.04 6.54
CA ASP H 188 -43.42 -15.09 7.97
C ASP H 188 -42.04 -14.48 8.20
N PRO H 189 -41.95 -13.25 8.69
CA PRO H 189 -40.63 -12.62 8.82
C PRO H 189 -39.72 -13.32 9.83
N ALA H 190 -40.29 -14.10 10.77
CA ALA H 190 -39.49 -14.83 11.75
C ALA H 190 -38.63 -15.95 11.13
N ILE H 191 -39.05 -16.54 10.01
CA ILE H 191 -38.30 -17.61 9.35
C ILE H 191 -38.06 -17.36 7.87
N GLY H 192 -38.54 -16.23 7.33
CA GLY H 192 -38.32 -15.98 5.91
C GLY H 192 -38.96 -17.02 5.01
N GLU H 193 -40.25 -17.27 5.21
CA GLU H 193 -40.98 -18.23 4.41
C GLU H 193 -42.32 -17.64 4.00
N PHE H 194 -42.71 -17.92 2.76
CA PHE H 194 -44.05 -17.59 2.30
C PHE H 194 -44.93 -18.81 2.58
N ILE H 195 -45.96 -18.65 3.40
CA ILE H 195 -46.84 -19.73 3.81
C ILE H 195 -48.17 -19.58 3.10
N LEU H 196 -48.61 -20.65 2.43
CA LEU H 196 -49.89 -20.66 1.74
C LEU H 196 -51.03 -20.57 2.74
N VAL H 197 -51.79 -19.48 2.65
CA VAL H 197 -52.87 -19.21 3.58
C VAL H 197 -54.21 -19.08 2.91
N ASP H 198 -54.27 -18.91 1.58
CA ASP H 198 -55.53 -18.91 0.83
C ASP H 198 -55.31 -19.63 -0.50
N LYS H 199 -55.90 -20.83 -0.65
CA LYS H 199 -55.79 -21.59 -1.88
C LYS H 199 -56.94 -21.25 -2.82
N ASP H 200 -56.61 -21.00 -4.08
CA ASP H 200 -57.56 -20.86 -5.19
C ASP H 200 -58.66 -19.83 -4.88
N VAL H 201 -58.22 -18.60 -4.64
CA VAL H 201 -59.12 -17.54 -4.21
C VAL H 201 -60.02 -17.13 -5.36
N LYS H 202 -61.22 -16.65 -5.02
CA LYS H 202 -62.19 -16.20 -6.00
C LYS H 202 -62.82 -14.91 -5.54
N ILE H 203 -62.87 -13.93 -6.43
CA ILE H 203 -63.42 -12.62 -6.12
C ILE H 203 -64.93 -12.71 -6.06
N LYS H 204 -65.53 -11.88 -5.20
CA LYS H 204 -66.98 -11.74 -5.10
C LYS H 204 -67.62 -11.38 -6.45
N LYS H 205 -68.83 -11.89 -6.66
CA LYS H 205 -69.56 -11.60 -7.89
C LYS H 205 -69.89 -10.12 -8.00
N LYS H 206 -70.13 -9.44 -6.89
CA LYS H 206 -70.37 -8.00 -6.89
C LYS H 206 -69.90 -7.48 -5.54
N GLY H 207 -69.33 -6.27 -5.52
CA GLY H 207 -68.79 -5.71 -4.32
C GLY H 207 -69.55 -4.47 -3.86
N LYS H 208 -68.97 -3.79 -2.86
CA LYS H 208 -69.57 -2.60 -2.24
C LYS H 208 -68.60 -1.44 -2.15
N ILE H 209 -67.49 -1.46 -2.87
CA ILE H 209 -66.45 -0.44 -2.82
C ILE H 209 -66.02 -0.11 -4.24
N TYR H 210 -65.85 1.17 -4.53
CA TYR H 210 -65.24 1.63 -5.76
C TYR H 210 -63.96 2.41 -5.44
N SER H 211 -62.99 2.34 -6.36
CA SER H 211 -61.65 2.88 -6.08
C SER H 211 -61.15 3.68 -7.27
N LEU H 212 -61.00 4.99 -7.08
CA LEU H 212 -60.38 5.86 -8.09
C LEU H 212 -60.09 7.23 -7.48
N ASN H 213 -59.15 7.96 -8.10
CA ASN H 213 -58.81 9.31 -7.69
C ASN H 213 -59.90 10.28 -8.14
N GLU H 214 -60.87 10.55 -7.27
CA GLU H 214 -61.91 11.52 -7.60
C GLU H 214 -61.44 12.98 -7.58
N GLY H 215 -60.20 13.26 -7.19
CA GLY H 215 -59.75 14.63 -7.21
C GLY H 215 -59.69 15.23 -8.61
N TYR H 216 -59.50 14.40 -9.63
CA TYR H 216 -59.43 14.90 -10.98
C TYR H 216 -60.77 14.82 -11.71
N ALA H 217 -61.87 14.87 -10.95
CA ALA H 217 -63.21 14.71 -11.49
C ALA H 217 -63.48 15.69 -12.62
N LYS H 218 -62.84 16.85 -12.58
CA LYS H 218 -62.95 17.81 -13.66
C LYS H 218 -62.52 17.20 -14.98
N ASP H 219 -61.63 16.20 -14.94
CA ASP H 219 -61.15 15.57 -16.16
C ASP H 219 -61.82 14.23 -16.46
N PHE H 220 -62.76 13.77 -15.65
CA PHE H 220 -63.35 12.47 -15.88
C PHE H 220 -64.05 12.42 -17.22
N ASP H 221 -63.88 11.30 -17.92
CA ASP H 221 -64.72 10.95 -19.05
C ASP H 221 -66.20 10.95 -18.64
N PRO H 222 -67.11 11.34 -19.53
CA PRO H 222 -68.54 11.37 -19.14
C PRO H 222 -69.07 10.05 -18.64
N ALA H 223 -68.62 8.94 -19.22
CA ALA H 223 -69.06 7.63 -18.74
C ALA H 223 -68.61 7.39 -17.32
N VAL H 224 -67.38 7.77 -17.00
CA VAL H 224 -66.85 7.56 -15.67
C VAL H 224 -67.64 8.38 -14.64
N THR H 225 -67.96 9.63 -14.99
CA THR H 225 -68.73 10.49 -14.10
C THR H 225 -70.08 9.88 -13.75
N GLU H 226 -70.78 9.34 -14.75
CA GLU H 226 -72.12 8.84 -14.49
C GLU H 226 -72.09 7.57 -13.65
N TYR H 227 -71.19 6.63 -13.97
CA TYR H 227 -71.12 5.40 -13.20
C TYR H 227 -70.81 5.70 -11.72
N ILE H 228 -69.94 6.68 -11.47
CA ILE H 228 -69.61 7.05 -10.10
C ILE H 228 -70.80 7.72 -9.41
N GLN H 229 -71.55 8.56 -10.13
CA GLN H 229 -72.77 9.11 -9.57
C GLN H 229 -73.76 8.03 -9.14
N ARG H 230 -73.91 6.95 -9.95
CA ARG H 230 -74.82 5.86 -9.61
C ARG H 230 -74.36 5.05 -8.38
N LYS H 231 -73.05 5.05 -8.09
CA LYS H 231 -72.56 4.34 -6.93
C LYS H 231 -72.81 5.16 -5.67
N LYS H 232 -72.65 6.49 -5.78
CA LYS H 232 -72.94 7.39 -4.68
C LYS H 232 -74.44 7.61 -4.52
N PHE H 233 -75.18 7.64 -5.63
CA PHE H 233 -76.61 7.90 -5.62
C PHE H 233 -77.31 6.80 -6.39
N PRO H 234 -77.43 5.60 -5.81
CA PRO H 234 -78.07 4.50 -6.54
C PRO H 234 -79.50 4.87 -6.87
N PRO H 235 -79.90 4.75 -8.13
CA PRO H 235 -81.28 5.11 -8.47
C PRO H 235 -82.31 4.22 -7.79
N ASP H 236 -81.94 2.99 -7.49
CA ASP H 236 -82.91 2.03 -6.96
C ASP H 236 -82.99 1.99 -5.43
N ASN H 237 -83.21 0.77 -4.96
CA ASN H 237 -83.23 0.43 -3.56
C ASN H 237 -81.95 0.87 -2.86
N SER H 238 -80.86 0.23 -3.26
CA SER H 238 -79.73 -0.08 -2.41
C SER H 238 -78.99 1.16 -1.87
N ALA H 239 -78.10 0.87 -0.92
CA ALA H 239 -77.22 1.78 -0.19
C ALA H 239 -76.01 2.13 -1.05
N PRO H 240 -75.52 3.36 -0.97
CA PRO H 240 -74.36 3.74 -1.79
C PRO H 240 -73.14 2.92 -1.44
N TYR H 241 -72.22 2.81 -2.41
CA TYR H 241 -70.95 2.13 -2.18
C TYR H 241 -70.07 2.92 -1.22
N GLY H 242 -69.19 2.22 -0.53
CA GLY H 242 -68.13 2.88 0.17
C GLY H 242 -66.99 3.21 -0.81
N ALA H 243 -66.27 4.28 -0.51
CA ALA H 243 -65.14 4.70 -1.31
C ALA H 243 -63.84 4.39 -0.54
N ARG H 244 -62.84 3.93 -1.30
CA ARG H 244 -61.46 3.76 -0.85
C ARG H 244 -60.54 4.08 -2.02
N TYR H 245 -59.49 4.86 -1.77
CA TYR H 245 -58.44 5.04 -2.78
C TYR H 245 -57.12 5.28 -2.06
N VAL H 246 -56.31 4.21 -1.96
CA VAL H 246 -55.02 4.30 -1.26
C VAL H 246 -54.02 5.11 -2.09
N GLY H 247 -54.08 4.99 -3.41
CA GLY H 247 -53.08 5.64 -4.23
C GLY H 247 -51.86 4.78 -4.48
N SER H 248 -51.83 3.56 -3.97
CA SER H 248 -50.83 2.56 -4.33
C SER H 248 -51.55 1.42 -5.00
N MET H 249 -51.22 1.16 -6.26
CA MET H 249 -52.05 0.29 -7.06
C MET H 249 -52.15 -1.11 -6.47
N VAL H 250 -51.04 -1.65 -5.94
CA VAL H 250 -51.05 -3.02 -5.41
C VAL H 250 -52.00 -3.14 -4.23
N ALA H 251 -52.00 -2.13 -3.35
CA ALA H 251 -52.89 -2.18 -2.19
C ALA H 251 -54.35 -2.05 -2.61
N ASP H 252 -54.65 -1.16 -3.56
CA ASP H 252 -56.04 -1.03 -4.01
C ASP H 252 -56.52 -2.28 -4.73
N VAL H 253 -55.68 -2.86 -5.61
CA VAL H 253 -56.08 -4.07 -6.34
C VAL H 253 -56.19 -5.28 -5.40
N HIS H 254 -55.27 -5.42 -4.46
CA HIS H 254 -55.41 -6.55 -3.54
C HIS H 254 -56.68 -6.42 -2.73
N ARG H 255 -57.00 -5.21 -2.25
CA ARG H 255 -58.28 -5.02 -1.57
C ARG H 255 -59.46 -5.38 -2.47
N THR H 256 -59.43 -4.96 -3.74
CA THR H 256 -60.50 -5.37 -4.63
C THR H 256 -60.61 -6.89 -4.71
N LEU H 257 -59.48 -7.58 -4.80
CA LEU H 257 -59.53 -9.04 -4.81
C LEU H 257 -60.18 -9.57 -3.53
N VAL H 258 -59.75 -9.05 -2.37
CA VAL H 258 -60.13 -9.59 -1.07
C VAL H 258 -61.57 -9.24 -0.71
N TYR H 259 -62.00 -8.00 -0.99
CA TYR H 259 -63.31 -7.54 -0.55
C TYR H 259 -64.34 -7.45 -1.69
N GLY H 260 -63.92 -7.58 -2.95
CA GLY H 260 -64.82 -7.32 -4.05
C GLY H 260 -64.89 -5.84 -4.35
N GLY H 261 -65.61 -5.52 -5.40
CA GLY H 261 -65.72 -4.13 -5.79
C GLY H 261 -65.07 -3.88 -7.13
N ILE H 262 -64.71 -2.61 -7.34
CA ILE H 262 -64.19 -2.17 -8.61
C ILE H 262 -63.07 -1.16 -8.37
N PHE H 263 -62.03 -1.23 -9.18
CA PHE H 263 -60.95 -0.26 -9.18
C PHE H 263 -60.79 0.34 -10.58
N LEU H 264 -60.67 1.65 -10.63
CA LEU H 264 -60.66 2.36 -11.89
C LEU H 264 -59.45 3.30 -11.92
N TYR H 265 -58.68 3.22 -13.00
CA TYR H 265 -57.77 4.29 -13.41
C TYR H 265 -58.10 4.51 -14.88
N PRO H 266 -59.20 5.22 -15.16
CA PRO H 266 -59.73 5.27 -16.54
C PRO H 266 -59.06 6.31 -17.43
N ALA H 267 -59.38 6.20 -18.72
CA ALA H 267 -58.90 7.16 -19.69
C ALA H 267 -59.78 8.40 -19.70
N ASN H 268 -59.14 9.55 -19.85
CA ASN H 268 -59.84 10.80 -20.06
C ASN H 268 -59.17 11.51 -21.23
N LYS H 269 -59.44 12.81 -21.40
CA LYS H 269 -58.79 13.55 -22.48
C LYS H 269 -57.38 13.98 -22.11
N LYS H 270 -57.12 14.31 -20.83
CA LYS H 270 -55.75 14.65 -20.44
C LYS H 270 -54.83 13.43 -20.51
N SER H 271 -55.37 12.21 -20.37
CA SER H 271 -54.60 10.97 -20.47
C SER H 271 -55.39 9.94 -21.27
N PRO H 272 -55.40 10.09 -22.60
CA PRO H 272 -56.29 9.26 -23.44
C PRO H 272 -56.02 7.75 -23.42
N ASN H 273 -54.83 7.30 -23.04
CA ASN H 273 -54.59 5.87 -22.83
C ASN H 273 -54.35 5.55 -21.37
N GLY H 274 -54.77 6.43 -20.47
CA GLY H 274 -54.55 6.21 -19.07
C GLY H 274 -53.14 6.59 -18.66
N LYS H 275 -52.79 6.18 -17.44
CA LYS H 275 -51.46 6.44 -16.90
C LYS H 275 -50.71 5.19 -16.46
N LEU H 276 -51.41 4.14 -16.04
CA LEU H 276 -50.77 2.90 -15.67
C LEU H 276 -50.22 2.18 -16.90
N ARG H 277 -49.09 1.50 -16.72
CA ARG H 277 -48.34 0.86 -17.81
C ARG H 277 -48.85 -0.57 -18.04
N LEU H 278 -48.94 -0.95 -19.32
CA LEU H 278 -49.59 -2.22 -19.70
C LEU H 278 -48.78 -3.46 -19.29
N LEU H 279 -47.47 -3.49 -19.56
CA LEU H 279 -46.72 -4.74 -19.43
C LEU H 279 -46.55 -5.17 -17.97
N TYR H 280 -46.17 -4.25 -17.08
CA TYR H 280 -45.82 -4.62 -15.72
C TYR H 280 -46.73 -3.99 -14.67
N GLU H 281 -47.84 -3.38 -15.06
CA GLU H 281 -48.86 -2.98 -14.08
C GLU H 281 -50.23 -3.55 -14.43
N CYS H 282 -50.75 -3.30 -15.64
CA CYS H 282 -52.11 -3.69 -15.98
C CYS H 282 -52.23 -5.18 -16.24
N ASN H 283 -51.37 -5.75 -17.10
CA ASN H 283 -51.50 -7.17 -17.43
C ASN H 283 -51.41 -8.09 -16.22
N PRO H 284 -50.36 -8.05 -15.39
CA PRO H 284 -50.31 -9.02 -14.28
C PRO H 284 -51.54 -8.94 -13.39
N MET H 285 -52.05 -7.74 -13.13
CA MET H 285 -53.25 -7.65 -12.31
C MET H 285 -54.46 -8.17 -13.06
N ALA H 286 -54.56 -7.84 -14.36
CA ALA H 286 -55.64 -8.40 -15.17
C ALA H 286 -55.58 -9.92 -15.18
N TYR H 287 -54.38 -10.49 -15.27
CA TYR H 287 -54.23 -11.94 -15.22
C TYR H 287 -54.68 -12.49 -13.87
N VAL H 288 -54.24 -11.86 -12.78
CA VAL H 288 -54.68 -12.27 -11.44
C VAL H 288 -56.21 -12.14 -11.33
N MET H 289 -56.75 -11.00 -11.74
CA MET H 289 -58.20 -10.81 -11.70
C MET H 289 -58.94 -11.86 -12.51
N GLU H 290 -58.51 -12.09 -13.76
CA GLU H 290 -59.21 -13.08 -14.58
C GLU H 290 -59.07 -14.49 -14.00
N LYS H 291 -57.89 -14.85 -13.46
CA LYS H 291 -57.77 -16.16 -12.84
C LYS H 291 -58.62 -16.33 -11.56
N ALA H 292 -58.96 -15.25 -10.86
CA ALA H 292 -59.79 -15.34 -9.66
C ALA H 292 -61.28 -15.13 -9.94
N GLY H 293 -61.66 -15.00 -11.22
CA GLY H 293 -63.04 -14.82 -11.62
C GLY H 293 -63.51 -13.40 -11.81
N GLY H 294 -62.59 -12.43 -11.89
CA GLY H 294 -62.95 -11.05 -12.15
C GLY H 294 -62.73 -10.69 -13.59
N MET H 295 -62.86 -9.42 -13.88
CA MET H 295 -62.68 -8.90 -15.23
C MET H 295 -61.72 -7.73 -15.17
N ALA H 296 -61.19 -7.39 -16.33
CA ALA H 296 -60.33 -6.22 -16.45
C ALA H 296 -60.45 -5.75 -17.89
N THR H 297 -60.82 -4.50 -18.06
CA THR H 297 -61.14 -3.92 -19.36
C THR H 297 -60.50 -2.55 -19.48
N THR H 298 -60.23 -2.15 -20.70
CA THR H 298 -59.89 -0.77 -20.98
C THR H 298 -61.12 0.07 -21.28
N GLY H 299 -62.28 -0.57 -21.39
CA GLY H 299 -63.45 0.09 -21.92
C GLY H 299 -63.67 -0.34 -23.35
N LYS H 300 -62.60 -0.36 -24.14
CA LYS H 300 -62.68 -0.79 -25.53
C LYS H 300 -62.52 -2.31 -25.66
N GLU H 301 -61.74 -2.94 -24.80
CA GLU H 301 -61.43 -4.36 -24.89
C GLU H 301 -60.93 -4.85 -23.54
N ALA H 302 -60.79 -6.17 -23.41
CA ALA H 302 -60.16 -6.76 -22.25
C ALA H 302 -58.70 -6.31 -22.16
N VAL H 303 -58.23 -6.05 -20.94
CA VAL H 303 -56.83 -5.67 -20.77
C VAL H 303 -55.92 -6.75 -21.34
N LEU H 304 -56.23 -8.03 -21.07
CA LEU H 304 -55.40 -9.12 -21.51
C LEU H 304 -55.40 -9.33 -23.02
N ASP H 305 -56.28 -8.67 -23.77
CA ASP H 305 -56.25 -8.80 -25.22
C ASP H 305 -55.44 -7.70 -25.90
N VAL H 306 -55.09 -6.64 -25.18
CA VAL H 306 -54.29 -5.59 -25.79
C VAL H 306 -52.96 -6.17 -26.26
N ILE H 307 -52.61 -5.89 -27.50
CA ILE H 307 -51.32 -6.28 -28.08
C ILE H 307 -50.40 -5.08 -27.93
N PRO H 308 -49.34 -5.15 -27.13
CA PRO H 308 -48.50 -3.96 -26.92
C PRO H 308 -47.59 -3.67 -28.10
N THR H 309 -47.32 -2.38 -28.30
CA THR H 309 -46.36 -1.91 -29.28
C THR H 309 -45.17 -1.21 -28.63
N ASP H 310 -45.17 -1.06 -27.32
CA ASP H 310 -44.11 -0.40 -26.58
C ASP H 310 -44.04 -1.01 -25.19
N ILE H 311 -42.83 -1.28 -24.71
CA ILE H 311 -42.70 -1.95 -23.44
C ILE H 311 -43.19 -1.07 -22.29
N HIS H 312 -43.25 0.25 -22.48
CA HIS H 312 -43.72 1.16 -21.45
C HIS H 312 -45.07 1.79 -21.79
N GLN H 313 -45.82 1.20 -22.70
CA GLN H 313 -47.08 1.83 -23.06
C GLN H 313 -48.09 1.77 -21.92
N ARG H 314 -49.02 2.71 -21.92
CA ARG H 314 -50.02 2.84 -20.87
C ARG H 314 -51.34 2.24 -21.34
N ALA H 315 -52.22 1.98 -20.37
CA ALA H 315 -53.51 1.44 -20.70
C ALA H 315 -54.52 1.96 -19.69
N PRO H 316 -55.75 2.26 -20.11
CA PRO H 316 -56.80 2.48 -19.13
C PRO H 316 -57.17 1.14 -18.55
N VAL H 317 -57.66 1.16 -17.30
CA VAL H 317 -57.94 -0.11 -16.65
C VAL H 317 -59.08 0.06 -15.67
N ILE H 318 -60.07 -0.82 -15.79
CA ILE H 318 -61.13 -0.98 -14.81
C ILE H 318 -61.21 -2.47 -14.52
N LEU H 319 -61.03 -2.85 -13.26
CA LEU H 319 -61.00 -4.27 -12.93
C LEU H 319 -61.71 -4.49 -11.61
N GLY H 320 -62.10 -5.74 -11.38
CA GLY H 320 -62.74 -6.10 -10.13
C GLY H 320 -63.82 -7.15 -10.26
N SER H 321 -64.82 -7.08 -9.39
CA SER H 321 -65.94 -8.02 -9.44
C SER H 321 -66.66 -7.91 -10.78
N PRO H 322 -67.03 -9.04 -11.38
CA PRO H 322 -67.60 -9.00 -12.74
C PRO H 322 -68.90 -8.21 -12.84
N ASP H 323 -69.78 -8.26 -11.85
CA ASP H 323 -71.03 -7.51 -11.98
C ASP H 323 -70.76 -6.01 -12.06
N ASP H 324 -69.78 -5.53 -11.29
CA ASP H 324 -69.45 -4.11 -11.27
C ASP H 324 -68.72 -3.69 -12.53
N VAL H 325 -67.81 -4.54 -13.02
CA VAL H 325 -67.12 -4.24 -14.26
C VAL H 325 -68.11 -4.26 -15.41
N LEU H 326 -69.11 -5.14 -15.35
CA LEU H 326 -70.15 -5.17 -16.37
C LEU H 326 -71.09 -3.98 -16.27
N GLU H 327 -71.49 -3.59 -15.05
CA GLU H 327 -72.28 -2.37 -14.91
C GLU H 327 -71.53 -1.17 -15.45
N PHE H 328 -70.23 -1.06 -15.16
CA PHE H 328 -69.45 0.03 -15.73
C PHE H 328 -69.48 -0.02 -17.24
N LEU H 329 -69.33 -1.23 -17.82
CA LEU H 329 -69.35 -1.34 -19.27
C LEU H 329 -70.72 -0.97 -19.82
N LYS H 330 -71.79 -1.28 -19.09
CA LYS H 330 -73.11 -0.85 -19.53
C LYS H 330 -73.21 0.66 -19.64
N VAL H 331 -72.71 1.37 -18.62
CA VAL H 331 -72.73 2.84 -18.64
C VAL H 331 -71.82 3.38 -19.73
N TYR H 332 -70.63 2.80 -19.86
CA TYR H 332 -69.70 3.24 -20.88
C TYR H 332 -70.28 3.07 -22.28
N GLU H 333 -70.94 1.95 -22.53
CA GLU H 333 -71.64 1.78 -23.81
C GLU H 333 -72.67 2.89 -24.03
N LYS H 334 -73.33 3.35 -22.96
CA LYS H 334 -74.34 4.39 -23.11
C LYS H 334 -73.76 5.68 -23.68
N HIS H 335 -72.53 6.03 -23.28
CA HIS H 335 -71.87 7.24 -23.77
C HIS H 335 -70.97 6.98 -24.99
N SER H 336 -71.16 5.87 -25.67
CA SER H 336 -70.17 5.43 -26.65
C SER H 336 -70.51 5.83 -28.10
#